data_5NF7
# 
_entry.id   5NF7 
# 
_audit_conform.dict_name       mmcif_pdbx.dic 
_audit_conform.dict_version    5.383 
_audit_conform.dict_location   http://mmcif.pdb.org/dictionaries/ascii/mmcif_pdbx.dic 
# 
loop_
_database_2.database_id 
_database_2.database_code 
_database_2.pdbx_database_accession 
_database_2.pdbx_DOI 
PDB   5NF7         pdb_00005nf7 10.2210/pdb5nf7/pdb 
WWPDB D_1200004002 ?            ?                   
# 
loop_
_pdbx_audit_revision_history.ordinal 
_pdbx_audit_revision_history.data_content_type 
_pdbx_audit_revision_history.major_revision 
_pdbx_audit_revision_history.minor_revision 
_pdbx_audit_revision_history.revision_date 
1 'Structure model' 1 0 2017-06-21 
2 'Structure model' 2 0 2020-07-29 
3 'Structure model' 2 1 2024-01-17 
# 
loop_
_pdbx_audit_revision_details.ordinal 
_pdbx_audit_revision_details.revision_ordinal 
_pdbx_audit_revision_details.data_content_type 
_pdbx_audit_revision_details.provider 
_pdbx_audit_revision_details.type 
_pdbx_audit_revision_details.description 
_pdbx_audit_revision_details.details 
1 1 'Structure model' repository 'Initial release' ?                          ? 
2 2 'Structure model' repository Remediation       'Carbohydrate remediation' ? 
# 
loop_
_pdbx_audit_revision_group.ordinal 
_pdbx_audit_revision_group.revision_ordinal 
_pdbx_audit_revision_group.data_content_type 
_pdbx_audit_revision_group.group 
1 2 'Structure model' 'Atomic model'            
2 2 'Structure model' 'Data collection'         
3 2 'Structure model' 'Derived calculations'    
4 2 'Structure model' 'Non-polymer description' 
5 2 'Structure model' 'Structure summary'       
6 3 'Structure model' 'Data collection'         
7 3 'Structure model' 'Database references'     
8 3 'Structure model' 'Refinement description'  
9 3 'Structure model' 'Structure summary'       
# 
loop_
_pdbx_audit_revision_category.ordinal 
_pdbx_audit_revision_category.revision_ordinal 
_pdbx_audit_revision_category.data_content_type 
_pdbx_audit_revision_category.category 
1  2 'Structure model' atom_site                     
2  2 'Structure model' chem_comp                     
3  2 'Structure model' entity                        
4  2 'Structure model' pdbx_branch_scheme            
5  2 'Structure model' pdbx_chem_comp_identifier     
6  2 'Structure model' pdbx_entity_branch            
7  2 'Structure model' pdbx_entity_branch_descriptor 
8  2 'Structure model' pdbx_entity_branch_link       
9  2 'Structure model' pdbx_entity_branch_list       
10 2 'Structure model' pdbx_entity_nonpoly           
11 2 'Structure model' pdbx_nonpoly_scheme           
12 2 'Structure model' struct_conn                   
13 2 'Structure model' struct_site                   
14 2 'Structure model' struct_site_gen               
15 3 'Structure model' chem_comp                     
16 3 'Structure model' chem_comp_atom                
17 3 'Structure model' chem_comp_bond                
18 3 'Structure model' database_2                    
19 3 'Structure model' pdbx_initial_refinement_model 
# 
loop_
_pdbx_audit_revision_item.ordinal 
_pdbx_audit_revision_item.revision_ordinal 
_pdbx_audit_revision_item.data_content_type 
_pdbx_audit_revision_item.item 
1  2 'Structure model' '_atom_site.B_iso_or_equiv'           
2  2 'Structure model' '_atom_site.Cartn_x'                  
3  2 'Structure model' '_atom_site.Cartn_y'                  
4  2 'Structure model' '_atom_site.Cartn_z'                  
5  2 'Structure model' '_atom_site.auth_asym_id'             
6  2 'Structure model' '_atom_site.auth_atom_id'             
7  2 'Structure model' '_atom_site.auth_comp_id'             
8  2 'Structure model' '_atom_site.auth_seq_id'              
9  2 'Structure model' '_atom_site.label_atom_id'            
10 2 'Structure model' '_atom_site.label_comp_id'            
11 2 'Structure model' '_atom_site.type_symbol'              
12 2 'Structure model' '_chem_comp.formula'                  
13 2 'Structure model' '_chem_comp.formula_weight'           
14 2 'Structure model' '_chem_comp.id'                       
15 2 'Structure model' '_chem_comp.mon_nstd_flag'            
16 2 'Structure model' '_chem_comp.name'                     
17 2 'Structure model' '_chem_comp.type'                     
18 2 'Structure model' '_entity.formula_weight'              
19 2 'Structure model' '_entity.pdbx_description'            
20 2 'Structure model' '_entity.src_method'                  
21 2 'Structure model' '_entity.type'                        
22 3 'Structure model' '_chem_comp.pdbx_synonyms'            
23 3 'Structure model' '_database_2.pdbx_DOI'                
24 3 'Structure model' '_database_2.pdbx_database_accession' 
# 
_pdbx_database_status.status_code                     REL 
_pdbx_database_status.status_code_sf                  REL 
_pdbx_database_status.status_code_mr                  ? 
_pdbx_database_status.entry_id                        5NF7 
_pdbx_database_status.recvd_initial_deposition_date   2017-03-13 
_pdbx_database_status.SG_entry                        N 
_pdbx_database_status.deposit_site                    PDBE 
_pdbx_database_status.process_site                    PDBE 
_pdbx_database_status.status_code_cs                  ? 
_pdbx_database_status.methods_development_category    ? 
_pdbx_database_status.pdb_format_compatible           Y 
_pdbx_database_status.status_code_nmr_data            ? 
# 
loop_
_audit_author.name 
_audit_author.pdbx_ordinal 
_audit_author.identifier_ORCID 
'Ronin, C.'      1 ? 
'Atmanene, C.'   2 ? 
'Gautier, F.M.'  3 ? 
'Pilard, F.D.'   4 ? 
'Teletchea, S.'  5 ? 
'Ciesielski, F.' 6 ? 
'Hannah, V.V.'   7 ? 
'Grandjean, C.'  8 ? 
# 
_citation.abstract                  ? 
_citation.abstract_id_CAS           ? 
_citation.book_id_ISBN              ? 
_citation.book_publisher            ? 
_citation.book_publisher_city       ? 
_citation.book_title                ? 
_citation.coordinate_linkage        ? 
_citation.country                   US 
_citation.database_id_Medline       ? 
_citation.details                   ? 
_citation.id                        primary 
_citation.journal_abbrev            'Biochem. Biophys. Res. Commun.' 
_citation.journal_id_ASTM           BBRCA9 
_citation.journal_id_CSD            0146 
_citation.journal_id_ISSN           1090-2104 
_citation.journal_full              ? 
_citation.journal_issue             ? 
_citation.journal_volume            489 
_citation.language                  ? 
_citation.page_first                281 
_citation.page_last                 286 
_citation.title                     
'Biophysical and structural characterization of mono/di-arylated lactosamine derivatives interaction with human galectin-3.' 
_citation.year                      2017 
_citation.database_id_CSD           ? 
_citation.pdbx_database_id_DOI      10.1016/j.bbrc.2017.05.150 
_citation.pdbx_database_id_PubMed   28554839 
_citation.unpublished_flag          ? 
# 
loop_
_citation_author.citation_id 
_citation_author.name 
_citation_author.ordinal 
_citation_author.identifier_ORCID 
primary 'Atmanene, C.'        1 ? 
primary 'Ronin, C.'           2 ? 
primary 'Teletchea, S.'       3 ? 
primary 'Gautier, F.M.'       4 ? 
primary 'Djedaini-Pilard, F.' 5 ? 
primary 'Ciesielski, F.'      6 ? 
primary 'Vivat, V.'           7 ? 
primary 'Grandjean, C.'       8 ? 
# 
loop_
_entity.id 
_entity.type 
_entity.src_method 
_entity.pdbx_description 
_entity.formula_weight 
_entity.pdbx_number_of_molecules 
_entity.pdbx_ec 
_entity.pdbx_mutation 
_entity.pdbx_fragment 
_entity.details 
1 polymer  man Galectin-3                                                                                 19935.432 1   ? ? ? ? 
2 branched man 'beta-D-galactopyranose-(1-4)-N-acetyl-2-(acetylamino)-2-deoxy-beta-D-glucopyranosylamine' 424.401   1   ? ? ? ? 
3 water    nat water                                                                                      18.015    158 ? ? ? ? 
# 
_entity_name_com.entity_id   1 
_entity_name_com.name        
;Gal-3,35 kDa lectin,Carbohydrate-binding protein 35,CBP 35,Galactose-specific lectin 3,Galactoside-binding protein,GALBP,IgE-binding protein,L-31,Laminin-binding protein,Lectin L-29,Mac-2 antigen
;
# 
_entity_poly.entity_id                      1 
_entity_poly.type                           'polypeptide(L)' 
_entity_poly.nstd_linkage                   no 
_entity_poly.nstd_monomer                   no 
_entity_poly.pdbx_seq_one_letter_code       
;MGSSHNHNHNHNHNHNDYDIPTTENLYFQGSPYGAPAGPLIVPYNLPLPGGVVPRMLITILGTVKPNANRIALDFQRGND
VAFHFNPRFNENNRRVIVCNTKLDNNWGREERQSVFPFESGKPFKIQVLVEPDHFKVAVNDAHLLQYNHRVKKLNEISKL
GISGDIDLTSASYTMI
;
_entity_poly.pdbx_seq_one_letter_code_can   
;MGSSHNHNHNHNHNHNDYDIPTTENLYFQGSPYGAPAGPLIVPYNLPLPGGVVPRMLITILGTVKPNANRIALDFQRGND
VAFHFNPRFNENNRRVIVCNTKLDNNWGREERQSVFPFESGKPFKIQVLVEPDHFKVAVNDAHLLQYNHRVKKLNEISKL
GISGDIDLTSASYTMI
;
_entity_poly.pdbx_strand_id                 A 
_entity_poly.pdbx_target_identifier         ? 
# 
_pdbx_entity_nonpoly.entity_id   3 
_pdbx_entity_nonpoly.name        water 
_pdbx_entity_nonpoly.comp_id     HOH 
# 
loop_
_entity_poly_seq.entity_id 
_entity_poly_seq.num 
_entity_poly_seq.mon_id 
_entity_poly_seq.hetero 
1 1   MET n 
1 2   GLY n 
1 3   SER n 
1 4   SER n 
1 5   HIS n 
1 6   ASN n 
1 7   HIS n 
1 8   ASN n 
1 9   HIS n 
1 10  ASN n 
1 11  HIS n 
1 12  ASN n 
1 13  HIS n 
1 14  ASN n 
1 15  HIS n 
1 16  ASN n 
1 17  ASP n 
1 18  TYR n 
1 19  ASP n 
1 20  ILE n 
1 21  PRO n 
1 22  THR n 
1 23  THR n 
1 24  GLU n 
1 25  ASN n 
1 26  LEU n 
1 27  TYR n 
1 28  PHE n 
1 29  GLN n 
1 30  GLY n 
1 31  SER n 
1 32  PRO n 
1 33  TYR n 
1 34  GLY n 
1 35  ALA n 
1 36  PRO n 
1 37  ALA n 
1 38  GLY n 
1 39  PRO n 
1 40  LEU n 
1 41  ILE n 
1 42  VAL n 
1 43  PRO n 
1 44  TYR n 
1 45  ASN n 
1 46  LEU n 
1 47  PRO n 
1 48  LEU n 
1 49  PRO n 
1 50  GLY n 
1 51  GLY n 
1 52  VAL n 
1 53  VAL n 
1 54  PRO n 
1 55  ARG n 
1 56  MET n 
1 57  LEU n 
1 58  ILE n 
1 59  THR n 
1 60  ILE n 
1 61  LEU n 
1 62  GLY n 
1 63  THR n 
1 64  VAL n 
1 65  LYS n 
1 66  PRO n 
1 67  ASN n 
1 68  ALA n 
1 69  ASN n 
1 70  ARG n 
1 71  ILE n 
1 72  ALA n 
1 73  LEU n 
1 74  ASP n 
1 75  PHE n 
1 76  GLN n 
1 77  ARG n 
1 78  GLY n 
1 79  ASN n 
1 80  ASP n 
1 81  VAL n 
1 82  ALA n 
1 83  PHE n 
1 84  HIS n 
1 85  PHE n 
1 86  ASN n 
1 87  PRO n 
1 88  ARG n 
1 89  PHE n 
1 90  ASN n 
1 91  GLU n 
1 92  ASN n 
1 93  ASN n 
1 94  ARG n 
1 95  ARG n 
1 96  VAL n 
1 97  ILE n 
1 98  VAL n 
1 99  CYS n 
1 100 ASN n 
1 101 THR n 
1 102 LYS n 
1 103 LEU n 
1 104 ASP n 
1 105 ASN n 
1 106 ASN n 
1 107 TRP n 
1 108 GLY n 
1 109 ARG n 
1 110 GLU n 
1 111 GLU n 
1 112 ARG n 
1 113 GLN n 
1 114 SER n 
1 115 VAL n 
1 116 PHE n 
1 117 PRO n 
1 118 PHE n 
1 119 GLU n 
1 120 SER n 
1 121 GLY n 
1 122 LYS n 
1 123 PRO n 
1 124 PHE n 
1 125 LYS n 
1 126 ILE n 
1 127 GLN n 
1 128 VAL n 
1 129 LEU n 
1 130 VAL n 
1 131 GLU n 
1 132 PRO n 
1 133 ASP n 
1 134 HIS n 
1 135 PHE n 
1 136 LYS n 
1 137 VAL n 
1 138 ALA n 
1 139 VAL n 
1 140 ASN n 
1 141 ASP n 
1 142 ALA n 
1 143 HIS n 
1 144 LEU n 
1 145 LEU n 
1 146 GLN n 
1 147 TYR n 
1 148 ASN n 
1 149 HIS n 
1 150 ARG n 
1 151 VAL n 
1 152 LYS n 
1 153 LYS n 
1 154 LEU n 
1 155 ASN n 
1 156 GLU n 
1 157 ILE n 
1 158 SER n 
1 159 LYS n 
1 160 LEU n 
1 161 GLY n 
1 162 ILE n 
1 163 SER n 
1 164 GLY n 
1 165 ASP n 
1 166 ILE n 
1 167 ASP n 
1 168 LEU n 
1 169 THR n 
1 170 SER n 
1 171 ALA n 
1 172 SER n 
1 173 TYR n 
1 174 THR n 
1 175 MET n 
1 176 ILE n 
# 
_entity_src_gen.entity_id                          1 
_entity_src_gen.pdbx_src_id                        1 
_entity_src_gen.pdbx_alt_source_flag               sample 
_entity_src_gen.pdbx_seq_type                      'Biological sequence' 
_entity_src_gen.pdbx_beg_seq_num                   1 
_entity_src_gen.pdbx_end_seq_num                   176 
_entity_src_gen.gene_src_common_name               Human 
_entity_src_gen.gene_src_genus                     ? 
_entity_src_gen.pdbx_gene_src_gene                 'LGALS3, MAC2' 
_entity_src_gen.gene_src_species                   ? 
_entity_src_gen.gene_src_strain                    ? 
_entity_src_gen.gene_src_tissue                    ? 
_entity_src_gen.gene_src_tissue_fraction           ? 
_entity_src_gen.gene_src_details                   ? 
_entity_src_gen.pdbx_gene_src_fragment             ? 
_entity_src_gen.pdbx_gene_src_scientific_name      'Homo sapiens' 
_entity_src_gen.pdbx_gene_src_ncbi_taxonomy_id     9606 
_entity_src_gen.pdbx_gene_src_variant              ? 
_entity_src_gen.pdbx_gene_src_cell_line            ? 
_entity_src_gen.pdbx_gene_src_atcc                 ? 
_entity_src_gen.pdbx_gene_src_organ                ? 
_entity_src_gen.pdbx_gene_src_organelle            ? 
_entity_src_gen.pdbx_gene_src_cell                 ? 
_entity_src_gen.pdbx_gene_src_cellular_location    ? 
_entity_src_gen.host_org_common_name               ? 
_entity_src_gen.pdbx_host_org_scientific_name      'Escherichia coli' 
_entity_src_gen.pdbx_host_org_ncbi_taxonomy_id     562 
_entity_src_gen.host_org_genus                     ? 
_entity_src_gen.pdbx_host_org_gene                 ? 
_entity_src_gen.pdbx_host_org_organ                ? 
_entity_src_gen.host_org_species                   ? 
_entity_src_gen.pdbx_host_org_tissue               ? 
_entity_src_gen.pdbx_host_org_tissue_fraction      ? 
_entity_src_gen.pdbx_host_org_strain               ? 
_entity_src_gen.pdbx_host_org_variant              ? 
_entity_src_gen.pdbx_host_org_cell_line            ? 
_entity_src_gen.pdbx_host_org_atcc                 ? 
_entity_src_gen.pdbx_host_org_culture_collection   ? 
_entity_src_gen.pdbx_host_org_cell                 ? 
_entity_src_gen.pdbx_host_org_organelle            ? 
_entity_src_gen.pdbx_host_org_cellular_location    ? 
_entity_src_gen.pdbx_host_org_vector_type          ? 
_entity_src_gen.pdbx_host_org_vector               ? 
_entity_src_gen.host_org_details                   ? 
_entity_src_gen.expression_system_id               ? 
_entity_src_gen.plasmid_name                       ? 
_entity_src_gen.plasmid_details                    ? 
_entity_src_gen.pdbx_description                   ? 
# 
_pdbx_entity_branch.entity_id   2 
_pdbx_entity_branch.type        oligosaccharide 
# 
loop_
_pdbx_entity_branch_descriptor.ordinal 
_pdbx_entity_branch_descriptor.entity_id 
_pdbx_entity_branch_descriptor.descriptor 
_pdbx_entity_branch_descriptor.type 
_pdbx_entity_branch_descriptor.program 
_pdbx_entity_branch_descriptor.program_version 
1 2 'WURCS=2.0/2,2,1/[a2122h-1b_1-5_1*NCC/3=O_2*NCC/3=O][a2112h-1b_1-5]/1-2/a4-b1' WURCS  PDB2Glycan 1.1.0 
2 2 '[][b-D-Glcp1NAc2NAc]{[(4+1)][b-D-Galp]{}}'                                    LINUCS PDB-CARE   ?     
# 
_pdbx_entity_branch_link.link_id                    1 
_pdbx_entity_branch_link.entity_id                  2 
_pdbx_entity_branch_link.entity_branch_list_num_1   2 
_pdbx_entity_branch_link.comp_id_1                  GAL 
_pdbx_entity_branch_link.atom_id_1                  C1 
_pdbx_entity_branch_link.leaving_atom_id_1          O1 
_pdbx_entity_branch_link.entity_branch_list_num_2   1 
_pdbx_entity_branch_link.comp_id_2                  TVD 
_pdbx_entity_branch_link.atom_id_2                  O4 
_pdbx_entity_branch_link.leaving_atom_id_2          HO4 
_pdbx_entity_branch_link.value_order                sing 
_pdbx_entity_branch_link.details                    ? 
# 
loop_
_chem_comp.id 
_chem_comp.type 
_chem_comp.mon_nstd_flag 
_chem_comp.name 
_chem_comp.pdbx_synonyms 
_chem_comp.formula 
_chem_comp.formula_weight 
ALA 'L-peptide linking'          y ALANINE                                                       ? 'C3 H7 N O2'     89.093  
ARG 'L-peptide linking'          y ARGININE                                                      ? 'C6 H15 N4 O2 1' 175.209 
ASN 'L-peptide linking'          y ASPARAGINE                                                    ? 'C4 H8 N2 O3'    132.118 
ASP 'L-peptide linking'          y 'ASPARTIC ACID'                                               ? 'C4 H7 N O4'     133.103 
CYS 'L-peptide linking'          y CYSTEINE                                                      ? 'C3 H7 N O2 S'   121.158 
GAL 'D-saccharide, beta linking' . beta-D-galactopyranose                                        
'beta-D-galactose; D-galactose; galactose' 'C6 H12 O6'      180.156 
GLN 'L-peptide linking'          y GLUTAMINE                                                     ? 'C5 H10 N2 O3'   146.144 
GLU 'L-peptide linking'          y 'GLUTAMIC ACID'                                               ? 'C5 H9 N O4'     147.129 
GLY 'peptide linking'            y GLYCINE                                                       ? 'C2 H5 N O2'     75.067  
HIS 'L-peptide linking'          y HISTIDINE                                                     ? 'C6 H10 N3 O2 1' 156.162 
HOH non-polymer                  . WATER                                                         ? 'H2 O'           18.015  
ILE 'L-peptide linking'          y ISOLEUCINE                                                    ? 'C6 H13 N O2'    131.173 
LEU 'L-peptide linking'          y LEUCINE                                                       ? 'C6 H13 N O2'    131.173 
LYS 'L-peptide linking'          y LYSINE                                                        ? 'C6 H15 N2 O2 1' 147.195 
MET 'L-peptide linking'          y METHIONINE                                                    ? 'C5 H11 N O2 S'  149.211 
PHE 'L-peptide linking'          y PHENYLALANINE                                                 ? 'C9 H11 N O2'    165.189 
PRO 'L-peptide linking'          y PROLINE                                                       ? 'C5 H9 N O2'     115.130 
SER 'L-peptide linking'          y SERINE                                                        ? 'C3 H7 N O3'     105.093 
THR 'L-peptide linking'          y THREONINE                                                     ? 'C4 H9 N O3'     119.119 
TRP 'L-peptide linking'          y TRYPTOPHAN                                                    ? 'C11 H12 N2 O2'  204.225 
TVD D-saccharide                 . 'N-acetyl-2-(acetylamino)-2-deoxy-beta-D-glucopyranosylamine' ? 'C10 H18 N2 O6'  262.260 
TYR 'L-peptide linking'          y TYROSINE                                                      ? 'C9 H11 N O3'    181.189 
VAL 'L-peptide linking'          y VALINE                                                        ? 'C5 H11 N O2'    117.146 
# 
loop_
_pdbx_chem_comp_identifier.comp_id 
_pdbx_chem_comp_identifier.type 
_pdbx_chem_comp_identifier.program 
_pdbx_chem_comp_identifier.program_version 
_pdbx_chem_comp_identifier.identifier 
GAL 'CONDENSED IUPAC CARBOHYDRATE SYMBOL' GMML     1.0 DGalpb              
GAL 'COMMON NAME'                         GMML     1.0 b-D-galactopyranose 
GAL 'IUPAC CARBOHYDRATE SYMBOL'           PDB-CARE 1.0 b-D-Galp            
GAL 'SNFG CARBOHYDRATE SYMBOL'            GMML     1.0 Gal                 
# 
loop_
_pdbx_poly_seq_scheme.asym_id 
_pdbx_poly_seq_scheme.entity_id 
_pdbx_poly_seq_scheme.seq_id 
_pdbx_poly_seq_scheme.mon_id 
_pdbx_poly_seq_scheme.ndb_seq_num 
_pdbx_poly_seq_scheme.pdb_seq_num 
_pdbx_poly_seq_scheme.auth_seq_num 
_pdbx_poly_seq_scheme.pdb_mon_id 
_pdbx_poly_seq_scheme.auth_mon_id 
_pdbx_poly_seq_scheme.pdb_strand_id 
_pdbx_poly_seq_scheme.pdb_ins_code 
_pdbx_poly_seq_scheme.hetero 
A 1 1   MET 1   75  ?   ?   ?   A . n 
A 1 2   GLY 2   76  ?   ?   ?   A . n 
A 1 3   SER 3   77  ?   ?   ?   A . n 
A 1 4   SER 4   78  ?   ?   ?   A . n 
A 1 5   HIS 5   79  ?   ?   ?   A . n 
A 1 6   ASN 6   80  ?   ?   ?   A . n 
A 1 7   HIS 7   81  ?   ?   ?   A . n 
A 1 8   ASN 8   82  ?   ?   ?   A . n 
A 1 9   HIS 9   83  ?   ?   ?   A . n 
A 1 10  ASN 10  84  ?   ?   ?   A . n 
A 1 11  HIS 11  85  ?   ?   ?   A . n 
A 1 12  ASN 12  86  ?   ?   ?   A . n 
A 1 13  HIS 13  87  ?   ?   ?   A . n 
A 1 14  ASN 14  88  ?   ?   ?   A . n 
A 1 15  HIS 15  89  ?   ?   ?   A . n 
A 1 16  ASN 16  90  ?   ?   ?   A . n 
A 1 17  ASP 17  91  ?   ?   ?   A . n 
A 1 18  TYR 18  92  ?   ?   ?   A . n 
A 1 19  ASP 19  93  ?   ?   ?   A . n 
A 1 20  ILE 20  94  ?   ?   ?   A . n 
A 1 21  PRO 21  95  ?   ?   ?   A . n 
A 1 22  THR 22  96  ?   ?   ?   A . n 
A 1 23  THR 23  97  ?   ?   ?   A . n 
A 1 24  GLU 24  98  ?   ?   ?   A . n 
A 1 25  ASN 25  99  ?   ?   ?   A . n 
A 1 26  LEU 26  100 ?   ?   ?   A . n 
A 1 27  TYR 27  101 ?   ?   ?   A . n 
A 1 28  PHE 28  102 ?   ?   ?   A . n 
A 1 29  GLN 29  103 ?   ?   ?   A . n 
A 1 30  GLY 30  104 ?   ?   ?   A . n 
A 1 31  SER 31  105 ?   ?   ?   A . n 
A 1 32  PRO 32  106 ?   ?   ?   A . n 
A 1 33  TYR 33  107 ?   ?   ?   A . n 
A 1 34  GLY 34  108 ?   ?   ?   A . n 
A 1 35  ALA 35  109 ?   ?   ?   A . n 
A 1 36  PRO 36  110 ?   ?   ?   A . n 
A 1 37  ALA 37  111 ?   ?   ?   A . n 
A 1 38  GLY 38  112 ?   ?   ?   A . n 
A 1 39  PRO 39  113 113 PRO PRO A . n 
A 1 40  LEU 40  114 114 LEU LEU A . n 
A 1 41  ILE 41  115 115 ILE ILE A . n 
A 1 42  VAL 42  116 116 VAL VAL A . n 
A 1 43  PRO 43  117 117 PRO PRO A . n 
A 1 44  TYR 44  118 118 TYR TYR A . n 
A 1 45  ASN 45  119 119 ASN ASN A . n 
A 1 46  LEU 46  120 120 LEU LEU A . n 
A 1 47  PRO 47  121 121 PRO PRO A . n 
A 1 48  LEU 48  122 122 LEU LEU A . n 
A 1 49  PRO 49  123 123 PRO PRO A . n 
A 1 50  GLY 50  124 124 GLY GLY A . n 
A 1 51  GLY 51  125 125 GLY GLY A . n 
A 1 52  VAL 52  126 126 VAL VAL A . n 
A 1 53  VAL 53  127 127 VAL VAL A . n 
A 1 54  PRO 54  128 128 PRO PRO A . n 
A 1 55  ARG 55  129 129 ARG ARG A . n 
A 1 56  MET 56  130 130 MET MET A . n 
A 1 57  LEU 57  131 131 LEU LEU A . n 
A 1 58  ILE 58  132 132 ILE ILE A . n 
A 1 59  THR 59  133 133 THR THR A . n 
A 1 60  ILE 60  134 134 ILE ILE A . n 
A 1 61  LEU 61  135 135 LEU LEU A . n 
A 1 62  GLY 62  136 136 GLY GLY A . n 
A 1 63  THR 63  137 137 THR THR A . n 
A 1 64  VAL 64  138 138 VAL VAL A . n 
A 1 65  LYS 65  139 139 LYS LYS A . n 
A 1 66  PRO 66  140 140 PRO PRO A . n 
A 1 67  ASN 67  141 141 ASN ASN A . n 
A 1 68  ALA 68  142 142 ALA ALA A . n 
A 1 69  ASN 69  143 143 ASN ASN A . n 
A 1 70  ARG 70  144 144 ARG ARG A . n 
A 1 71  ILE 71  145 145 ILE ILE A . n 
A 1 72  ALA 72  146 146 ALA ALA A . n 
A 1 73  LEU 73  147 147 LEU LEU A . n 
A 1 74  ASP 74  148 148 ASP ASP A . n 
A 1 75  PHE 75  149 149 PHE PHE A . n 
A 1 76  GLN 76  150 150 GLN GLN A . n 
A 1 77  ARG 77  151 151 ARG ARG A . n 
A 1 78  GLY 78  152 152 GLY GLY A . n 
A 1 79  ASN 79  153 153 ASN ASN A . n 
A 1 80  ASP 80  154 154 ASP ASP A . n 
A 1 81  VAL 81  155 155 VAL VAL A . n 
A 1 82  ALA 82  156 156 ALA ALA A . n 
A 1 83  PHE 83  157 157 PHE PHE A . n 
A 1 84  HIS 84  158 158 HIS HIS A . n 
A 1 85  PHE 85  159 159 PHE PHE A . n 
A 1 86  ASN 86  160 160 ASN ASN A . n 
A 1 87  PRO 87  161 161 PRO PRO A . n 
A 1 88  ARG 88  162 162 ARG ARG A . n 
A 1 89  PHE 89  163 163 PHE PHE A . n 
A 1 90  ASN 90  164 164 ASN ASN A . n 
A 1 91  GLU 91  165 165 GLU GLU A . n 
A 1 92  ASN 92  166 166 ASN ASN A . n 
A 1 93  ASN 93  167 167 ASN ASN A . n 
A 1 94  ARG 94  168 168 ARG ARG A . n 
A 1 95  ARG 95  169 169 ARG ARG A . n 
A 1 96  VAL 96  170 170 VAL VAL A . n 
A 1 97  ILE 97  171 171 ILE ILE A . n 
A 1 98  VAL 98  172 172 VAL VAL A . n 
A 1 99  CYS 99  173 173 CYS CYS A . n 
A 1 100 ASN 100 174 174 ASN ASN A . n 
A 1 101 THR 101 175 175 THR THR A . n 
A 1 102 LYS 102 176 176 LYS LYS A . n 
A 1 103 LEU 103 177 177 LEU LEU A . n 
A 1 104 ASP 104 178 178 ASP ASP A . n 
A 1 105 ASN 105 179 179 ASN ASN A . n 
A 1 106 ASN 106 180 180 ASN ASN A . n 
A 1 107 TRP 107 181 181 TRP TRP A . n 
A 1 108 GLY 108 182 182 GLY GLY A . n 
A 1 109 ARG 109 183 183 ARG ARG A . n 
A 1 110 GLU 110 184 184 GLU GLU A . n 
A 1 111 GLU 111 185 185 GLU GLU A . n 
A 1 112 ARG 112 186 186 ARG ARG A . n 
A 1 113 GLN 113 187 187 GLN GLN A . n 
A 1 114 SER 114 188 188 SER SER A . n 
A 1 115 VAL 115 189 189 VAL VAL A . n 
A 1 116 PHE 116 190 190 PHE PHE A . n 
A 1 117 PRO 117 191 191 PRO PRO A . n 
A 1 118 PHE 118 192 192 PHE PHE A . n 
A 1 119 GLU 119 193 193 GLU GLU A . n 
A 1 120 SER 120 194 194 SER SER A . n 
A 1 121 GLY 121 195 195 GLY GLY A . n 
A 1 122 LYS 122 196 196 LYS LYS A . n 
A 1 123 PRO 123 197 197 PRO PRO A . n 
A 1 124 PHE 124 198 198 PHE PHE A . n 
A 1 125 LYS 125 199 199 LYS LYS A . n 
A 1 126 ILE 126 200 200 ILE ILE A . n 
A 1 127 GLN 127 201 201 GLN GLN A . n 
A 1 128 VAL 128 202 202 VAL VAL A . n 
A 1 129 LEU 129 203 203 LEU LEU A . n 
A 1 130 VAL 130 204 204 VAL VAL A . n 
A 1 131 GLU 131 205 205 GLU GLU A . n 
A 1 132 PRO 132 206 206 PRO PRO A . n 
A 1 133 ASP 133 207 207 ASP ASP A . n 
A 1 134 HIS 134 208 208 HIS HIS A . n 
A 1 135 PHE 135 209 209 PHE PHE A . n 
A 1 136 LYS 136 210 210 LYS LYS A . n 
A 1 137 VAL 137 211 211 VAL VAL A . n 
A 1 138 ALA 138 212 212 ALA ALA A . n 
A 1 139 VAL 139 213 213 VAL VAL A . n 
A 1 140 ASN 140 214 214 ASN ASN A . n 
A 1 141 ASP 141 215 215 ASP ASP A . n 
A 1 142 ALA 142 216 216 ALA ALA A . n 
A 1 143 HIS 143 217 217 HIS HIS A . n 
A 1 144 LEU 144 218 218 LEU LEU A . n 
A 1 145 LEU 145 219 219 LEU LEU A . n 
A 1 146 GLN 146 220 220 GLN GLN A . n 
A 1 147 TYR 147 221 221 TYR TYR A . n 
A 1 148 ASN 148 222 222 ASN ASN A . n 
A 1 149 HIS 149 223 223 HIS HIS A . n 
A 1 150 ARG 150 224 224 ARG ARG A . n 
A 1 151 VAL 151 225 225 VAL VAL A . n 
A 1 152 LYS 152 226 226 LYS LYS A . n 
A 1 153 LYS 153 227 227 LYS LYS A . n 
A 1 154 LEU 154 228 228 LEU LEU A . n 
A 1 155 ASN 155 229 229 ASN ASN A . n 
A 1 156 GLU 156 230 230 GLU GLU A . n 
A 1 157 ILE 157 231 231 ILE ILE A . n 
A 1 158 SER 158 232 232 SER SER A . n 
A 1 159 LYS 159 233 233 LYS LYS A . n 
A 1 160 LEU 160 234 234 LEU LEU A . n 
A 1 161 GLY 161 235 235 GLY GLY A . n 
A 1 162 ILE 162 236 236 ILE ILE A . n 
A 1 163 SER 163 237 237 SER SER A . n 
A 1 164 GLY 164 238 238 GLY GLY A . n 
A 1 165 ASP 165 239 239 ASP ASP A . n 
A 1 166 ILE 166 240 240 ILE ILE A . n 
A 1 167 ASP 167 241 241 ASP ASP A . n 
A 1 168 LEU 168 242 242 LEU LEU A . n 
A 1 169 THR 169 243 243 THR THR A . n 
A 1 170 SER 170 244 244 SER SER A . n 
A 1 171 ALA 171 245 245 ALA ALA A . n 
A 1 172 SER 172 246 246 SER SER A . n 
A 1 173 TYR 173 247 247 TYR TYR A . n 
A 1 174 THR 174 248 248 THR THR A . n 
A 1 175 MET 175 249 249 MET MET A . n 
A 1 176 ILE 176 250 250 ILE ILE A . n 
# 
loop_
_pdbx_branch_scheme.asym_id 
_pdbx_branch_scheme.entity_id 
_pdbx_branch_scheme.mon_id 
_pdbx_branch_scheme.num 
_pdbx_branch_scheme.pdb_asym_id 
_pdbx_branch_scheme.pdb_mon_id 
_pdbx_branch_scheme.pdb_seq_num 
_pdbx_branch_scheme.auth_asym_id 
_pdbx_branch_scheme.auth_mon_id 
_pdbx_branch_scheme.auth_seq_num 
_pdbx_branch_scheme.hetero 
B 2 TVD 1 B TVD 1 B Lg1 1 n 
B 2 GAL 2 B GAL 2 B Lg1 1 n 
# 
loop_
_pdbx_nonpoly_scheme.asym_id 
_pdbx_nonpoly_scheme.entity_id 
_pdbx_nonpoly_scheme.mon_id 
_pdbx_nonpoly_scheme.ndb_seq_num 
_pdbx_nonpoly_scheme.pdb_seq_num 
_pdbx_nonpoly_scheme.auth_seq_num 
_pdbx_nonpoly_scheme.pdb_mon_id 
_pdbx_nonpoly_scheme.auth_mon_id 
_pdbx_nonpoly_scheme.pdb_strand_id 
_pdbx_nonpoly_scheme.pdb_ins_code 
C 3 HOH 1   401 154 HOH HOH A . 
C 3 HOH 2   402 155 HOH HOH A . 
C 3 HOH 3   403 147 HOH HOH A . 
C 3 HOH 4   404 110 HOH HOH A . 
C 3 HOH 5   405 90  HOH HOH A . 
C 3 HOH 6   406 88  HOH HOH A . 
C 3 HOH 7   407 48  HOH HOH A . 
C 3 HOH 8   408 106 HOH HOH A . 
C 3 HOH 9   409 139 HOH HOH A . 
C 3 HOH 10  410 74  HOH HOH A . 
C 3 HOH 11  411 15  HOH HOH A . 
C 3 HOH 12  412 157 HOH HOH A . 
C 3 HOH 13  413 25  HOH HOH A . 
C 3 HOH 14  414 21  HOH HOH A . 
C 3 HOH 15  415 47  HOH HOH A . 
C 3 HOH 16  416 115 HOH HOH A . 
C 3 HOH 17  417 54  HOH HOH A . 
C 3 HOH 18  418 80  HOH HOH A . 
C 3 HOH 19  419 44  HOH HOH A . 
C 3 HOH 20  420 127 HOH HOH A . 
C 3 HOH 21  421 75  HOH HOH A . 
C 3 HOH 22  422 153 HOH HOH A . 
C 3 HOH 23  423 116 HOH HOH A . 
C 3 HOH 24  424 11  HOH HOH A . 
C 3 HOH 25  425 102 HOH HOH A . 
C 3 HOH 26  426 125 HOH HOH A . 
C 3 HOH 27  427 68  HOH HOH A . 
C 3 HOH 28  428 5   HOH HOH A . 
C 3 HOH 29  429 118 HOH HOH A . 
C 3 HOH 30  430 51  HOH HOH A . 
C 3 HOH 31  431 3   HOH HOH A . 
C 3 HOH 32  432 52  HOH HOH A . 
C 3 HOH 33  433 16  HOH HOH A . 
C 3 HOH 34  434 57  HOH HOH A . 
C 3 HOH 35  435 53  HOH HOH A . 
C 3 HOH 36  436 43  HOH HOH A . 
C 3 HOH 37  437 119 HOH HOH A . 
C 3 HOH 38  438 63  HOH HOH A . 
C 3 HOH 39  439 96  HOH HOH A . 
C 3 HOH 40  440 73  HOH HOH A . 
C 3 HOH 41  441 113 HOH HOH A . 
C 3 HOH 42  442 100 HOH HOH A . 
C 3 HOH 43  443 41  HOH HOH A . 
C 3 HOH 44  444 27  HOH HOH A . 
C 3 HOH 45  445 133 HOH HOH A . 
C 3 HOH 46  446 107 HOH HOH A . 
C 3 HOH 47  447 64  HOH HOH A . 
C 3 HOH 48  448 2   HOH HOH A . 
C 3 HOH 49  449 32  HOH HOH A . 
C 3 HOH 50  450 12  HOH HOH A . 
C 3 HOH 51  451 114 HOH HOH A . 
C 3 HOH 52  452 99  HOH HOH A . 
C 3 HOH 53  453 9   HOH HOH A . 
C 3 HOH 54  454 122 HOH HOH A . 
C 3 HOH 55  455 81  HOH HOH A . 
C 3 HOH 56  456 103 HOH HOH A . 
C 3 HOH 57  457 60  HOH HOH A . 
C 3 HOH 58  458 109 HOH HOH A . 
C 3 HOH 59  459 123 HOH HOH A . 
C 3 HOH 60  460 22  HOH HOH A . 
C 3 HOH 61  461 6   HOH HOH A . 
C 3 HOH 62  462 34  HOH HOH A . 
C 3 HOH 63  463 82  HOH HOH A . 
C 3 HOH 64  464 24  HOH HOH A . 
C 3 HOH 65  465 4   HOH HOH A . 
C 3 HOH 66  466 140 HOH HOH A . 
C 3 HOH 67  467 97  HOH HOH A . 
C 3 HOH 68  468 158 HOH HOH A . 
C 3 HOH 69  469 19  HOH HOH A . 
C 3 HOH 70  470 20  HOH HOH A . 
C 3 HOH 71  471 70  HOH HOH A . 
C 3 HOH 72  472 40  HOH HOH A . 
C 3 HOH 73  473 121 HOH HOH A . 
C 3 HOH 74  474 124 HOH HOH A . 
C 3 HOH 75  475 62  HOH HOH A . 
C 3 HOH 76  476 134 HOH HOH A . 
C 3 HOH 77  477 33  HOH HOH A . 
C 3 HOH 78  478 55  HOH HOH A . 
C 3 HOH 79  479 86  HOH HOH A . 
C 3 HOH 80  480 28  HOH HOH A . 
C 3 HOH 81  481 31  HOH HOH A . 
C 3 HOH 82  482 128 HOH HOH A . 
C 3 HOH 83  483 83  HOH HOH A . 
C 3 HOH 84  484 8   HOH HOH A . 
C 3 HOH 85  485 84  HOH HOH A . 
C 3 HOH 86  486 30  HOH HOH A . 
C 3 HOH 87  487 92  HOH HOH A . 
C 3 HOH 88  488 56  HOH HOH A . 
C 3 HOH 89  489 10  HOH HOH A . 
C 3 HOH 90  490 42  HOH HOH A . 
C 3 HOH 91  491 104 HOH HOH A . 
C 3 HOH 92  492 132 HOH HOH A . 
C 3 HOH 93  493 23  HOH HOH A . 
C 3 HOH 94  494 49  HOH HOH A . 
C 3 HOH 95  495 26  HOH HOH A . 
C 3 HOH 96  496 87  HOH HOH A . 
C 3 HOH 97  497 72  HOH HOH A . 
C 3 HOH 98  498 77  HOH HOH A . 
C 3 HOH 99  499 37  HOH HOH A . 
C 3 HOH 100 500 39  HOH HOH A . 
C 3 HOH 101 501 58  HOH HOH A . 
C 3 HOH 102 502 94  HOH HOH A . 
C 3 HOH 103 503 65  HOH HOH A . 
C 3 HOH 104 504 120 HOH HOH A . 
C 3 HOH 105 505 38  HOH HOH A . 
C 3 HOH 106 506 93  HOH HOH A . 
C 3 HOH 107 507 71  HOH HOH A . 
C 3 HOH 108 508 17  HOH HOH A . 
C 3 HOH 109 509 143 HOH HOH A . 
C 3 HOH 110 510 130 HOH HOH A . 
C 3 HOH 111 511 50  HOH HOH A . 
C 3 HOH 112 512 98  HOH HOH A . 
C 3 HOH 113 513 18  HOH HOH A . 
C 3 HOH 114 514 36  HOH HOH A . 
C 3 HOH 115 515 13  HOH HOH A . 
C 3 HOH 116 516 78  HOH HOH A . 
C 3 HOH 117 517 151 HOH HOH A . 
C 3 HOH 118 518 69  HOH HOH A . 
C 3 HOH 119 519 66  HOH HOH A . 
C 3 HOH 120 520 29  HOH HOH A . 
C 3 HOH 121 521 59  HOH HOH A . 
C 3 HOH 122 522 136 HOH HOH A . 
C 3 HOH 123 523 61  HOH HOH A . 
C 3 HOH 124 524 14  HOH HOH A . 
C 3 HOH 125 525 7   HOH HOH A . 
C 3 HOH 126 526 46  HOH HOH A . 
C 3 HOH 127 527 111 HOH HOH A . 
C 3 HOH 128 528 1   HOH HOH A . 
C 3 HOH 129 529 67  HOH HOH A . 
C 3 HOH 130 530 126 HOH HOH A . 
C 3 HOH 131 531 135 HOH HOH A . 
C 3 HOH 132 532 146 HOH HOH A . 
C 3 HOH 133 533 156 HOH HOH A . 
C 3 HOH 134 534 45  HOH HOH A . 
C 3 HOH 135 535 129 HOH HOH A . 
C 3 HOH 136 536 138 HOH HOH A . 
C 3 HOH 137 537 137 HOH HOH A . 
C 3 HOH 138 538 152 HOH HOH A . 
C 3 HOH 139 539 35  HOH HOH A . 
C 3 HOH 140 540 95  HOH HOH A . 
C 3 HOH 141 541 148 HOH HOH A . 
C 3 HOH 142 542 112 HOH HOH A . 
C 3 HOH 143 543 85  HOH HOH A . 
C 3 HOH 144 544 101 HOH HOH A . 
C 3 HOH 145 545 79  HOH HOH A . 
C 3 HOH 146 546 76  HOH HOH A . 
C 3 HOH 147 547 145 HOH HOH A . 
C 3 HOH 148 548 117 HOH HOH A . 
C 3 HOH 149 549 142 HOH HOH A . 
C 3 HOH 150 550 150 HOH HOH A . 
C 3 HOH 151 551 149 HOH HOH A . 
C 3 HOH 152 552 91  HOH HOH A . 
C 3 HOH 153 553 105 HOH HOH A . 
C 3 HOH 154 554 131 HOH HOH A . 
C 3 HOH 155 555 108 HOH HOH A . 
C 3 HOH 156 556 144 HOH HOH A . 
C 3 HOH 157 557 89  HOH HOH A . 
C 3 HOH 158 558 141 HOH HOH A . 
# 
loop_
_software.citation_id 
_software.classification 
_software.compiler_name 
_software.compiler_version 
_software.contact_author 
_software.contact_author_email 
_software.date 
_software.description 
_software.dependencies 
_software.hardware 
_software.language 
_software.location 
_software.mods 
_software.name 
_software.os 
_software.os_version 
_software.type 
_software.version 
_software.pdbx_ordinal 
? refinement       ? ? ? ? ? ? ? ? ? ? ? REFMAC ? ? ? 5.8.0073 1 
? 'data reduction' ? ? ? ? ? ? ? ? ? ? ? XDS    ? ? ? .        2 
? 'data scaling'   ? ? ? ? ? ? ? ? ? ? ? XDS    ? ? ? .        3 
? phasing          ? ? ? ? ? ? ? ? ? ? ? PHASER ? ? ? .        4 
# 
_cell.angle_alpha                  90.00 
_cell.angle_alpha_esd              ? 
_cell.angle_beta                   90.00 
_cell.angle_beta_esd               ? 
_cell.angle_gamma                  90.00 
_cell.angle_gamma_esd              ? 
_cell.entry_id                     5NF7 
_cell.details                      ? 
_cell.formula_units_Z              ? 
_cell.length_a                     36.810 
_cell.length_a_esd                 ? 
_cell.length_b                     58.160 
_cell.length_b_esd                 ? 
_cell.length_c                     63.130 
_cell.length_c_esd                 ? 
_cell.volume                       ? 
_cell.volume_esd                   ? 
_cell.Z_PDB                        4 
_cell.reciprocal_angle_alpha       ? 
_cell.reciprocal_angle_beta        ? 
_cell.reciprocal_angle_gamma       ? 
_cell.reciprocal_angle_alpha_esd   ? 
_cell.reciprocal_angle_beta_esd    ? 
_cell.reciprocal_angle_gamma_esd   ? 
_cell.reciprocal_length_a          ? 
_cell.reciprocal_length_b          ? 
_cell.reciprocal_length_c          ? 
_cell.reciprocal_length_a_esd      ? 
_cell.reciprocal_length_b_esd      ? 
_cell.reciprocal_length_c_esd      ? 
_cell.pdbx_unique_axis             ? 
# 
_symmetry.entry_id                         5NF7 
_symmetry.cell_setting                     ? 
_symmetry.Int_Tables_number                19 
_symmetry.space_group_name_Hall            ? 
_symmetry.space_group_name_H-M             'P 21 21 21' 
_symmetry.pdbx_full_space_group_name_H-M   ? 
# 
_exptl.absorpt_coefficient_mu     ? 
_exptl.absorpt_correction_T_max   ? 
_exptl.absorpt_correction_T_min   ? 
_exptl.absorpt_correction_type    ? 
_exptl.absorpt_process_details    ? 
_exptl.entry_id                   5NF7 
_exptl.crystals_number            1 
_exptl.details                    ? 
_exptl.method                     'X-RAY DIFFRACTION' 
_exptl.method_details             ? 
# 
_exptl_crystal.colour                      ? 
_exptl_crystal.density_diffrn              ? 
_exptl_crystal.density_Matthews            ? 
_exptl_crystal.density_method              ? 
_exptl_crystal.density_percent_sol         27.43 
_exptl_crystal.description                 ? 
_exptl_crystal.F_000                       ? 
_exptl_crystal.id                          1 
_exptl_crystal.preparation                 ? 
_exptl_crystal.size_max                    ? 
_exptl_crystal.size_mid                    ? 
_exptl_crystal.size_min                    ? 
_exptl_crystal.size_rad                    ? 
_exptl_crystal.colour_lustre               ? 
_exptl_crystal.colour_modifier             ? 
_exptl_crystal.colour_primary              ? 
_exptl_crystal.density_meas                ? 
_exptl_crystal.density_meas_esd            ? 
_exptl_crystal.density_meas_gt             ? 
_exptl_crystal.density_meas_lt             ? 
_exptl_crystal.density_meas_temp           ? 
_exptl_crystal.density_meas_temp_esd       ? 
_exptl_crystal.density_meas_temp_gt        ? 
_exptl_crystal.density_meas_temp_lt        ? 
_exptl_crystal.pdbx_crystal_image_url      ? 
_exptl_crystal.pdbx_crystal_image_format   ? 
_exptl_crystal.pdbx_mosaicity              ? 
_exptl_crystal.pdbx_mosaicity_esd          ? 
# 
_exptl_crystal_grow.apparatus       ? 
_exptl_crystal_grow.atmosphere      ? 
_exptl_crystal_grow.crystal_id      1 
_exptl_crystal_grow.details         ? 
_exptl_crystal_grow.method          'VAPOR DIFFUSION, HANGING DROP' 
_exptl_crystal_grow.method_ref      ? 
_exptl_crystal_grow.pH              7.5 
_exptl_crystal_grow.pressure        ? 
_exptl_crystal_grow.pressure_esd    ? 
_exptl_crystal_grow.seeding         ? 
_exptl_crystal_grow.seeding_ref     ? 
_exptl_crystal_grow.temp            277 
_exptl_crystal_grow.temp_details    ? 
_exptl_crystal_grow.temp_esd        ? 
_exptl_crystal_grow.time            ? 
_exptl_crystal_grow.pdbx_details    '100mM Tris HCl pH7.5; 30-34% PEG4000; 100mM MgCl2; 400mM NaSCN; 8mM beta-mercaptoethanol' 
_exptl_crystal_grow.pdbx_pH_range   ? 
# 
_diffrn.ambient_environment    ? 
_diffrn.ambient_temp           100 
_diffrn.ambient_temp_details   ? 
_diffrn.ambient_temp_esd       ? 
_diffrn.crystal_id             1 
_diffrn.crystal_support        ? 
_diffrn.crystal_treatment      ? 
_diffrn.details                ? 
_diffrn.id                     1 
_diffrn.ambient_pressure       ? 
_diffrn.ambient_pressure_esd   ? 
_diffrn.ambient_pressure_gt    ? 
_diffrn.ambient_pressure_lt    ? 
_diffrn.ambient_temp_gt        ? 
_diffrn.ambient_temp_lt        ? 
# 
_diffrn_detector.details                      ? 
_diffrn_detector.detector                     PIXEL 
_diffrn_detector.diffrn_id                    1 
_diffrn_detector.type                         'DECTRIS PILATUS 6M' 
_diffrn_detector.area_resol_mean              ? 
_diffrn_detector.dtime                        ? 
_diffrn_detector.pdbx_frames_total            ? 
_diffrn_detector.pdbx_collection_time_total   ? 
_diffrn_detector.pdbx_collection_date         2012-04-27 
# 
_diffrn_radiation.collimation                      ? 
_diffrn_radiation.diffrn_id                        1 
_diffrn_radiation.filter_edge                      ? 
_diffrn_radiation.inhomogeneity                    ? 
_diffrn_radiation.monochromator                    ? 
_diffrn_radiation.polarisn_norm                    ? 
_diffrn_radiation.polarisn_ratio                   ? 
_diffrn_radiation.probe                            ? 
_diffrn_radiation.type                             ? 
_diffrn_radiation.xray_symbol                      ? 
_diffrn_radiation.wavelength_id                    1 
_diffrn_radiation.pdbx_monochromatic_or_laue_m_l   M 
_diffrn_radiation.pdbx_wavelength_list             ? 
_diffrn_radiation.pdbx_wavelength                  ? 
_diffrn_radiation.pdbx_diffrn_protocol             'SINGLE WAVELENGTH' 
_diffrn_radiation.pdbx_analyzer                    ? 
_diffrn_radiation.pdbx_scattering_type             x-ray 
# 
_diffrn_radiation_wavelength.id           1 
_diffrn_radiation_wavelength.wavelength   0.980 
_diffrn_radiation_wavelength.wt           1.0 
# 
_diffrn_source.current                     ? 
_diffrn_source.details                     ? 
_diffrn_source.diffrn_id                   1 
_diffrn_source.power                       ? 
_diffrn_source.size                        ? 
_diffrn_source.source                      SYNCHROTRON 
_diffrn_source.target                      ? 
_diffrn_source.type                        'SOLEIL BEAMLINE PROXIMA 1' 
_diffrn_source.voltage                     ? 
_diffrn_source.take-off_angle              ? 
_diffrn_source.pdbx_wavelength_list        0.980 
_diffrn_source.pdbx_wavelength             ? 
_diffrn_source.pdbx_synchrotron_beamline   'PROXIMA 1' 
_diffrn_source.pdbx_synchrotron_site       SOLEIL 
# 
_reflns.B_iso_Wilson_estimate            ? 
_reflns.entry_id                         5NF7 
_reflns.data_reduction_details           ? 
_reflns.data_reduction_method            ? 
_reflns.d_resolution_high                1.59 
_reflns.d_resolution_low                 50 
_reflns.details                          ? 
_reflns.limit_h_max                      ? 
_reflns.limit_h_min                      ? 
_reflns.limit_k_max                      ? 
_reflns.limit_k_min                      ? 
_reflns.limit_l_max                      ? 
_reflns.limit_l_min                      ? 
_reflns.number_all                       ? 
_reflns.number_obs                       18898 
_reflns.observed_criterion               ? 
_reflns.observed_criterion_F_max         ? 
_reflns.observed_criterion_F_min         ? 
_reflns.observed_criterion_I_max         ? 
_reflns.observed_criterion_I_min         ? 
_reflns.observed_criterion_sigma_F       ? 
_reflns.observed_criterion_sigma_I       ? 
_reflns.percent_possible_obs             99.8 
_reflns.R_free_details                   ? 
_reflns.Rmerge_F_all                     ? 
_reflns.Rmerge_F_obs                     ? 
_reflns.Friedel_coverage                 ? 
_reflns.number_gt                        ? 
_reflns.threshold_expression             ? 
_reflns.pdbx_redundancy                  6.2 
_reflns.pdbx_Rmerge_I_obs                ? 
_reflns.pdbx_Rmerge_I_all                ? 
_reflns.pdbx_Rsym_value                  0.046 
_reflns.pdbx_netI_over_av_sigmaI         ? 
_reflns.pdbx_netI_over_sigmaI            26.4 
_reflns.pdbx_res_netI_over_av_sigmaI_2   ? 
_reflns.pdbx_res_netI_over_sigmaI_2      ? 
_reflns.pdbx_chi_squared                 ? 
_reflns.pdbx_scaling_rejects             ? 
_reflns.pdbx_d_res_high_opt              ? 
_reflns.pdbx_d_res_low_opt               ? 
_reflns.pdbx_d_res_opt_method            ? 
_reflns.phase_calculation_details        ? 
_reflns.pdbx_Rrim_I_all                  ? 
_reflns.pdbx_Rpim_I_all                  ? 
_reflns.pdbx_d_opt                       ? 
_reflns.pdbx_number_measured_all         ? 
_reflns.pdbx_diffrn_id                   1 
_reflns.pdbx_ordinal                     1 
_reflns.pdbx_CC_half                     ? 
_reflns.pdbx_R_split                     ? 
# 
_reflns_shell.d_res_high                  1.56 
_reflns_shell.d_res_low                   1.68 
_reflns_shell.meanI_over_sigI_all         ? 
_reflns_shell.meanI_over_sigI_obs         ? 
_reflns_shell.number_measured_all         ? 
_reflns_shell.number_measured_obs         ? 
_reflns_shell.number_possible             ? 
_reflns_shell.number_unique_all           ? 
_reflns_shell.number_unique_obs           ? 
_reflns_shell.percent_possible_all        ? 
_reflns_shell.percent_possible_obs        ? 
_reflns_shell.Rmerge_F_all                ? 
_reflns_shell.Rmerge_F_obs                ? 
_reflns_shell.Rmerge_I_all                ? 
_reflns_shell.Rmerge_I_obs                ? 
_reflns_shell.meanI_over_sigI_gt          ? 
_reflns_shell.meanI_over_uI_all           ? 
_reflns_shell.meanI_over_uI_gt            ? 
_reflns_shell.number_measured_gt          ? 
_reflns_shell.number_unique_gt            ? 
_reflns_shell.percent_possible_gt         ? 
_reflns_shell.Rmerge_F_gt                 ? 
_reflns_shell.Rmerge_I_gt                 ? 
_reflns_shell.pdbx_redundancy             ? 
_reflns_shell.pdbx_Rsym_value             0.097 
_reflns_shell.pdbx_chi_squared            ? 
_reflns_shell.pdbx_netI_over_sigmaI_all   ? 
_reflns_shell.pdbx_netI_over_sigmaI_obs   ? 
_reflns_shell.pdbx_Rrim_I_all             ? 
_reflns_shell.pdbx_Rpim_I_all             ? 
_reflns_shell.pdbx_rejects                ? 
_reflns_shell.pdbx_ordinal                1 
_reflns_shell.pdbx_diffrn_id              1 
_reflns_shell.pdbx_CC_half                ? 
_reflns_shell.pdbx_R_split                ? 
# 
_refine.aniso_B[1][1]                            1.08 
_refine.aniso_B[1][2]                            0.00 
_refine.aniso_B[1][3]                            0.00 
_refine.aniso_B[2][2]                            -0.77 
_refine.aniso_B[2][3]                            0.00 
_refine.aniso_B[3][3]                            -0.31 
_refine.B_iso_max                                ? 
_refine.B_iso_mean                               15.365 
_refine.B_iso_min                                ? 
_refine.correlation_coeff_Fo_to_Fc               0.971 
_refine.correlation_coeff_Fo_to_Fc_free          0.964 
_refine.details                                  'HYDROGENS HAVE BEEN ADDED IN THE RIDING POSITIONS' 
_refine.diff_density_max                         ? 
_refine.diff_density_max_esd                     ? 
_refine.diff_density_min                         ? 
_refine.diff_density_min_esd                     ? 
_refine.diff_density_rms                         ? 
_refine.diff_density_rms_esd                     ? 
_refine.entry_id                                 5NF7 
_refine.pdbx_refine_id                           'X-RAY DIFFRACTION' 
_refine.ls_abs_structure_details                 ? 
_refine.ls_abs_structure_Flack                   ? 
_refine.ls_abs_structure_Flack_esd               ? 
_refine.ls_abs_structure_Rogers                  ? 
_refine.ls_abs_structure_Rogers_esd              ? 
_refine.ls_d_res_high                            1.59 
_refine.ls_d_res_low                             50 
_refine.ls_extinction_coef                       ? 
_refine.ls_extinction_coef_esd                   ? 
_refine.ls_extinction_expression                 ? 
_refine.ls_extinction_method                     ? 
_refine.ls_goodness_of_fit_all                   ? 
_refine.ls_goodness_of_fit_all_esd               ? 
_refine.ls_goodness_of_fit_obs                   ? 
_refine.ls_goodness_of_fit_obs_esd               ? 
_refine.ls_hydrogen_treatment                    ? 
_refine.ls_matrix_type                           ? 
_refine.ls_number_constraints                    ? 
_refine.ls_number_parameters                     ? 
_refine.ls_number_reflns_all                     ? 
_refine.ls_number_reflns_obs                     17953 
_refine.ls_number_reflns_R_free                  945 
_refine.ls_number_reflns_R_work                  ? 
_refine.ls_number_restraints                     ? 
_refine.ls_percent_reflns_obs                    99.77 
_refine.ls_percent_reflns_R_free                 5.0 
_refine.ls_R_factor_all                          ? 
_refine.ls_R_factor_obs                          0.14490 
_refine.ls_R_factor_R_free                       0.18096 
_refine.ls_R_factor_R_free_error                 ? 
_refine.ls_R_factor_R_free_error_details         ? 
_refine.ls_R_factor_R_work                       0.14301 
_refine.ls_R_Fsqd_factor_obs                     ? 
_refine.ls_R_I_factor_obs                        ? 
_refine.ls_redundancy_reflns_all                 ? 
_refine.ls_redundancy_reflns_obs                 ? 
_refine.ls_restrained_S_all                      ? 
_refine.ls_restrained_S_obs                      ? 
_refine.ls_shift_over_esd_max                    ? 
_refine.ls_shift_over_esd_mean                   ? 
_refine.ls_structure_factor_coef                 ? 
_refine.ls_weighting_details                     ? 
_refine.ls_weighting_scheme                      ? 
_refine.ls_wR_factor_all                         ? 
_refine.ls_wR_factor_obs                         ? 
_refine.ls_wR_factor_R_free                      ? 
_refine.ls_wR_factor_R_work                      ? 
_refine.occupancy_max                            ? 
_refine.occupancy_min                            ? 
_refine.solvent_model_details                    ? 
_refine.solvent_model_param_bsol                 ? 
_refine.solvent_model_param_ksol                 ? 
_refine.ls_R_factor_gt                           ? 
_refine.ls_goodness_of_fit_gt                    ? 
_refine.ls_goodness_of_fit_ref                   ? 
_refine.ls_shift_over_su_max                     ? 
_refine.ls_shift_over_su_max_lt                  ? 
_refine.ls_shift_over_su_mean                    ? 
_refine.ls_shift_over_su_mean_lt                 ? 
_refine.pdbx_ls_sigma_I                          ? 
_refine.pdbx_ls_sigma_F                          ? 
_refine.pdbx_ls_sigma_Fsqd                       ? 
_refine.pdbx_data_cutoff_high_absF               ? 
_refine.pdbx_data_cutoff_high_rms_absF           ? 
_refine.pdbx_data_cutoff_low_absF                ? 
_refine.pdbx_isotropic_thermal_model             ? 
_refine.pdbx_ls_cross_valid_method               THROUGHOUT 
_refine.pdbx_method_to_determine_struct          'MOLECULAR REPLACEMENT' 
_refine.pdbx_starting_model                      3ZSL 
_refine.pdbx_stereochemistry_target_values       ? 
_refine.pdbx_R_Free_selection_details            RANDOM 
_refine.pdbx_stereochem_target_val_spec_case     ? 
_refine.pdbx_overall_ESU_R                       0.077 
_refine.pdbx_overall_ESU_R_Free                  0.081 
_refine.pdbx_solvent_vdw_probe_radii             1.20 
_refine.pdbx_solvent_ion_probe_radii             0.80 
_refine.pdbx_solvent_shrinkage_radii             0.80 
_refine.pdbx_real_space_R                        ? 
_refine.pdbx_density_correlation                 ? 
_refine.pdbx_pd_number_of_powder_patterns        ? 
_refine.pdbx_pd_number_of_points                 ? 
_refine.pdbx_pd_meas_number_of_points            ? 
_refine.pdbx_pd_proc_ls_prof_R_factor            ? 
_refine.pdbx_pd_proc_ls_prof_wR_factor           ? 
_refine.pdbx_pd_Marquardt_correlation_coeff      ? 
_refine.pdbx_pd_Fsqrd_R_factor                   ? 
_refine.pdbx_pd_ls_matrix_band_width             ? 
_refine.pdbx_overall_phase_error                 ? 
_refine.pdbx_overall_SU_R_free_Cruickshank_DPI   ? 
_refine.pdbx_overall_SU_R_free_Blow_DPI          ? 
_refine.pdbx_overall_SU_R_Blow_DPI               ? 
_refine.pdbx_TLS_residual_ADP_flag               ? 
_refine.pdbx_diffrn_id                           1 
_refine.overall_SU_B                             1.213 
_refine.overall_SU_ML                            0.045 
_refine.overall_SU_R_Cruickshank_DPI             ? 
_refine.overall_SU_R_free                        ? 
_refine.overall_FOM_free_R_set                   ? 
_refine.overall_FOM_work_R_set                   ? 
_refine.pdbx_average_fsc_overall                 ? 
_refine.pdbx_average_fsc_work                    ? 
_refine.pdbx_average_fsc_free                    ? 
# 
_refine_hist.pdbx_refine_id                   'X-RAY DIFFRACTION' 
_refine_hist.cycle_id                         1 
_refine_hist.pdbx_number_atoms_protein        1108 
_refine_hist.pdbx_number_atoms_nucleic_acid   0 
_refine_hist.pdbx_number_atoms_ligand         29 
_refine_hist.number_atoms_solvent             158 
_refine_hist.number_atoms_total               1295 
_refine_hist.d_res_high                       1.59 
_refine_hist.d_res_low                        50 
# 
loop_
_refine_ls_restr.pdbx_refine_id 
_refine_ls_restr.criterion 
_refine_ls_restr.dev_ideal 
_refine_ls_restr.dev_ideal_target 
_refine_ls_restr.number 
_refine_ls_restr.rejects 
_refine_ls_restr.type 
_refine_ls_restr.weight 
_refine_ls_restr.pdbx_restraint_function 
'X-RAY DIFFRACTION' ? 0.024  0.019  1259 ? r_bond_refined_d             ? ? 
'X-RAY DIFFRACTION' ? 0.001  0.020  1233 ? r_bond_other_d               ? ? 
'X-RAY DIFFRACTION' ? 2.264  1.975  1730 ? r_angle_refined_deg          ? ? 
'X-RAY DIFFRACTION' ? 0.975  3.000  2847 ? r_angle_other_deg            ? ? 
'X-RAY DIFFRACTION' ? 7.010  5.000  163  ? r_dihedral_angle_1_deg       ? ? 
'X-RAY DIFFRACTION' ? 36.584 23.810 63   ? r_dihedral_angle_2_deg       ? ? 
'X-RAY DIFFRACTION' ? 11.959 15.000 217  ? r_dihedral_angle_3_deg       ? ? 
'X-RAY DIFFRACTION' ? 14.563 15.000 11   ? r_dihedral_angle_4_deg       ? ? 
'X-RAY DIFFRACTION' ? 0.154  0.200  197  ? r_chiral_restr               ? ? 
'X-RAY DIFFRACTION' ? 0.012  0.021  1441 ? r_gen_planes_refined         ? ? 
'X-RAY DIFFRACTION' ? 0.003  0.020  308  ? r_gen_planes_other           ? ? 
'X-RAY DIFFRACTION' ? ?      ?      ?    ? r_nbd_refined                ? ? 
'X-RAY DIFFRACTION' ? ?      ?      ?    ? r_nbd_other                  ? ? 
'X-RAY DIFFRACTION' ? ?      ?      ?    ? r_nbtor_refined              ? ? 
'X-RAY DIFFRACTION' ? ?      ?      ?    ? r_nbtor_other                ? ? 
'X-RAY DIFFRACTION' ? ?      ?      ?    ? r_xyhbond_nbd_refined        ? ? 
'X-RAY DIFFRACTION' ? ?      ?      ?    ? r_xyhbond_nbd_other          ? ? 
'X-RAY DIFFRACTION' ? ?      ?      ?    ? r_metal_ion_refined          ? ? 
'X-RAY DIFFRACTION' ? ?      ?      ?    ? r_metal_ion_other            ? ? 
'X-RAY DIFFRACTION' ? ?      ?      ?    ? r_symmetry_vdw_refined       ? ? 
'X-RAY DIFFRACTION' ? ?      ?      ?    ? r_symmetry_vdw_other         ? ? 
'X-RAY DIFFRACTION' ? ?      ?      ?    ? r_symmetry_hbond_refined     ? ? 
'X-RAY DIFFRACTION' ? ?      ?      ?    ? r_symmetry_hbond_other       ? ? 
'X-RAY DIFFRACTION' ? ?      ?      ?    ? r_symmetry_metal_ion_refined ? ? 
'X-RAY DIFFRACTION' ? ?      ?      ?    ? r_symmetry_metal_ion_other   ? ? 
'X-RAY DIFFRACTION' ? 1.408  1.219  584  ? r_mcbond_it                  ? ? 
'X-RAY DIFFRACTION' ? 1.371  1.216  583  ? r_mcbond_other               ? ? 
'X-RAY DIFFRACTION' ? 2.073  1.828  736  ? r_mcangle_it                 ? ? 
'X-RAY DIFFRACTION' ? 2.083  1.831  737  ? r_mcangle_other              ? ? 
'X-RAY DIFFRACTION' ? 2.790  1.556  675  ? r_scbond_it                  ? ? 
'X-RAY DIFFRACTION' ? 2.789  1.556  675  ? r_scbond_other               ? ? 
'X-RAY DIFFRACTION' ? ?      ?      ?    ? r_scangle_it                 ? ? 
'X-RAY DIFFRACTION' ? 4.149  2.229  983  ? r_scangle_other              ? ? 
'X-RAY DIFFRACTION' ? 5.899  11.505 1370 ? r_long_range_B_refined       ? ? 
'X-RAY DIFFRACTION' ? 5.685  10.749 1305 ? r_long_range_B_other         ? ? 
'X-RAY DIFFRACTION' ? ?      ?      ?    ? r_rigid_bond_restr           ? ? 
'X-RAY DIFFRACTION' ? ?      ?      ?    ? r_sphericity_free            ? ? 
'X-RAY DIFFRACTION' ? ?      ?      ?    ? r_sphericity_bonded          ? ? 
# 
_refine_ls_shell.pdbx_refine_id                   'X-RAY DIFFRACTION' 
_refine_ls_shell.d_res_high                       1.587 
_refine_ls_shell.d_res_low                        1.628 
_refine_ls_shell.number_reflns_all                ? 
_refine_ls_shell.number_reflns_obs                ? 
_refine_ls_shell.number_reflns_R_free             67 
_refine_ls_shell.number_reflns_R_work             1279 
_refine_ls_shell.percent_reflns_obs               98.39 
_refine_ls_shell.percent_reflns_R_free            ? 
_refine_ls_shell.R_factor_all                     ? 
_refine_ls_shell.R_factor_obs                     ? 
_refine_ls_shell.R_factor_R_free                  0.186 
_refine_ls_shell.R_factor_R_free_error            ? 
_refine_ls_shell.R_factor_R_work                  0.130 
_refine_ls_shell.redundancy_reflns_all            ? 
_refine_ls_shell.redundancy_reflns_obs            ? 
_refine_ls_shell.wR_factor_all                    ? 
_refine_ls_shell.wR_factor_obs                    ? 
_refine_ls_shell.wR_factor_R_free                 ? 
_refine_ls_shell.wR_factor_R_work                 ? 
_refine_ls_shell.pdbx_total_number_of_bins_used   20 
_refine_ls_shell.pdbx_phase_error                 ? 
_refine_ls_shell.pdbx_fsc_work                    ? 
_refine_ls_shell.pdbx_fsc_free                    ? 
# 
_struct.entry_id                     5NF7 
_struct.title                        'Structure of Galectin-3 CRD in complex with compound 1' 
_struct.pdbx_model_details           ? 
_struct.pdbx_formula_weight          ? 
_struct.pdbx_formula_weight_method   ? 
_struct.pdbx_model_type_details      ? 
_struct.pdbx_CASP_flag               N 
# 
_struct_keywords.entry_id        5NF7 
_struct_keywords.text            'Galectin-3 CRD, cation-Pi interactions, sugar binding protein' 
_struct_keywords.pdbx_keywords   'SUGAR BINDING PROTEIN' 
# 
loop_
_struct_asym.id 
_struct_asym.pdbx_blank_PDB_chainid_flag 
_struct_asym.pdbx_modified 
_struct_asym.entity_id 
_struct_asym.details 
A N N 1 ? 
B N N 2 ? 
C N N 3 ? 
# 
_struct_ref.id                         1 
_struct_ref.db_name                    UNP 
_struct_ref.db_code                    LEG3_HUMAN 
_struct_ref.pdbx_db_accession          P17931 
_struct_ref.pdbx_db_isoform            ? 
_struct_ref.entity_id                  1 
_struct_ref.pdbx_seq_one_letter_code   
;PYGAPAGPLIVPYNLPLPGGVVPRMLITILGTVKPNANRIALDFQRGNDVAFHFNPRFNENNRRVIVCNTKLDNNWGREE
RQSVFPFESGKPFKIQVLVEPDHFKVAVNDAHLLQYNHRVKKLNEISKLGISGDIDLTSASYTMI
;
_struct_ref.pdbx_align_begin           106 
# 
_struct_ref_seq.align_id                      1 
_struct_ref_seq.ref_id                        1 
_struct_ref_seq.pdbx_PDB_id_code              5NF7 
_struct_ref_seq.pdbx_strand_id                A 
_struct_ref_seq.seq_align_beg                 32 
_struct_ref_seq.pdbx_seq_align_beg_ins_code   ? 
_struct_ref_seq.seq_align_end                 176 
_struct_ref_seq.pdbx_seq_align_end_ins_code   ? 
_struct_ref_seq.pdbx_db_accession             P17931 
_struct_ref_seq.db_align_beg                  106 
_struct_ref_seq.pdbx_db_align_beg_ins_code    ? 
_struct_ref_seq.db_align_end                  250 
_struct_ref_seq.pdbx_db_align_end_ins_code    ? 
_struct_ref_seq.pdbx_auth_seq_align_beg       106 
_struct_ref_seq.pdbx_auth_seq_align_end       250 
# 
loop_
_struct_ref_seq_dif.align_id 
_struct_ref_seq_dif.pdbx_pdb_id_code 
_struct_ref_seq_dif.mon_id 
_struct_ref_seq_dif.pdbx_pdb_strand_id 
_struct_ref_seq_dif.seq_num 
_struct_ref_seq_dif.pdbx_pdb_ins_code 
_struct_ref_seq_dif.pdbx_seq_db_name 
_struct_ref_seq_dif.pdbx_seq_db_accession_code 
_struct_ref_seq_dif.db_mon_id 
_struct_ref_seq_dif.pdbx_seq_db_seq_num 
_struct_ref_seq_dif.details 
_struct_ref_seq_dif.pdbx_auth_seq_num 
_struct_ref_seq_dif.pdbx_ordinal 
1 5NF7 MET A 1  ? UNP P17931 ? ? 'initiating methionine' 75  1  
1 5NF7 GLY A 2  ? UNP P17931 ? ? 'expression tag'        76  2  
1 5NF7 SER A 3  ? UNP P17931 ? ? 'expression tag'        77  3  
1 5NF7 SER A 4  ? UNP P17931 ? ? 'expression tag'        78  4  
1 5NF7 HIS A 5  ? UNP P17931 ? ? 'expression tag'        79  5  
1 5NF7 ASN A 6  ? UNP P17931 ? ? 'expression tag'        80  6  
1 5NF7 HIS A 7  ? UNP P17931 ? ? 'expression tag'        81  7  
1 5NF7 ASN A 8  ? UNP P17931 ? ? 'expression tag'        82  8  
1 5NF7 HIS A 9  ? UNP P17931 ? ? 'expression tag'        83  9  
1 5NF7 ASN A 10 ? UNP P17931 ? ? 'expression tag'        84  10 
1 5NF7 HIS A 11 ? UNP P17931 ? ? 'expression tag'        85  11 
1 5NF7 ASN A 12 ? UNP P17931 ? ? 'expression tag'        86  12 
1 5NF7 HIS A 13 ? UNP P17931 ? ? 'expression tag'        87  13 
1 5NF7 ASN A 14 ? UNP P17931 ? ? 'expression tag'        88  14 
1 5NF7 HIS A 15 ? UNP P17931 ? ? 'expression tag'        89  15 
1 5NF7 ASN A 16 ? UNP P17931 ? ? 'expression tag'        90  16 
1 5NF7 ASP A 17 ? UNP P17931 ? ? 'expression tag'        91  17 
1 5NF7 TYR A 18 ? UNP P17931 ? ? 'expression tag'        92  18 
1 5NF7 ASP A 19 ? UNP P17931 ? ? 'expression tag'        93  19 
1 5NF7 ILE A 20 ? UNP P17931 ? ? 'expression tag'        94  20 
1 5NF7 PRO A 21 ? UNP P17931 ? ? 'expression tag'        95  21 
1 5NF7 THR A 22 ? UNP P17931 ? ? 'expression tag'        96  22 
1 5NF7 THR A 23 ? UNP P17931 ? ? 'expression tag'        97  23 
1 5NF7 GLU A 24 ? UNP P17931 ? ? 'expression tag'        98  24 
1 5NF7 ASN A 25 ? UNP P17931 ? ? 'expression tag'        99  25 
1 5NF7 LEU A 26 ? UNP P17931 ? ? 'expression tag'        100 26 
1 5NF7 TYR A 27 ? UNP P17931 ? ? 'expression tag'        101 27 
1 5NF7 PHE A 28 ? UNP P17931 ? ? 'expression tag'        102 28 
1 5NF7 GLN A 29 ? UNP P17931 ? ? 'expression tag'        103 29 
1 5NF7 GLY A 30 ? UNP P17931 ? ? 'expression tag'        104 30 
1 5NF7 SER A 31 ? UNP P17931 ? ? 'expression tag'        105 31 
# 
_pdbx_struct_assembly.id                   1 
_pdbx_struct_assembly.details              author_and_software_defined_assembly 
_pdbx_struct_assembly.method_details       PISA 
_pdbx_struct_assembly.oligomeric_details   monomeric 
_pdbx_struct_assembly.oligomeric_count     1 
# 
loop_
_pdbx_struct_assembly_prop.biol_id 
_pdbx_struct_assembly_prop.type 
_pdbx_struct_assembly_prop.value 
_pdbx_struct_assembly_prop.details 
1 'ABSA (A^2)' 0    ? 
1 MORE         0    ? 
1 'SSA (A^2)'  7370 ? 
# 
_pdbx_struct_assembly_gen.assembly_id       1 
_pdbx_struct_assembly_gen.oper_expression   1 
_pdbx_struct_assembly_gen.asym_id_list      A,B,C 
# 
_pdbx_struct_assembly_auth_evidence.id                     1 
_pdbx_struct_assembly_auth_evidence.assembly_id            1 
_pdbx_struct_assembly_auth_evidence.experimental_support   'mass spectrometry' 
_pdbx_struct_assembly_auth_evidence.details                ? 
# 
_pdbx_struct_oper_list.id                   1 
_pdbx_struct_oper_list.type                 'identity operation' 
_pdbx_struct_oper_list.name                 1_555 
_pdbx_struct_oper_list.symmetry_operation   x,y,z 
_pdbx_struct_oper_list.matrix[1][1]         1.0000000000 
_pdbx_struct_oper_list.matrix[1][2]         0.0000000000 
_pdbx_struct_oper_list.matrix[1][3]         0.0000000000 
_pdbx_struct_oper_list.vector[1]            0.0000000000 
_pdbx_struct_oper_list.matrix[2][1]         0.0000000000 
_pdbx_struct_oper_list.matrix[2][2]         1.0000000000 
_pdbx_struct_oper_list.matrix[2][3]         0.0000000000 
_pdbx_struct_oper_list.vector[2]            0.0000000000 
_pdbx_struct_oper_list.matrix[3][1]         0.0000000000 
_pdbx_struct_oper_list.matrix[3][2]         0.0000000000 
_pdbx_struct_oper_list.matrix[3][3]         1.0000000000 
_pdbx_struct_oper_list.vector[3]            0.0000000000 
# 
_struct_conf.conf_type_id            HELX_P 
_struct_conf.id                      HELX_P1 
_struct_conf.pdbx_PDB_helix_id       AA1 
_struct_conf.beg_label_comp_id       LYS 
_struct_conf.beg_label_asym_id       A 
_struct_conf.beg_label_seq_id        153 
_struct_conf.pdbx_beg_PDB_ins_code   ? 
_struct_conf.end_label_comp_id       ILE 
_struct_conf.end_label_asym_id       A 
_struct_conf.end_label_seq_id        157 
_struct_conf.pdbx_end_PDB_ins_code   ? 
_struct_conf.beg_auth_comp_id        LYS 
_struct_conf.beg_auth_asym_id        A 
_struct_conf.beg_auth_seq_id         227 
_struct_conf.end_auth_comp_id        ILE 
_struct_conf.end_auth_asym_id        A 
_struct_conf.end_auth_seq_id         231 
_struct_conf.pdbx_PDB_helix_class    5 
_struct_conf.details                 ? 
_struct_conf.pdbx_PDB_helix_length   5 
# 
_struct_conf_type.id          HELX_P 
_struct_conf_type.criteria    ? 
_struct_conf_type.reference   ? 
# 
_struct_conn.id                            covale1 
_struct_conn.conn_type_id                  covale 
_struct_conn.pdbx_leaving_atom_flag        both 
_struct_conn.pdbx_PDB_id                   ? 
_struct_conn.ptnr1_label_asym_id           B 
_struct_conn.ptnr1_label_comp_id           TVD 
_struct_conn.ptnr1_label_seq_id            . 
_struct_conn.ptnr1_label_atom_id           O4 
_struct_conn.pdbx_ptnr1_label_alt_id       ? 
_struct_conn.pdbx_ptnr1_PDB_ins_code       ? 
_struct_conn.pdbx_ptnr1_standard_comp_id   ? 
_struct_conn.ptnr1_symmetry                1_555 
_struct_conn.ptnr2_label_asym_id           B 
_struct_conn.ptnr2_label_comp_id           GAL 
_struct_conn.ptnr2_label_seq_id            . 
_struct_conn.ptnr2_label_atom_id           C1 
_struct_conn.pdbx_ptnr2_label_alt_id       ? 
_struct_conn.pdbx_ptnr2_PDB_ins_code       ? 
_struct_conn.ptnr1_auth_asym_id            B 
_struct_conn.ptnr1_auth_comp_id            TVD 
_struct_conn.ptnr1_auth_seq_id             1 
_struct_conn.ptnr2_auth_asym_id            B 
_struct_conn.ptnr2_auth_comp_id            GAL 
_struct_conn.ptnr2_auth_seq_id             2 
_struct_conn.ptnr2_symmetry                1_555 
_struct_conn.pdbx_ptnr3_label_atom_id      ? 
_struct_conn.pdbx_ptnr3_label_seq_id       ? 
_struct_conn.pdbx_ptnr3_label_comp_id      ? 
_struct_conn.pdbx_ptnr3_label_asym_id      ? 
_struct_conn.pdbx_ptnr3_label_alt_id       ? 
_struct_conn.pdbx_ptnr3_PDB_ins_code       ? 
_struct_conn.details                       ? 
_struct_conn.pdbx_dist_value               1.419 
_struct_conn.pdbx_value_order              sing 
_struct_conn.pdbx_role                     ? 
# 
_struct_conn_type.id          covale 
_struct_conn_type.criteria    ? 
_struct_conn_type.reference   ? 
# 
_struct_mon_prot_cis.pdbx_id                1 
_struct_mon_prot_cis.label_comp_id          VAL 
_struct_mon_prot_cis.label_seq_id           42 
_struct_mon_prot_cis.label_asym_id          A 
_struct_mon_prot_cis.label_alt_id           . 
_struct_mon_prot_cis.pdbx_PDB_ins_code      ? 
_struct_mon_prot_cis.auth_comp_id           VAL 
_struct_mon_prot_cis.auth_seq_id            116 
_struct_mon_prot_cis.auth_asym_id           A 
_struct_mon_prot_cis.pdbx_label_comp_id_2   PRO 
_struct_mon_prot_cis.pdbx_label_seq_id_2    43 
_struct_mon_prot_cis.pdbx_label_asym_id_2   A 
_struct_mon_prot_cis.pdbx_PDB_ins_code_2    ? 
_struct_mon_prot_cis.pdbx_auth_comp_id_2    PRO 
_struct_mon_prot_cis.pdbx_auth_seq_id_2     117 
_struct_mon_prot_cis.pdbx_auth_asym_id_2    A 
_struct_mon_prot_cis.pdbx_PDB_model_num     1 
_struct_mon_prot_cis.pdbx_omega_angle       0.35 
# 
loop_
_struct_sheet.id 
_struct_sheet.type 
_struct_sheet.number_strands 
_struct_sheet.details 
AA1 ? 6 ? 
AA2 ? 6 ? 
AA3 ? 5 ? 
# 
loop_
_struct_sheet_order.sheet_id 
_struct_sheet_order.range_id_1 
_struct_sheet_order.range_id_2 
_struct_sheet_order.offset 
_struct_sheet_order.sense 
AA1 1 2 ? anti-parallel 
AA1 2 3 ? anti-parallel 
AA1 3 4 ? anti-parallel 
AA1 4 5 ? anti-parallel 
AA1 5 6 ? anti-parallel 
AA2 1 2 ? anti-parallel 
AA2 2 3 ? anti-parallel 
AA2 3 4 ? anti-parallel 
AA2 4 5 ? anti-parallel 
AA2 5 6 ? anti-parallel 
AA3 1 2 ? anti-parallel 
AA3 2 3 ? anti-parallel 
AA3 3 4 ? anti-parallel 
AA3 4 5 ? anti-parallel 
# 
loop_
_struct_sheet_range.sheet_id 
_struct_sheet_range.id 
_struct_sheet_range.beg_label_comp_id 
_struct_sheet_range.beg_label_asym_id 
_struct_sheet_range.beg_label_seq_id 
_struct_sheet_range.pdbx_beg_PDB_ins_code 
_struct_sheet_range.end_label_comp_id 
_struct_sheet_range.end_label_asym_id 
_struct_sheet_range.end_label_seq_id 
_struct_sheet_range.pdbx_end_PDB_ins_code 
_struct_sheet_range.beg_auth_comp_id 
_struct_sheet_range.beg_auth_asym_id 
_struct_sheet_range.beg_auth_seq_id 
_struct_sheet_range.end_auth_comp_id 
_struct_sheet_range.end_auth_asym_id 
_struct_sheet_range.end_auth_seq_id 
AA1 1 TYR A 44  ? PRO A 47  ? TYR A 118 PRO A 121 
AA1 2 LYS A 159 ? GLY A 164 ? LYS A 233 GLY A 238 
AA1 3 ILE A 71  ? ARG A 77  ? ILE A 145 ARG A 151 
AA1 4 ASP A 80  ? GLU A 91  ? ASP A 154 GLU A 165 
AA1 5 ARG A 94  ? LEU A 103 ? ARG A 168 LEU A 177 
AA1 6 ASN A 106 ? TRP A 107 ? ASN A 180 TRP A 181 
AA2 1 TYR A 44  ? PRO A 47  ? TYR A 118 PRO A 121 
AA2 2 LYS A 159 ? GLY A 164 ? LYS A 233 GLY A 238 
AA2 3 ILE A 71  ? ARG A 77  ? ILE A 145 ARG A 151 
AA2 4 ASP A 80  ? GLU A 91  ? ASP A 154 GLU A 165 
AA2 5 ARG A 94  ? LEU A 103 ? ARG A 168 LEU A 177 
AA2 6 GLU A 111 ? GLN A 113 ? GLU A 185 GLN A 187 
AA3 1 ALA A 142 ? ASN A 148 ? ALA A 216 ASN A 222 
AA3 2 HIS A 134 ? VAL A 139 ? HIS A 208 VAL A 213 
AA3 3 PRO A 123 ? VAL A 130 ? PRO A 197 VAL A 204 
AA3 4 MET A 56  ? VAL A 64  ? MET A 130 VAL A 138 
AA3 5 ILE A 166 ? MET A 175 ? ILE A 240 MET A 249 
# 
loop_
_pdbx_struct_sheet_hbond.sheet_id 
_pdbx_struct_sheet_hbond.range_id_1 
_pdbx_struct_sheet_hbond.range_id_2 
_pdbx_struct_sheet_hbond.range_1_label_atom_id 
_pdbx_struct_sheet_hbond.range_1_label_comp_id 
_pdbx_struct_sheet_hbond.range_1_label_asym_id 
_pdbx_struct_sheet_hbond.range_1_label_seq_id 
_pdbx_struct_sheet_hbond.range_1_PDB_ins_code 
_pdbx_struct_sheet_hbond.range_1_auth_atom_id 
_pdbx_struct_sheet_hbond.range_1_auth_comp_id 
_pdbx_struct_sheet_hbond.range_1_auth_asym_id 
_pdbx_struct_sheet_hbond.range_1_auth_seq_id 
_pdbx_struct_sheet_hbond.range_2_label_atom_id 
_pdbx_struct_sheet_hbond.range_2_label_comp_id 
_pdbx_struct_sheet_hbond.range_2_label_asym_id 
_pdbx_struct_sheet_hbond.range_2_label_seq_id 
_pdbx_struct_sheet_hbond.range_2_PDB_ins_code 
_pdbx_struct_sheet_hbond.range_2_auth_atom_id 
_pdbx_struct_sheet_hbond.range_2_auth_comp_id 
_pdbx_struct_sheet_hbond.range_2_auth_asym_id 
_pdbx_struct_sheet_hbond.range_2_auth_seq_id 
AA1 1 2 N LEU A 46  ? N LEU A 120 O LEU A 160 ? O LEU A 234 
AA1 2 3 O SER A 163 ? O SER A 237 N ALA A 72  ? N ALA A 146 
AA1 3 4 N PHE A 75  ? N PHE A 149 O PHE A 83  ? O PHE A 157 
AA1 4 5 N ARG A 88  ? N ARG A 162 O VAL A 96  ? O VAL A 170 
AA1 5 6 N LEU A 103 ? N LEU A 177 O ASN A 106 ? O ASN A 180 
AA2 1 2 N LEU A 46  ? N LEU A 120 O LEU A 160 ? O LEU A 234 
AA2 2 3 O SER A 163 ? O SER A 237 N ALA A 72  ? N ALA A 146 
AA2 3 4 N PHE A 75  ? N PHE A 149 O PHE A 83  ? O PHE A 157 
AA2 4 5 N ARG A 88  ? N ARG A 162 O VAL A 96  ? O VAL A 170 
AA2 5 6 N CYS A 99  ? N CYS A 173 O GLU A 111 ? O GLU A 185 
AA3 1 2 O LEU A 145 ? O LEU A 219 N VAL A 137 ? N VAL A 211 
AA3 2 3 O LYS A 136 ? O LYS A 210 N LEU A 129 ? N LEU A 203 
AA3 3 4 O VAL A 130 ? O VAL A 204 N MET A 56  ? N MET A 130 
AA3 4 5 N LEU A 57  ? N LEU A 131 O THR A 174 ? O THR A 248 
# 
loop_
_pdbx_validate_close_contact.id 
_pdbx_validate_close_contact.PDB_model_num 
_pdbx_validate_close_contact.auth_atom_id_1 
_pdbx_validate_close_contact.auth_asym_id_1 
_pdbx_validate_close_contact.auth_comp_id_1 
_pdbx_validate_close_contact.auth_seq_id_1 
_pdbx_validate_close_contact.PDB_ins_code_1 
_pdbx_validate_close_contact.label_alt_id_1 
_pdbx_validate_close_contact.auth_atom_id_2 
_pdbx_validate_close_contact.auth_asym_id_2 
_pdbx_validate_close_contact.auth_comp_id_2 
_pdbx_validate_close_contact.auth_seq_id_2 
_pdbx_validate_close_contact.PDB_ins_code_2 
_pdbx_validate_close_contact.label_alt_id_2 
_pdbx_validate_close_contact.dist 
1 1 NH1 A ARG 168 ? A O A HOH 401 ? ? 1.73 
2 1 O   A HOH 504 ? ? O A HOH 517 ? ? 1.88 
3 1 O   A PRO 140 ? B O A HOH 402 ? ? 1.94 
4 1 OE1 A GLN 150 ? B O A HOH 403 ? ? 2.03 
5 1 O   A HOH 401 ? ? O A HOH 473 ? ? 2.03 
6 1 O   A HOH 441 ? ? O A HOH 539 ? ? 2.11 
7 1 O   A PRO 140 ? A O A HOH 404 ? ? 2.12 
8 1 NH1 A ARG 183 ? ? O A HOH 405 ? ? 2.15 
# 
loop_
_pdbx_validate_rmsd_angle.id 
_pdbx_validate_rmsd_angle.PDB_model_num 
_pdbx_validate_rmsd_angle.auth_atom_id_1 
_pdbx_validate_rmsd_angle.auth_asym_id_1 
_pdbx_validate_rmsd_angle.auth_comp_id_1 
_pdbx_validate_rmsd_angle.auth_seq_id_1 
_pdbx_validate_rmsd_angle.PDB_ins_code_1 
_pdbx_validate_rmsd_angle.label_alt_id_1 
_pdbx_validate_rmsd_angle.auth_atom_id_2 
_pdbx_validate_rmsd_angle.auth_asym_id_2 
_pdbx_validate_rmsd_angle.auth_comp_id_2 
_pdbx_validate_rmsd_angle.auth_seq_id_2 
_pdbx_validate_rmsd_angle.PDB_ins_code_2 
_pdbx_validate_rmsd_angle.label_alt_id_2 
_pdbx_validate_rmsd_angle.auth_atom_id_3 
_pdbx_validate_rmsd_angle.auth_asym_id_3 
_pdbx_validate_rmsd_angle.auth_comp_id_3 
_pdbx_validate_rmsd_angle.auth_seq_id_3 
_pdbx_validate_rmsd_angle.PDB_ins_code_3 
_pdbx_validate_rmsd_angle.label_alt_id_3 
_pdbx_validate_rmsd_angle.angle_value 
_pdbx_validate_rmsd_angle.angle_target_value 
_pdbx_validate_rmsd_angle.angle_deviation 
_pdbx_validate_rmsd_angle.angle_standard_deviation 
_pdbx_validate_rmsd_angle.linker_flag 
1 1 CG A MET 130 ? B SD A MET 130 ? B CE  A MET 130 ? B 86.33  100.20 -13.87 1.60 N 
2 1 NE A ARG 151 ? ? CZ A ARG 151 ? ? NH1 A ARG 151 ? ? 126.19 120.30 5.89   0.50 N 
3 1 NE A ARG 151 ? ? CZ A ARG 151 ? ? NH2 A ARG 151 ? ? 117.24 120.30 -3.06  0.50 N 
4 1 CB A TYR 247 ? ? CG A TYR 247 ? ? CD2 A TYR 247 ? ? 124.65 121.00 3.65   0.60 N 
# 
loop_
_pdbx_validate_torsion.id 
_pdbx_validate_torsion.PDB_model_num 
_pdbx_validate_torsion.auth_comp_id 
_pdbx_validate_torsion.auth_asym_id 
_pdbx_validate_torsion.auth_seq_id 
_pdbx_validate_torsion.PDB_ins_code 
_pdbx_validate_torsion.label_alt_id 
_pdbx_validate_torsion.phi 
_pdbx_validate_torsion.psi 
1 1 ARG A 129 ? ? 82.48   0.23  
2 1 ASN A 141 ? B -119.95 54.45 
3 1 ASN A 164 ? ? -150.67 76.58 
4 1 ASN A 164 ? ? -150.49 76.33 
# 
_pdbx_distant_solvent_atoms.id                                1 
_pdbx_distant_solvent_atoms.PDB_model_num                     1 
_pdbx_distant_solvent_atoms.auth_atom_id                      O 
_pdbx_distant_solvent_atoms.label_alt_id                      ? 
_pdbx_distant_solvent_atoms.auth_asym_id                      A 
_pdbx_distant_solvent_atoms.auth_comp_id                      HOH 
_pdbx_distant_solvent_atoms.auth_seq_id                       558 
_pdbx_distant_solvent_atoms.PDB_ins_code                      ? 
_pdbx_distant_solvent_atoms.neighbor_macromolecule_distance   5.97 
_pdbx_distant_solvent_atoms.neighbor_ligand_distance          . 
# 
loop_
_pdbx_unobs_or_zero_occ_residues.id 
_pdbx_unobs_or_zero_occ_residues.PDB_model_num 
_pdbx_unobs_or_zero_occ_residues.polymer_flag 
_pdbx_unobs_or_zero_occ_residues.occupancy_flag 
_pdbx_unobs_or_zero_occ_residues.auth_asym_id 
_pdbx_unobs_or_zero_occ_residues.auth_comp_id 
_pdbx_unobs_or_zero_occ_residues.auth_seq_id 
_pdbx_unobs_or_zero_occ_residues.PDB_ins_code 
_pdbx_unobs_or_zero_occ_residues.label_asym_id 
_pdbx_unobs_or_zero_occ_residues.label_comp_id 
_pdbx_unobs_or_zero_occ_residues.label_seq_id 
1  1 Y 1 A MET 75  ? A MET 1  
2  1 Y 1 A GLY 76  ? A GLY 2  
3  1 Y 1 A SER 77  ? A SER 3  
4  1 Y 1 A SER 78  ? A SER 4  
5  1 Y 1 A HIS 79  ? A HIS 5  
6  1 Y 1 A ASN 80  ? A ASN 6  
7  1 Y 1 A HIS 81  ? A HIS 7  
8  1 Y 1 A ASN 82  ? A ASN 8  
9  1 Y 1 A HIS 83  ? A HIS 9  
10 1 Y 1 A ASN 84  ? A ASN 10 
11 1 Y 1 A HIS 85  ? A HIS 11 
12 1 Y 1 A ASN 86  ? A ASN 12 
13 1 Y 1 A HIS 87  ? A HIS 13 
14 1 Y 1 A ASN 88  ? A ASN 14 
15 1 Y 1 A HIS 89  ? A HIS 15 
16 1 Y 1 A ASN 90  ? A ASN 16 
17 1 Y 1 A ASP 91  ? A ASP 17 
18 1 Y 1 A TYR 92  ? A TYR 18 
19 1 Y 1 A ASP 93  ? A ASP 19 
20 1 Y 1 A ILE 94  ? A ILE 20 
21 1 Y 1 A PRO 95  ? A PRO 21 
22 1 Y 1 A THR 96  ? A THR 22 
23 1 Y 1 A THR 97  ? A THR 23 
24 1 Y 1 A GLU 98  ? A GLU 24 
25 1 Y 1 A ASN 99  ? A ASN 25 
26 1 Y 1 A LEU 100 ? A LEU 26 
27 1 Y 1 A TYR 101 ? A TYR 27 
28 1 Y 1 A PHE 102 ? A PHE 28 
29 1 Y 1 A GLN 103 ? A GLN 29 
30 1 Y 1 A GLY 104 ? A GLY 30 
31 1 Y 1 A SER 105 ? A SER 31 
32 1 Y 1 A PRO 106 ? A PRO 32 
33 1 Y 1 A TYR 107 ? A TYR 33 
34 1 Y 1 A GLY 108 ? A GLY 34 
35 1 Y 1 A ALA 109 ? A ALA 35 
36 1 Y 1 A PRO 110 ? A PRO 36 
37 1 Y 1 A ALA 111 ? A ALA 37 
38 1 Y 1 A GLY 112 ? A GLY 38 
# 
loop_
_chem_comp_atom.comp_id 
_chem_comp_atom.atom_id 
_chem_comp_atom.type_symbol 
_chem_comp_atom.pdbx_aromatic_flag 
_chem_comp_atom.pdbx_stereo_config 
_chem_comp_atom.pdbx_ordinal 
ALA N    N N N 1   
ALA CA   C N S 2   
ALA C    C N N 3   
ALA O    O N N 4   
ALA CB   C N N 5   
ALA OXT  O N N 6   
ALA H    H N N 7   
ALA H2   H N N 8   
ALA HA   H N N 9   
ALA HB1  H N N 10  
ALA HB2  H N N 11  
ALA HB3  H N N 12  
ALA HXT  H N N 13  
ARG N    N N N 14  
ARG CA   C N S 15  
ARG C    C N N 16  
ARG O    O N N 17  
ARG CB   C N N 18  
ARG CG   C N N 19  
ARG CD   C N N 20  
ARG NE   N N N 21  
ARG CZ   C N N 22  
ARG NH1  N N N 23  
ARG NH2  N N N 24  
ARG OXT  O N N 25  
ARG H    H N N 26  
ARG H2   H N N 27  
ARG HA   H N N 28  
ARG HB2  H N N 29  
ARG HB3  H N N 30  
ARG HG2  H N N 31  
ARG HG3  H N N 32  
ARG HD2  H N N 33  
ARG HD3  H N N 34  
ARG HE   H N N 35  
ARG HH11 H N N 36  
ARG HH12 H N N 37  
ARG HH21 H N N 38  
ARG HH22 H N N 39  
ARG HXT  H N N 40  
ASN N    N N N 41  
ASN CA   C N S 42  
ASN C    C N N 43  
ASN O    O N N 44  
ASN CB   C N N 45  
ASN CG   C N N 46  
ASN OD1  O N N 47  
ASN ND2  N N N 48  
ASN OXT  O N N 49  
ASN H    H N N 50  
ASN H2   H N N 51  
ASN HA   H N N 52  
ASN HB2  H N N 53  
ASN HB3  H N N 54  
ASN HD21 H N N 55  
ASN HD22 H N N 56  
ASN HXT  H N N 57  
ASP N    N N N 58  
ASP CA   C N S 59  
ASP C    C N N 60  
ASP O    O N N 61  
ASP CB   C N N 62  
ASP CG   C N N 63  
ASP OD1  O N N 64  
ASP OD2  O N N 65  
ASP OXT  O N N 66  
ASP H    H N N 67  
ASP H2   H N N 68  
ASP HA   H N N 69  
ASP HB2  H N N 70  
ASP HB3  H N N 71  
ASP HD2  H N N 72  
ASP HXT  H N N 73  
CYS N    N N N 74  
CYS CA   C N R 75  
CYS C    C N N 76  
CYS O    O N N 77  
CYS CB   C N N 78  
CYS SG   S N N 79  
CYS OXT  O N N 80  
CYS H    H N N 81  
CYS H2   H N N 82  
CYS HA   H N N 83  
CYS HB2  H N N 84  
CYS HB3  H N N 85  
CYS HG   H N N 86  
CYS HXT  H N N 87  
GAL C1   C N R 88  
GAL C2   C N R 89  
GAL C3   C N S 90  
GAL C4   C N R 91  
GAL C5   C N R 92  
GAL C6   C N N 93  
GAL O1   O N N 94  
GAL O2   O N N 95  
GAL O3   O N N 96  
GAL O4   O N N 97  
GAL O5   O N N 98  
GAL O6   O N N 99  
GAL H1   H N N 100 
GAL H2   H N N 101 
GAL H3   H N N 102 
GAL H4   H N N 103 
GAL H5   H N N 104 
GAL H61  H N N 105 
GAL H62  H N N 106 
GAL HO1  H N N 107 
GAL HO2  H N N 108 
GAL HO3  H N N 109 
GAL HO4  H N N 110 
GAL HO6  H N N 111 
GLN N    N N N 112 
GLN CA   C N S 113 
GLN C    C N N 114 
GLN O    O N N 115 
GLN CB   C N N 116 
GLN CG   C N N 117 
GLN CD   C N N 118 
GLN OE1  O N N 119 
GLN NE2  N N N 120 
GLN OXT  O N N 121 
GLN H    H N N 122 
GLN H2   H N N 123 
GLN HA   H N N 124 
GLN HB2  H N N 125 
GLN HB3  H N N 126 
GLN HG2  H N N 127 
GLN HG3  H N N 128 
GLN HE21 H N N 129 
GLN HE22 H N N 130 
GLN HXT  H N N 131 
GLU N    N N N 132 
GLU CA   C N S 133 
GLU C    C N N 134 
GLU O    O N N 135 
GLU CB   C N N 136 
GLU CG   C N N 137 
GLU CD   C N N 138 
GLU OE1  O N N 139 
GLU OE2  O N N 140 
GLU OXT  O N N 141 
GLU H    H N N 142 
GLU H2   H N N 143 
GLU HA   H N N 144 
GLU HB2  H N N 145 
GLU HB3  H N N 146 
GLU HG2  H N N 147 
GLU HG3  H N N 148 
GLU HE2  H N N 149 
GLU HXT  H N N 150 
GLY N    N N N 151 
GLY CA   C N N 152 
GLY C    C N N 153 
GLY O    O N N 154 
GLY OXT  O N N 155 
GLY H    H N N 156 
GLY H2   H N N 157 
GLY HA2  H N N 158 
GLY HA3  H N N 159 
GLY HXT  H N N 160 
HIS N    N N N 161 
HIS CA   C N S 162 
HIS C    C N N 163 
HIS O    O N N 164 
HIS CB   C N N 165 
HIS CG   C Y N 166 
HIS ND1  N Y N 167 
HIS CD2  C Y N 168 
HIS CE1  C Y N 169 
HIS NE2  N Y N 170 
HIS OXT  O N N 171 
HIS H    H N N 172 
HIS H2   H N N 173 
HIS HA   H N N 174 
HIS HB2  H N N 175 
HIS HB3  H N N 176 
HIS HD1  H N N 177 
HIS HD2  H N N 178 
HIS HE1  H N N 179 
HIS HE2  H N N 180 
HIS HXT  H N N 181 
HOH O    O N N 182 
HOH H1   H N N 183 
HOH H2   H N N 184 
ILE N    N N N 185 
ILE CA   C N S 186 
ILE C    C N N 187 
ILE O    O N N 188 
ILE CB   C N S 189 
ILE CG1  C N N 190 
ILE CG2  C N N 191 
ILE CD1  C N N 192 
ILE OXT  O N N 193 
ILE H    H N N 194 
ILE H2   H N N 195 
ILE HA   H N N 196 
ILE HB   H N N 197 
ILE HG12 H N N 198 
ILE HG13 H N N 199 
ILE HG21 H N N 200 
ILE HG22 H N N 201 
ILE HG23 H N N 202 
ILE HD11 H N N 203 
ILE HD12 H N N 204 
ILE HD13 H N N 205 
ILE HXT  H N N 206 
LEU N    N N N 207 
LEU CA   C N S 208 
LEU C    C N N 209 
LEU O    O N N 210 
LEU CB   C N N 211 
LEU CG   C N N 212 
LEU CD1  C N N 213 
LEU CD2  C N N 214 
LEU OXT  O N N 215 
LEU H    H N N 216 
LEU H2   H N N 217 
LEU HA   H N N 218 
LEU HB2  H N N 219 
LEU HB3  H N N 220 
LEU HG   H N N 221 
LEU HD11 H N N 222 
LEU HD12 H N N 223 
LEU HD13 H N N 224 
LEU HD21 H N N 225 
LEU HD22 H N N 226 
LEU HD23 H N N 227 
LEU HXT  H N N 228 
LYS N    N N N 229 
LYS CA   C N S 230 
LYS C    C N N 231 
LYS O    O N N 232 
LYS CB   C N N 233 
LYS CG   C N N 234 
LYS CD   C N N 235 
LYS CE   C N N 236 
LYS NZ   N N N 237 
LYS OXT  O N N 238 
LYS H    H N N 239 
LYS H2   H N N 240 
LYS HA   H N N 241 
LYS HB2  H N N 242 
LYS HB3  H N N 243 
LYS HG2  H N N 244 
LYS HG3  H N N 245 
LYS HD2  H N N 246 
LYS HD3  H N N 247 
LYS HE2  H N N 248 
LYS HE3  H N N 249 
LYS HZ1  H N N 250 
LYS HZ2  H N N 251 
LYS HZ3  H N N 252 
LYS HXT  H N N 253 
MET N    N N N 254 
MET CA   C N S 255 
MET C    C N N 256 
MET O    O N N 257 
MET CB   C N N 258 
MET CG   C N N 259 
MET SD   S N N 260 
MET CE   C N N 261 
MET OXT  O N N 262 
MET H    H N N 263 
MET H2   H N N 264 
MET HA   H N N 265 
MET HB2  H N N 266 
MET HB3  H N N 267 
MET HG2  H N N 268 
MET HG3  H N N 269 
MET HE1  H N N 270 
MET HE2  H N N 271 
MET HE3  H N N 272 
MET HXT  H N N 273 
PHE N    N N N 274 
PHE CA   C N S 275 
PHE C    C N N 276 
PHE O    O N N 277 
PHE CB   C N N 278 
PHE CG   C Y N 279 
PHE CD1  C Y N 280 
PHE CD2  C Y N 281 
PHE CE1  C Y N 282 
PHE CE2  C Y N 283 
PHE CZ   C Y N 284 
PHE OXT  O N N 285 
PHE H    H N N 286 
PHE H2   H N N 287 
PHE HA   H N N 288 
PHE HB2  H N N 289 
PHE HB3  H N N 290 
PHE HD1  H N N 291 
PHE HD2  H N N 292 
PHE HE1  H N N 293 
PHE HE2  H N N 294 
PHE HZ   H N N 295 
PHE HXT  H N N 296 
PRO N    N N N 297 
PRO CA   C N S 298 
PRO C    C N N 299 
PRO O    O N N 300 
PRO CB   C N N 301 
PRO CG   C N N 302 
PRO CD   C N N 303 
PRO OXT  O N N 304 
PRO H    H N N 305 
PRO HA   H N N 306 
PRO HB2  H N N 307 
PRO HB3  H N N 308 
PRO HG2  H N N 309 
PRO HG3  H N N 310 
PRO HD2  H N N 311 
PRO HD3  H N N 312 
PRO HXT  H N N 313 
SER N    N N N 314 
SER CA   C N S 315 
SER C    C N N 316 
SER O    O N N 317 
SER CB   C N N 318 
SER OG   O N N 319 
SER OXT  O N N 320 
SER H    H N N 321 
SER H2   H N N 322 
SER HA   H N N 323 
SER HB2  H N N 324 
SER HB3  H N N 325 
SER HG   H N N 326 
SER HXT  H N N 327 
THR N    N N N 328 
THR CA   C N S 329 
THR C    C N N 330 
THR O    O N N 331 
THR CB   C N R 332 
THR OG1  O N N 333 
THR CG2  C N N 334 
THR OXT  O N N 335 
THR H    H N N 336 
THR H2   H N N 337 
THR HA   H N N 338 
THR HB   H N N 339 
THR HG1  H N N 340 
THR HG21 H N N 341 
THR HG22 H N N 342 
THR HG23 H N N 343 
THR HXT  H N N 344 
TRP N    N N N 345 
TRP CA   C N S 346 
TRP C    C N N 347 
TRP O    O N N 348 
TRP CB   C N N 349 
TRP CG   C Y N 350 
TRP CD1  C Y N 351 
TRP CD2  C Y N 352 
TRP NE1  N Y N 353 
TRP CE2  C Y N 354 
TRP CE3  C Y N 355 
TRP CZ2  C Y N 356 
TRP CZ3  C Y N 357 
TRP CH2  C Y N 358 
TRP OXT  O N N 359 
TRP H    H N N 360 
TRP H2   H N N 361 
TRP HA   H N N 362 
TRP HB2  H N N 363 
TRP HB3  H N N 364 
TRP HD1  H N N 365 
TRP HE1  H N N 366 
TRP HE3  H N N 367 
TRP HZ2  H N N 368 
TRP HZ3  H N N 369 
TRP HH2  H N N 370 
TRP HXT  H N N 371 
TVD O7   O N N 372 
TVD C7   C N N 373 
TVD C8   C N N 374 
TVD N2   N N N 375 
TVD C2   C N R 376 
TVD C1   C N R 377 
TVD N1   N N N 378 
TVD C9   C N N 379 
TVD C10  C N N 380 
TVD O9   O N N 381 
TVD C3   C N R 382 
TVD O3   O N N 383 
TVD C4   C N S 384 
TVD C5   C N R 385 
TVD C6   C N N 386 
TVD O6   O N N 387 
TVD O5   O N N 388 
TVD O4   O N N 389 
TVD H81  H N N 390 
TVD H82  H N N 391 
TVD H83  H N N 392 
TVD HN2  H N N 393 
TVD H2   H N N 394 
TVD H1   H N N 395 
TVD HN1  H N N 396 
TVD H11  H N N 397 
TVD H12  H N N 398 
TVD H13  H N N 399 
TVD H3   H N N 400 
TVD HO3  H N N 401 
TVD H4   H N N 402 
TVD H5   H N N 403 
TVD H61  H N N 404 
TVD H62  H N N 405 
TVD HO6  H N N 406 
TVD HO4  H N N 407 
TYR N    N N N 408 
TYR CA   C N S 409 
TYR C    C N N 410 
TYR O    O N N 411 
TYR CB   C N N 412 
TYR CG   C Y N 413 
TYR CD1  C Y N 414 
TYR CD2  C Y N 415 
TYR CE1  C Y N 416 
TYR CE2  C Y N 417 
TYR CZ   C Y N 418 
TYR OH   O N N 419 
TYR OXT  O N N 420 
TYR H    H N N 421 
TYR H2   H N N 422 
TYR HA   H N N 423 
TYR HB2  H N N 424 
TYR HB3  H N N 425 
TYR HD1  H N N 426 
TYR HD2  H N N 427 
TYR HE1  H N N 428 
TYR HE2  H N N 429 
TYR HH   H N N 430 
TYR HXT  H N N 431 
VAL N    N N N 432 
VAL CA   C N S 433 
VAL C    C N N 434 
VAL O    O N N 435 
VAL CB   C N N 436 
VAL CG1  C N N 437 
VAL CG2  C N N 438 
VAL OXT  O N N 439 
VAL H    H N N 440 
VAL H2   H N N 441 
VAL HA   H N N 442 
VAL HB   H N N 443 
VAL HG11 H N N 444 
VAL HG12 H N N 445 
VAL HG13 H N N 446 
VAL HG21 H N N 447 
VAL HG22 H N N 448 
VAL HG23 H N N 449 
VAL HXT  H N N 450 
# 
loop_
_chem_comp_bond.comp_id 
_chem_comp_bond.atom_id_1 
_chem_comp_bond.atom_id_2 
_chem_comp_bond.value_order 
_chem_comp_bond.pdbx_aromatic_flag 
_chem_comp_bond.pdbx_stereo_config 
_chem_comp_bond.pdbx_ordinal 
ALA N   CA   sing N N 1   
ALA N   H    sing N N 2   
ALA N   H2   sing N N 3   
ALA CA  C    sing N N 4   
ALA CA  CB   sing N N 5   
ALA CA  HA   sing N N 6   
ALA C   O    doub N N 7   
ALA C   OXT  sing N N 8   
ALA CB  HB1  sing N N 9   
ALA CB  HB2  sing N N 10  
ALA CB  HB3  sing N N 11  
ALA OXT HXT  sing N N 12  
ARG N   CA   sing N N 13  
ARG N   H    sing N N 14  
ARG N   H2   sing N N 15  
ARG CA  C    sing N N 16  
ARG CA  CB   sing N N 17  
ARG CA  HA   sing N N 18  
ARG C   O    doub N N 19  
ARG C   OXT  sing N N 20  
ARG CB  CG   sing N N 21  
ARG CB  HB2  sing N N 22  
ARG CB  HB3  sing N N 23  
ARG CG  CD   sing N N 24  
ARG CG  HG2  sing N N 25  
ARG CG  HG3  sing N N 26  
ARG CD  NE   sing N N 27  
ARG CD  HD2  sing N N 28  
ARG CD  HD3  sing N N 29  
ARG NE  CZ   sing N N 30  
ARG NE  HE   sing N N 31  
ARG CZ  NH1  sing N N 32  
ARG CZ  NH2  doub N N 33  
ARG NH1 HH11 sing N N 34  
ARG NH1 HH12 sing N N 35  
ARG NH2 HH21 sing N N 36  
ARG NH2 HH22 sing N N 37  
ARG OXT HXT  sing N N 38  
ASN N   CA   sing N N 39  
ASN N   H    sing N N 40  
ASN N   H2   sing N N 41  
ASN CA  C    sing N N 42  
ASN CA  CB   sing N N 43  
ASN CA  HA   sing N N 44  
ASN C   O    doub N N 45  
ASN C   OXT  sing N N 46  
ASN CB  CG   sing N N 47  
ASN CB  HB2  sing N N 48  
ASN CB  HB3  sing N N 49  
ASN CG  OD1  doub N N 50  
ASN CG  ND2  sing N N 51  
ASN ND2 HD21 sing N N 52  
ASN ND2 HD22 sing N N 53  
ASN OXT HXT  sing N N 54  
ASP N   CA   sing N N 55  
ASP N   H    sing N N 56  
ASP N   H2   sing N N 57  
ASP CA  C    sing N N 58  
ASP CA  CB   sing N N 59  
ASP CA  HA   sing N N 60  
ASP C   O    doub N N 61  
ASP C   OXT  sing N N 62  
ASP CB  CG   sing N N 63  
ASP CB  HB2  sing N N 64  
ASP CB  HB3  sing N N 65  
ASP CG  OD1  doub N N 66  
ASP CG  OD2  sing N N 67  
ASP OD2 HD2  sing N N 68  
ASP OXT HXT  sing N N 69  
CYS N   CA   sing N N 70  
CYS N   H    sing N N 71  
CYS N   H2   sing N N 72  
CYS CA  C    sing N N 73  
CYS CA  CB   sing N N 74  
CYS CA  HA   sing N N 75  
CYS C   O    doub N N 76  
CYS C   OXT  sing N N 77  
CYS CB  SG   sing N N 78  
CYS CB  HB2  sing N N 79  
CYS CB  HB3  sing N N 80  
CYS SG  HG   sing N N 81  
CYS OXT HXT  sing N N 82  
GAL C1  C2   sing N N 83  
GAL C1  O1   sing N N 84  
GAL C1  O5   sing N N 85  
GAL C1  H1   sing N N 86  
GAL C2  C3   sing N N 87  
GAL C2  O2   sing N N 88  
GAL C2  H2   sing N N 89  
GAL C3  C4   sing N N 90  
GAL C3  O3   sing N N 91  
GAL C3  H3   sing N N 92  
GAL C4  C5   sing N N 93  
GAL C4  O4   sing N N 94  
GAL C4  H4   sing N N 95  
GAL C5  C6   sing N N 96  
GAL C5  O5   sing N N 97  
GAL C5  H5   sing N N 98  
GAL C6  O6   sing N N 99  
GAL C6  H61  sing N N 100 
GAL C6  H62  sing N N 101 
GAL O1  HO1  sing N N 102 
GAL O2  HO2  sing N N 103 
GAL O3  HO3  sing N N 104 
GAL O4  HO4  sing N N 105 
GAL O6  HO6  sing N N 106 
GLN N   CA   sing N N 107 
GLN N   H    sing N N 108 
GLN N   H2   sing N N 109 
GLN CA  C    sing N N 110 
GLN CA  CB   sing N N 111 
GLN CA  HA   sing N N 112 
GLN C   O    doub N N 113 
GLN C   OXT  sing N N 114 
GLN CB  CG   sing N N 115 
GLN CB  HB2  sing N N 116 
GLN CB  HB3  sing N N 117 
GLN CG  CD   sing N N 118 
GLN CG  HG2  sing N N 119 
GLN CG  HG3  sing N N 120 
GLN CD  OE1  doub N N 121 
GLN CD  NE2  sing N N 122 
GLN NE2 HE21 sing N N 123 
GLN NE2 HE22 sing N N 124 
GLN OXT HXT  sing N N 125 
GLU N   CA   sing N N 126 
GLU N   H    sing N N 127 
GLU N   H2   sing N N 128 
GLU CA  C    sing N N 129 
GLU CA  CB   sing N N 130 
GLU CA  HA   sing N N 131 
GLU C   O    doub N N 132 
GLU C   OXT  sing N N 133 
GLU CB  CG   sing N N 134 
GLU CB  HB2  sing N N 135 
GLU CB  HB3  sing N N 136 
GLU CG  CD   sing N N 137 
GLU CG  HG2  sing N N 138 
GLU CG  HG3  sing N N 139 
GLU CD  OE1  doub N N 140 
GLU CD  OE2  sing N N 141 
GLU OE2 HE2  sing N N 142 
GLU OXT HXT  sing N N 143 
GLY N   CA   sing N N 144 
GLY N   H    sing N N 145 
GLY N   H2   sing N N 146 
GLY CA  C    sing N N 147 
GLY CA  HA2  sing N N 148 
GLY CA  HA3  sing N N 149 
GLY C   O    doub N N 150 
GLY C   OXT  sing N N 151 
GLY OXT HXT  sing N N 152 
HIS N   CA   sing N N 153 
HIS N   H    sing N N 154 
HIS N   H2   sing N N 155 
HIS CA  C    sing N N 156 
HIS CA  CB   sing N N 157 
HIS CA  HA   sing N N 158 
HIS C   O    doub N N 159 
HIS C   OXT  sing N N 160 
HIS CB  CG   sing N N 161 
HIS CB  HB2  sing N N 162 
HIS CB  HB3  sing N N 163 
HIS CG  ND1  sing Y N 164 
HIS CG  CD2  doub Y N 165 
HIS ND1 CE1  doub Y N 166 
HIS ND1 HD1  sing N N 167 
HIS CD2 NE2  sing Y N 168 
HIS CD2 HD2  sing N N 169 
HIS CE1 NE2  sing Y N 170 
HIS CE1 HE1  sing N N 171 
HIS NE2 HE2  sing N N 172 
HIS OXT HXT  sing N N 173 
HOH O   H1   sing N N 174 
HOH O   H2   sing N N 175 
ILE N   CA   sing N N 176 
ILE N   H    sing N N 177 
ILE N   H2   sing N N 178 
ILE CA  C    sing N N 179 
ILE CA  CB   sing N N 180 
ILE CA  HA   sing N N 181 
ILE C   O    doub N N 182 
ILE C   OXT  sing N N 183 
ILE CB  CG1  sing N N 184 
ILE CB  CG2  sing N N 185 
ILE CB  HB   sing N N 186 
ILE CG1 CD1  sing N N 187 
ILE CG1 HG12 sing N N 188 
ILE CG1 HG13 sing N N 189 
ILE CG2 HG21 sing N N 190 
ILE CG2 HG22 sing N N 191 
ILE CG2 HG23 sing N N 192 
ILE CD1 HD11 sing N N 193 
ILE CD1 HD12 sing N N 194 
ILE CD1 HD13 sing N N 195 
ILE OXT HXT  sing N N 196 
LEU N   CA   sing N N 197 
LEU N   H    sing N N 198 
LEU N   H2   sing N N 199 
LEU CA  C    sing N N 200 
LEU CA  CB   sing N N 201 
LEU CA  HA   sing N N 202 
LEU C   O    doub N N 203 
LEU C   OXT  sing N N 204 
LEU CB  CG   sing N N 205 
LEU CB  HB2  sing N N 206 
LEU CB  HB3  sing N N 207 
LEU CG  CD1  sing N N 208 
LEU CG  CD2  sing N N 209 
LEU CG  HG   sing N N 210 
LEU CD1 HD11 sing N N 211 
LEU CD1 HD12 sing N N 212 
LEU CD1 HD13 sing N N 213 
LEU CD2 HD21 sing N N 214 
LEU CD2 HD22 sing N N 215 
LEU CD2 HD23 sing N N 216 
LEU OXT HXT  sing N N 217 
LYS N   CA   sing N N 218 
LYS N   H    sing N N 219 
LYS N   H2   sing N N 220 
LYS CA  C    sing N N 221 
LYS CA  CB   sing N N 222 
LYS CA  HA   sing N N 223 
LYS C   O    doub N N 224 
LYS C   OXT  sing N N 225 
LYS CB  CG   sing N N 226 
LYS CB  HB2  sing N N 227 
LYS CB  HB3  sing N N 228 
LYS CG  CD   sing N N 229 
LYS CG  HG2  sing N N 230 
LYS CG  HG3  sing N N 231 
LYS CD  CE   sing N N 232 
LYS CD  HD2  sing N N 233 
LYS CD  HD3  sing N N 234 
LYS CE  NZ   sing N N 235 
LYS CE  HE2  sing N N 236 
LYS CE  HE3  sing N N 237 
LYS NZ  HZ1  sing N N 238 
LYS NZ  HZ2  sing N N 239 
LYS NZ  HZ3  sing N N 240 
LYS OXT HXT  sing N N 241 
MET N   CA   sing N N 242 
MET N   H    sing N N 243 
MET N   H2   sing N N 244 
MET CA  C    sing N N 245 
MET CA  CB   sing N N 246 
MET CA  HA   sing N N 247 
MET C   O    doub N N 248 
MET C   OXT  sing N N 249 
MET CB  CG   sing N N 250 
MET CB  HB2  sing N N 251 
MET CB  HB3  sing N N 252 
MET CG  SD   sing N N 253 
MET CG  HG2  sing N N 254 
MET CG  HG3  sing N N 255 
MET SD  CE   sing N N 256 
MET CE  HE1  sing N N 257 
MET CE  HE2  sing N N 258 
MET CE  HE3  sing N N 259 
MET OXT HXT  sing N N 260 
PHE N   CA   sing N N 261 
PHE N   H    sing N N 262 
PHE N   H2   sing N N 263 
PHE CA  C    sing N N 264 
PHE CA  CB   sing N N 265 
PHE CA  HA   sing N N 266 
PHE C   O    doub N N 267 
PHE C   OXT  sing N N 268 
PHE CB  CG   sing N N 269 
PHE CB  HB2  sing N N 270 
PHE CB  HB3  sing N N 271 
PHE CG  CD1  doub Y N 272 
PHE CG  CD2  sing Y N 273 
PHE CD1 CE1  sing Y N 274 
PHE CD1 HD1  sing N N 275 
PHE CD2 CE2  doub Y N 276 
PHE CD2 HD2  sing N N 277 
PHE CE1 CZ   doub Y N 278 
PHE CE1 HE1  sing N N 279 
PHE CE2 CZ   sing Y N 280 
PHE CE2 HE2  sing N N 281 
PHE CZ  HZ   sing N N 282 
PHE OXT HXT  sing N N 283 
PRO N   CA   sing N N 284 
PRO N   CD   sing N N 285 
PRO N   H    sing N N 286 
PRO CA  C    sing N N 287 
PRO CA  CB   sing N N 288 
PRO CA  HA   sing N N 289 
PRO C   O    doub N N 290 
PRO C   OXT  sing N N 291 
PRO CB  CG   sing N N 292 
PRO CB  HB2  sing N N 293 
PRO CB  HB3  sing N N 294 
PRO CG  CD   sing N N 295 
PRO CG  HG2  sing N N 296 
PRO CG  HG3  sing N N 297 
PRO CD  HD2  sing N N 298 
PRO CD  HD3  sing N N 299 
PRO OXT HXT  sing N N 300 
SER N   CA   sing N N 301 
SER N   H    sing N N 302 
SER N   H2   sing N N 303 
SER CA  C    sing N N 304 
SER CA  CB   sing N N 305 
SER CA  HA   sing N N 306 
SER C   O    doub N N 307 
SER C   OXT  sing N N 308 
SER CB  OG   sing N N 309 
SER CB  HB2  sing N N 310 
SER CB  HB3  sing N N 311 
SER OG  HG   sing N N 312 
SER OXT HXT  sing N N 313 
THR N   CA   sing N N 314 
THR N   H    sing N N 315 
THR N   H2   sing N N 316 
THR CA  C    sing N N 317 
THR CA  CB   sing N N 318 
THR CA  HA   sing N N 319 
THR C   O    doub N N 320 
THR C   OXT  sing N N 321 
THR CB  OG1  sing N N 322 
THR CB  CG2  sing N N 323 
THR CB  HB   sing N N 324 
THR OG1 HG1  sing N N 325 
THR CG2 HG21 sing N N 326 
THR CG2 HG22 sing N N 327 
THR CG2 HG23 sing N N 328 
THR OXT HXT  sing N N 329 
TRP N   CA   sing N N 330 
TRP N   H    sing N N 331 
TRP N   H2   sing N N 332 
TRP CA  C    sing N N 333 
TRP CA  CB   sing N N 334 
TRP CA  HA   sing N N 335 
TRP C   O    doub N N 336 
TRP C   OXT  sing N N 337 
TRP CB  CG   sing N N 338 
TRP CB  HB2  sing N N 339 
TRP CB  HB3  sing N N 340 
TRP CG  CD1  doub Y N 341 
TRP CG  CD2  sing Y N 342 
TRP CD1 NE1  sing Y N 343 
TRP CD1 HD1  sing N N 344 
TRP CD2 CE2  doub Y N 345 
TRP CD2 CE3  sing Y N 346 
TRP NE1 CE2  sing Y N 347 
TRP NE1 HE1  sing N N 348 
TRP CE2 CZ2  sing Y N 349 
TRP CE3 CZ3  doub Y N 350 
TRP CE3 HE3  sing N N 351 
TRP CZ2 CH2  doub Y N 352 
TRP CZ2 HZ2  sing N N 353 
TRP CZ3 CH2  sing Y N 354 
TRP CZ3 HZ3  sing N N 355 
TRP CH2 HH2  sing N N 356 
TRP OXT HXT  sing N N 357 
TVD O6  C6   sing N N 358 
TVD C6  C5   sing N N 359 
TVD O9  C9   doub N N 360 
TVD C5  O5   sing N N 361 
TVD C5  C4   sing N N 362 
TVD O5  C1   sing N N 363 
TVD C9  C10  sing N N 364 
TVD C9  N1   sing N N 365 
TVD N1  C1   sing N N 366 
TVD C1  C2   sing N N 367 
TVD C4  O4   sing N N 368 
TVD C4  C3   sing N N 369 
TVD C2  C3   sing N N 370 
TVD C2  N2   sing N N 371 
TVD C3  O3   sing N N 372 
TVD N2  C7   sing N N 373 
TVD O7  C7   doub N N 374 
TVD C7  C8   sing N N 375 
TVD C8  H81  sing N N 376 
TVD C8  H82  sing N N 377 
TVD C8  H83  sing N N 378 
TVD N2  HN2  sing N N 379 
TVD C2  H2   sing N N 380 
TVD C1  H1   sing N N 381 
TVD N1  HN1  sing N N 382 
TVD C10 H11  sing N N 383 
TVD C10 H12  sing N N 384 
TVD C10 H13  sing N N 385 
TVD C3  H3   sing N N 386 
TVD O3  HO3  sing N N 387 
TVD C4  H4   sing N N 388 
TVD C5  H5   sing N N 389 
TVD C6  H61  sing N N 390 
TVD C6  H62  sing N N 391 
TVD O6  HO6  sing N N 392 
TVD O4  HO4  sing N N 393 
TYR N   CA   sing N N 394 
TYR N   H    sing N N 395 
TYR N   H2   sing N N 396 
TYR CA  C    sing N N 397 
TYR CA  CB   sing N N 398 
TYR CA  HA   sing N N 399 
TYR C   O    doub N N 400 
TYR C   OXT  sing N N 401 
TYR CB  CG   sing N N 402 
TYR CB  HB2  sing N N 403 
TYR CB  HB3  sing N N 404 
TYR CG  CD1  doub Y N 405 
TYR CG  CD2  sing Y N 406 
TYR CD1 CE1  sing Y N 407 
TYR CD1 HD1  sing N N 408 
TYR CD2 CE2  doub Y N 409 
TYR CD2 HD2  sing N N 410 
TYR CE1 CZ   doub Y N 411 
TYR CE1 HE1  sing N N 412 
TYR CE2 CZ   sing Y N 413 
TYR CE2 HE2  sing N N 414 
TYR CZ  OH   sing N N 415 
TYR OH  HH   sing N N 416 
TYR OXT HXT  sing N N 417 
VAL N   CA   sing N N 418 
VAL N   H    sing N N 419 
VAL N   H2   sing N N 420 
VAL CA  C    sing N N 421 
VAL CA  CB   sing N N 422 
VAL CA  HA   sing N N 423 
VAL C   O    doub N N 424 
VAL C   OXT  sing N N 425 
VAL CB  CG1  sing N N 426 
VAL CB  CG2  sing N N 427 
VAL CB  HB   sing N N 428 
VAL CG1 HG11 sing N N 429 
VAL CG1 HG12 sing N N 430 
VAL CG1 HG13 sing N N 431 
VAL CG2 HG21 sing N N 432 
VAL CG2 HG22 sing N N 433 
VAL CG2 HG23 sing N N 434 
VAL OXT HXT  sing N N 435 
# 
loop_
_pdbx_entity_branch_list.entity_id 
_pdbx_entity_branch_list.comp_id 
_pdbx_entity_branch_list.num 
_pdbx_entity_branch_list.hetero 
2 TVD 1 n 
2 GAL 2 n 
# 
_pdbx_initial_refinement_model.id               1 
_pdbx_initial_refinement_model.entity_id_list   ? 
_pdbx_initial_refinement_model.type             'experimental model' 
_pdbx_initial_refinement_model.source_name      PDB 
_pdbx_initial_refinement_model.accession_code   3ZSL 
_pdbx_initial_refinement_model.details          ? 
# 
_atom_sites.entry_id                    5NF7 
_atom_sites.fract_transf_matrix[1][1]   -0.01981350 
_atom_sites.fract_transf_matrix[1][2]   0.01281078 
_atom_sites.fract_transf_matrix[1][3]   0.01346681 
_atom_sites.fract_transf_matrix[2][1]   -0.00131538 
_atom_sites.fract_transf_matrix[2][2]   0.01141307 
_atom_sites.fract_transf_matrix[2][3]   -0.01279239 
_atom_sites.fract_transf_matrix[3][1]   -0.01076929 
_atom_sites.fract_transf_matrix[3][2]   -0.00919576 
_atom_sites.fract_transf_matrix[3][3]   -0.00709689 
_atom_sites.fract_transf_vector[1]      0.332915 
_atom_sites.fract_transf_vector[2]      0.004778 
_atom_sites.fract_transf_vector[3]      0.108899 
# 
loop_
_atom_type.symbol 
C 
N 
O 
S 
# 
loop_
_atom_site.group_PDB 
_atom_site.id 
_atom_site.type_symbol 
_atom_site.label_atom_id 
_atom_site.label_alt_id 
_atom_site.label_comp_id 
_atom_site.label_asym_id 
_atom_site.label_entity_id 
_atom_site.label_seq_id 
_atom_site.pdbx_PDB_ins_code 
_atom_site.Cartn_x 
_atom_site.Cartn_y 
_atom_site.Cartn_z 
_atom_site.occupancy 
_atom_site.B_iso_or_equiv 
_atom_site.pdbx_formal_charge 
_atom_site.auth_seq_id 
_atom_site.auth_comp_id 
_atom_site.auth_asym_id 
_atom_site.auth_atom_id 
_atom_site.pdbx_PDB_model_num 
ATOM   1    N N   . PRO A 1 39  ? 11.743  -13.209 -8.132  1.00 33.59 ? 113 PRO A N   1 
ATOM   2    C CA  . PRO A 1 39  ? 11.283  -12.713 -6.809  1.00 33.29 ? 113 PRO A CA  1 
ATOM   3    C C   . PRO A 1 39  ? 12.166  -11.635 -6.238  1.00 30.04 ? 113 PRO A C   1 
ATOM   4    O O   . PRO A 1 39  ? 13.388  -11.578 -6.501  1.00 26.49 ? 113 PRO A O   1 
ATOM   5    C CB  . PRO A 1 39  ? 11.386  -13.932 -5.891  1.00 32.90 ? 113 PRO A CB  1 
ATOM   6    C CG  . PRO A 1 39  ? 12.422  -14.796 -6.521  1.00 34.07 ? 113 PRO A CG  1 
ATOM   7    C CD  . PRO A 1 39  ? 12.193  -14.611 -8.023  1.00 34.57 ? 113 PRO A CD  1 
ATOM   8    N N   . LEU A 1 40  ? 11.549  -10.816 -5.404  1.00 22.75 ? 114 LEU A N   1 
ATOM   9    C CA  . LEU A 1 40  ? 12.152  -9.648  -4.870  1.00 18.52 ? 114 LEU A CA  1 
ATOM   10   C C   . LEU A 1 40  ? 12.333  -9.766  -3.359  1.00 17.85 ? 114 LEU A C   1 
ATOM   11   O O   . LEU A 1 40  ? 11.450  -10.310 -2.655  1.00 22.48 ? 114 LEU A O   1 
ATOM   12   C CB  . LEU A 1 40  ? 11.278  -8.441  -5.184  1.00 19.04 ? 114 LEU A CB  1 
ATOM   13   C CG  . LEU A 1 40  ? 11.056  -8.116  -6.636  1.00 20.72 ? 114 LEU A CG  1 
ATOM   14   C CD1 . LEU A 1 40  ? 10.035  -6.979  -6.776  1.00 23.80 ? 114 LEU A CD1 1 
ATOM   15   C CD2 . LEU A 1 40  ? 12.337  -7.692  -7.387  1.00 24.19 ? 114 LEU A CD2 1 
ATOM   16   N N   . ILE A 1 41  ? 13.378  -9.190  -2.809  1.00 15.11 ? 115 ILE A N   1 
ATOM   17   C CA  . ILE A 1 41  ? 13.611  -9.271  -1.382  1.00 15.48 ? 115 ILE A CA  1 
ATOM   18   C C   . ILE A 1 41  ? 12.717  -8.221  -0.651  1.00 15.65 ? 115 ILE A C   1 
ATOM   19   O O   . ILE A 1 41  ? 12.739  -7.074  -1.049  1.00 16.58 ? 115 ILE A O   1 
ATOM   20   C CB  . ILE A 1 41  ? 15.082  -9.003  -1.090  1.00 18.12 ? 115 ILE A CB  1 
ATOM   21   C CG1 . ILE A 1 41  ? 15.895  -10.212 -1.568  1.00 20.47 ? 115 ILE A CG1 1 
ATOM   22   C CG2 . ILE A 1 41  ? 15.348  -8.688  0.396   1.00 21.98 ? 115 ILE A CG2 1 
ATOM   23   C CD1 . ILE A 1 41  ? 17.370  -10.001 -1.526  1.00 23.65 ? 115 ILE A CD1 1 
ATOM   24   N N   . VAL A 1 42  ? 12.019  -8.635  0.373   1.00 14.25 ? 116 VAL A N   1 
ATOM   25   C CA  . VAL A 1 42  ? 11.224  -7.788  1.239   1.00 15.09 ? 116 VAL A CA  1 
ATOM   26   C C   . VAL A 1 42  ? 12.001  -7.456  2.509   1.00 15.18 ? 116 VAL A C   1 
ATOM   27   O O   . VAL A 1 42  ? 12.577  -8.357  3.091   1.00 17.20 ? 116 VAL A O   1 
ATOM   28   C CB  . VAL A 1 42  ? 9.911   -8.534  1.493   1.00 16.52 ? 116 VAL A CB  1 
ATOM   29   C CG1 . VAL A 1 42  ? 8.993   -7.755  2.424   1.00 18.28 ? 116 VAL A CG1 1 
ATOM   30   C CG2 . VAL A 1 42  ? 9.194   -8.763  0.164   1.00 19.50 ? 116 VAL A CG2 1 
ATOM   31   N N   . PRO A 1 43  ? 12.050  -6.237  3.027   1.00 15.55 ? 117 PRO A N   1 
ATOM   32   C CA  . PRO A 1 43  ? 11.378  -5.066  2.475   1.00 15.20 ? 117 PRO A CA  1 
ATOM   33   C C   . PRO A 1 43  ? 12.039  -4.569  1.230   1.00 15.66 ? 117 PRO A C   1 
ATOM   34   O O   . PRO A 1 43  ? 13.260  -4.696  1.030   1.00 16.21 ? 117 PRO A O   1 
ATOM   35   C CB  . PRO A 1 43  ? 11.369  -4.063  3.585   1.00 19.28 ? 117 PRO A CB  1 
ATOM   36   C CG  . PRO A 1 43  ? 12.255  -4.527  4.605   1.00 20.14 ? 117 PRO A CG  1 
ATOM   37   C CD  . PRO A 1 43  ? 12.560  -5.967  4.373   1.00 17.60 ? 117 PRO A CD  1 
ATOM   38   N N   . TYR A 1 44  ? 11.205  -4.087  0.309   1.00 12.83 ? 118 TYR A N   1 
ATOM   39   C CA  . TYR A 1 44  ? 11.643  -3.679  -1.017  1.00 12.43 ? 118 TYR A CA  1 
ATOM   40   C C   . TYR A 1 44  ? 11.371  -2.223  -1.248  1.00 13.20 ? 118 TYR A C   1 
ATOM   41   O O   . TYR A 1 44  ? 10.301  -1.745  -0.992  1.00 15.24 ? 118 TYR A O   1 
ATOM   42   C CB  . TYR A 1 44  ? 10.885  -4.458  -2.085  1.00 13.00 ? 118 TYR A CB  1 
ATOM   43   C CG  . TYR A 1 44  ? 11.292  -4.249  -3.478  1.00 15.01 ? 118 TYR A CG  1 
ATOM   44   C CD1 . TYR A 1 44  ? 12.395  -4.925  -3.971  1.00 17.89 ? 118 TYR A CD1 1 
ATOM   45   C CD2 . TYR A 1 44  ? 10.645  -3.382  -4.311  1.00 14.51 ? 118 TYR A CD2 1 
ATOM   46   C CE1 . TYR A 1 44  ? 12.790  -4.720  -5.266  1.00 19.62 ? 118 TYR A CE1 1 
ATOM   47   C CE2 . TYR A 1 44  ? 11.036  -3.181  -5.634  1.00 17.21 ? 118 TYR A CE2 1 
ATOM   48   C CZ  . TYR A 1 44  ? 12.126  -3.825  -6.074  1.00 19.52 ? 118 TYR A CZ  1 
ATOM   49   O OH  . TYR A 1 44  ? 12.539  -3.668  -7.374  1.00 24.36 ? 118 TYR A OH  1 
ATOM   50   N N   . ASN A 1 45  ? 12.337  -1.510  -1.754  1.00 12.63 ? 119 ASN A N   1 
ATOM   51   C CA  . ASN A 1 45  ? 12.147  -0.115  -2.115  1.00 12.53 ? 119 ASN A CA  1 
ATOM   52   C C   . ASN A 1 45  ? 12.058  0.063   -3.635  1.00 13.78 ? 119 ASN A C   1 
ATOM   53   O O   . ASN A 1 45  ? 12.962  -0.396  -4.451  1.00 15.47 ? 119 ASN A O   1 
ATOM   54   C CB  . ASN A 1 45  ? 13.332  0.695   -1.645  1.00 14.73 ? 119 ASN A CB  1 
ATOM   55   C CG  . ASN A 1 45  ? 13.187  2.160   -2.043  1.00 22.49 ? 119 ASN A CG  1 
ATOM   56   O OD1 . ASN A 1 45  ? 12.213  2.803   -1.648  1.00 24.74 ? 119 ASN A OD1 1 
ATOM   57   N ND2 . ASN A 1 45  ? 14.092  2.681   -2.913  1.00 26.12 ? 119 ASN A ND2 1 
ATOM   58   N N   . LEU A 1 46  ? 10.928  0.594   -4.098  1.00 11.21 ? 120 LEU A N   1 
ATOM   59   C CA  . LEU A 1 46  ? 10.649  0.882   -5.459  1.00 10.64 ? 120 LEU A CA  1 
ATOM   60   C C   . LEU A 1 46  ? 10.820  2.367   -5.647  1.00 10.55 ? 120 LEU A C   1 
ATOM   61   O O   . LEU A 1 46  ? 9.994   3.145   -5.224  1.00 10.84 ? 120 LEU A O   1 
ATOM   62   C CB  . LEU A 1 46  ? 9.235   0.469   -5.881  1.00 12.57 ? 120 LEU A CB  1 
ATOM   63   C CG  . LEU A 1 46  ? 8.795   0.755   -7.285  1.00 13.76 ? 120 LEU A CG  1 
ATOM   64   C CD1 . LEU A 1 46  ? 9.571   -0.061  -8.293  1.00 17.26 ? 120 LEU A CD1 1 
ATOM   65   C CD2 . LEU A 1 46  ? 7.310   0.548   -7.483  1.00 15.61 ? 120 LEU A CD2 1 
ATOM   66   N N   . PRO A 1 47  ? 11.872  2.885   -6.298  1.00 10.27 ? 121 PRO A N   1 
ATOM   67   C CA  . PRO A 1 47  ? 11.974  4.270   -6.598  1.00 10.65 ? 121 PRO A CA  1 
ATOM   68   C C   . PRO A 1 47  ? 10.940  4.734   -7.534  1.00 9.93  ? 121 PRO A C   1 
ATOM   69   O O   . PRO A 1 47  ? 10.530  3.950   -8.407  1.00 12.25 ? 121 PRO A O   1 
ATOM   70   C CB  . PRO A 1 47  ? 13.338  4.368   -7.305  1.00 11.84 ? 121 PRO A CB  1 
ATOM   71   C CG  . PRO A 1 47  ? 14.087  3.128   -6.905  1.00 13.81 ? 121 PRO A CG  1 
ATOM   72   C CD  . PRO A 1 47  ? 13.041  2.097   -6.757  1.00 12.90 ? 121 PRO A CD  1 
ATOM   73   N N   . LEU A 1 48  ? 10.390  5.960   -7.370  1.00 9.11  ? 122 LEU A N   1 
ATOM   74   C CA  . LEU A 1 48  ? 9.375   6.518   -8.227  1.00 8.91  ? 122 LEU A CA  1 
ATOM   75   C C   . LEU A 1 48  ? 9.981   7.781   -8.832  1.00 9.88  ? 122 LEU A C   1 
ATOM   76   O O   . LEU A 1 48  ? 9.906   8.864   -8.204  1.00 11.13 ? 122 LEU A O   1 
ATOM   77   C CB  . LEU A 1 48  ? 8.135   6.878   -7.360  1.00 11.03 ? 122 LEU A CB  1 
ATOM   78   C CG  . LEU A 1 48  ? 7.537   5.646   -6.627  1.00 13.06 ? 122 LEU A CG  1 
ATOM   79   C CD1 . LEU A 1 48  ? 6.445   6.127   -5.702  1.00 12.97 ? 122 LEU A CD1 1 
ATOM   80   C CD2 . LEU A 1 48  ? 7.074   4.617   -7.610  1.00 14.12 ? 122 LEU A CD2 1 
ATOM   81   N N   . PRO A 1 49  ? 10.729  7.631   -9.932  1.00 9.27  ? 123 PRO A N   1 
ATOM   82   C CA  . PRO A 1 49  ? 11.542  8.766   -10.368 1.00 11.16 ? 123 PRO A CA  1 
ATOM   83   C C   . PRO A 1 49  ? 10.736  10.038  -10.716 1.00 10.61 ? 123 PRO A C   1 
ATOM   84   O O   . PRO A 1 49  ? 9.888   10.096  -11.539 1.00 12.26 ? 123 PRO A O   1 
ATOM   85   C CB  . PRO A 1 49  ? 12.232  8.196   -11.636 1.00 10.76 ? 123 PRO A CB  1 
ATOM   86   C CG  . PRO A 1 49  ? 12.259  6.732   -11.376 1.00 10.69 ? 123 PRO A CG  1 
ATOM   87   C CD  . PRO A 1 49  ? 10.949  6.463   -10.729 1.00 9.92  ? 123 PRO A CD  1 
ATOM   88   N N   . GLY A 1 50  ? 11.136  11.134  -10.147 1.00 12.09 ? 124 GLY A N   1 
ATOM   89   C CA  . GLY A 1 50  ? 10.414  12.394  -10.333 1.00 10.83 ? 124 GLY A CA  1 
ATOM   90   C C   . GLY A 1 50  ? 9.103   12.507  -9.564  1.00 10.97 ? 124 GLY A C   1 
ATOM   91   O O   . GLY A 1 50  ? 8.315   13.429  -9.797  1.00 11.13 ? 124 GLY A O   1 
ATOM   92   N N   . GLY A 1 51  ? 8.842   11.519  -8.677  1.00 11.12 ? 125 GLY A N   1 
ATOM   93   C CA  . GLY A 1 51  ? 7.641   11.478  -7.873  1.00 10.23 ? 125 GLY A CA  1 
ATOM   94   C C   . GLY A 1 51  ? 6.451   10.892  -8.548  1.00 11.98 ? 125 GLY A C   1 
ATOM   95   O O   . GLY A 1 51  ? 6.506   10.324  -9.618  1.00 13.94 ? 125 GLY A O   1 
ATOM   96   N N   . VAL A 1 52  ? 5.377   10.914  -7.867  1.00 10.89 ? 126 VAL A N   1 
ATOM   97   C CA  . VAL A 1 52  ? 4.111   10.435  -8.442  1.00 12.60 ? 126 VAL A CA  1 
ATOM   98   C C   . VAL A 1 52  ? 3.405   11.568  -9.108  1.00 13.01 ? 126 VAL A C   1 
ATOM   99   O O   . VAL A 1 52  ? 3.644   12.801  -8.917  1.00 13.07 ? 126 VAL A O   1 
ATOM   100  C CB  . VAL A 1 52  ? 3.212   9.733   -7.471  1.00 13.67 ? 126 VAL A CB  1 
ATOM   101  C CG1 . VAL A 1 52  ? 3.937   8.590   -6.747  1.00 15.33 ? 126 VAL A CG1 1 
ATOM   102  C CG2 . VAL A 1 52  ? 2.618   10.708  -6.477  1.00 13.77 ? 126 VAL A CG2 1 
ATOM   103  N N   . VAL A 1 53  ? 2.508   11.194  -9.957  1.00 13.07 ? 127 VAL A N   1 
ATOM   104  C CA  . VAL A 1 53  ? 1.759   12.123  -10.818 1.00 14.47 ? 127 VAL A CA  1 
ATOM   105  C C   . VAL A 1 53  ? 0.455   11.424  -11.115 1.00 12.44 ? 127 VAL A C   1 
ATOM   106  O O   . VAL A 1 53  ? 0.424   10.200  -11.245 1.00 13.06 ? 127 VAL A O   1 
ATOM   107  C CB  . VAL A 1 53  ? 2.576   12.395  -12.136 1.00 17.69 ? 127 VAL A CB  1 
ATOM   108  C CG1 . VAL A 1 53  ? 2.743   11.198  -13.020 1.00 17.77 ? 127 VAL A CG1 1 
ATOM   109  C CG2 . VAL A 1 53  ? 1.998   13.516  -12.903 1.00 20.34 ? 127 VAL A CG2 1 
ATOM   110  N N   . PRO A 1 54  ? -0.615  12.195  -11.357 1.00 11.71 ? 128 PRO A N   1 
ATOM   111  C CA  . PRO A 1 54  ? -1.837  11.559  -11.790 1.00 12.53 ? 128 PRO A CA  1 
ATOM   112  C C   . PRO A 1 54  ? -1.573  10.783  -13.074 1.00 12.46 ? 128 PRO A C   1 
ATOM   113  O O   . PRO A 1 54  ? -0.794  11.177  -13.980 1.00 14.84 ? 128 PRO A O   1 
ATOM   114  C CB  . PRO A 1 54  ? -2.860  12.703  -11.915 1.00 14.04 ? 128 PRO A CB  1 
ATOM   115  C CG  . PRO A 1 54  ? -2.314  13.719  -10.960 1.00 14.22 ? 128 PRO A CG  1 
ATOM   116  C CD  . PRO A 1 54  ? -0.839  13.619  -11.029 1.00 13.17 ? 128 PRO A CD  1 
ATOM   117  N N   . ARG A 1 55  ? -2.290  9.681   -13.150 1.00 13.93 ? 129 ARG A N   1 
ATOM   118  C CA  . ARG A 1 55  ? -2.206  8.674   -14.207 1.00 13.17 ? 129 ARG A CA  1 
ATOM   119  C C   . ARG A 1 55  ? -1.108  7.663   -14.058 1.00 12.87 ? 129 ARG A C   1 
ATOM   120  O O   . ARG A 1 55  ? -1.044  6.671   -14.850 1.00 14.66 ? 129 ARG A O   1 
ATOM   121  C CB  . ARG A 1 55  ? -2.185  9.252   -15.648 1.00 16.64 ? 129 ARG A CB  1 
ATOM   122  C CG  . ARG A 1 55  ? -3.349  10.177  -15.832 1.00 19.30 ? 129 ARG A CG  1 
ATOM   123  C CD  . ARG A 1 55  ? -3.696  10.471  -17.308 1.00 24.76 ? 129 ARG A CD  1 
ATOM   124  N NE  . ARG A 1 55  ? -4.266  9.305   -17.951 1.00 26.89 ? 129 ARG A NE  1 
ATOM   125  C CZ  . ARG A 1 55  ? -5.483  8.775   -17.694 1.00 32.36 ? 129 ARG A CZ  1 
ATOM   126  N NH1 . ARG A 1 55  ? -6.328  9.306   -16.804 1.00 32.42 ? 129 ARG A NH1 1 
ATOM   127  N NH2 . ARG A 1 55  ? -5.850  7.669   -18.329 1.00 36.61 ? 129 ARG A NH2 1 
ATOM   128  N N   . MET A 1 56  ? -0.305  7.744   -12.998 1.00 11.46 ? 130 MET A N   1 
ATOM   129  C CA  A MET A 1 56  ? 0.641   6.701   -12.693 0.50 11.89 ? 130 MET A CA  1 
ATOM   130  C CA  B MET A 1 56  ? 0.660   6.722   -12.677 0.50 11.91 ? 130 MET A CA  1 
ATOM   131  C C   . MET A 1 56  ? -0.039  5.554   -11.975 1.00 10.92 ? 130 MET A C   1 
ATOM   132  O O   . MET A 1 56  ? -0.804  5.798   -10.968 1.00 11.33 ? 130 MET A O   1 
ATOM   133  C CB  A MET A 1 56  ? 1.797   7.238   -11.864 0.50 12.36 ? 130 MET A CB  1 
ATOM   134  C CB  B MET A 1 56  ? 1.791   7.297   -11.811 0.50 12.35 ? 130 MET A CB  1 
ATOM   135  C CG  A MET A 1 56  ? 2.731   6.223   -11.223 0.50 12.76 ? 130 MET A CG  1 
ATOM   136  C CG  B MET A 1 56  ? 3.132   6.581   -11.863 0.50 13.09 ? 130 MET A CG  1 
ATOM   137  S SD  A MET A 1 56  ? 4.007   7.261   -10.483 0.50 17.71 ? 130 MET A SD  1 
ATOM   138  S SD  B MET A 1 56  ? 4.430   7.461   -10.980 0.50 14.86 ? 130 MET A SD  1 
ATOM   139  C CE  A MET A 1 56  ? 5.455   6.256   -10.734 0.50 14.21 ? 130 MET A CE  1 
ATOM   140  C CE  B MET A 1 56  ? 3.901   6.585   -9.558  0.50 11.28 ? 130 MET A CE  1 
ATOM   141  N N   . LEU A 1 57  ? 0.182   4.325   -12.486 1.00 11.03 ? 131 LEU A N   1 
ATOM   142  C CA  . LEU A 1 57  ? -0.393  3.116   -11.935 1.00 11.38 ? 131 LEU A CA  1 
ATOM   143  C C   . LEU A 1 57  ? 0.682   2.240   -11.399 1.00 10.76 ? 131 LEU A C   1 
ATOM   144  O O   . LEU A 1 57  ? 1.580   1.857   -12.166 1.00 12.65 ? 131 LEU A O   1 
ATOM   145  C CB  . LEU A 1 57  ? -1.174  2.395   -13.055 1.00 12.43 ? 131 LEU A CB  1 
ATOM   146  C CG  . LEU A 1 57  ? -1.807  1.078   -12.640 1.00 13.26 ? 131 LEU A CG  1 
ATOM   147  C CD1 . LEU A 1 57  ? -2.968  1.276   -11.707 1.00 13.93 ? 131 LEU A CD1 1 
ATOM   148  C CD2 . LEU A 1 57  ? -2.282  0.305   -13.833 1.00 15.94 ? 131 LEU A CD2 1 
ATOM   149  N N   . ILE A 1 58  ? 0.661   1.918   -10.108 1.00 9.89  ? 132 ILE A N   1 
ATOM   150  C CA  . ILE A 1 58  ? 1.624   1.050   -9.499  1.00 10.91 ? 132 ILE A CA  1 
ATOM   151  C C   . ILE A 1 58  ? 0.952   -0.305  -9.319  1.00 12.23 ? 132 ILE A C   1 
ATOM   152  O O   . ILE A 1 58  ? -0.145  -0.393  -8.809  1.00 12.97 ? 132 ILE A O   1 
ATOM   153  C CB  . ILE A 1 58  ? 2.107   1.612   -8.217  1.00 13.64 ? 132 ILE A CB  1 
ATOM   154  C CG1 . ILE A 1 58  ? 2.872   2.971   -8.471  1.00 16.72 ? 132 ILE A CG1 1 
ATOM   155  C CG2 . ILE A 1 58  ? 2.983   0.555   -7.508  1.00 15.53 ? 132 ILE A CG2 1 
ATOM   156  C CD1 . ILE A 1 58  ? 2.151   4.209   -7.943  1.00 25.50 ? 132 ILE A CD1 1 
ATOM   157  N N   . THR A 1 59  ? 1.617   -1.354  -9.731  1.00 10.17 ? 133 THR A N   1 
ATOM   158  C CA  . THR A 1 59  ? 1.103   -2.706  -9.596  1.00 10.97 ? 133 THR A CA  1 
ATOM   159  C C   . THR A 1 59  ? 2.054   -3.557  -8.786  1.00 10.69 ? 133 THR A C   1 
ATOM   160  O O   . THR A 1 59  ? 3.240   -3.674  -9.142  1.00 12.93 ? 133 THR A O   1 
ATOM   161  C CB  . THR A 1 59  ? 0.882   -3.376  -10.984 1.00 13.46 ? 133 THR A CB  1 
ATOM   162  O OG1 . THR A 1 59  ? -0.035  -2.589  -11.756 1.00 14.50 ? 133 THR A OG1 1 
ATOM   163  C CG2 . THR A 1 59  ? 0.293   -4.809  -10.839 1.00 13.92 ? 133 THR A CG2 1 
ATOM   164  N N   . ILE A 1 60  ? 1.529   -4.225  -7.793  1.00 10.92 ? 134 ILE A N   1 
ATOM   165  C CA  A ILE A 1 60  ? 2.272   -5.044  -6.827  0.50 10.79 ? 134 ILE A CA  1 
ATOM   166  C CA  B ILE A 1 60  ? 2.294   -5.109  -6.917  0.50 10.88 ? 134 ILE A CA  1 
ATOM   167  C C   . ILE A 1 60  ? 1.685   -6.463  -6.913  1.00 11.77 ? 134 ILE A C   1 
ATOM   168  O O   . ILE A 1 60  ? 0.482   -6.640  -6.639  1.00 12.50 ? 134 ILE A O   1 
ATOM   169  C CB  A ILE A 1 60  ? 2.185   -4.434  -5.386  0.50 11.45 ? 134 ILE A CB  1 
ATOM   170  C CB  B ILE A 1 60  ? 2.361   -4.634  -5.482  0.50 11.51 ? 134 ILE A CB  1 
ATOM   171  C CG1 A ILE A 1 60  ? 2.695   -2.977  -5.283  0.50 11.41 ? 134 ILE A CG1 1 
ATOM   172  C CG1 B ILE A 1 60  ? 2.980   -3.263  -5.439  0.50 12.15 ? 134 ILE A CG1 1 
ATOM   173  C CG2 A ILE A 1 60  ? 2.925   -5.246  -4.375  0.50 11.69 ? 134 ILE A CG2 1 
ATOM   174  C CG2 B ILE A 1 60  ? 3.130   -5.644  -4.641  0.50 11.95 ? 134 ILE A CG2 1 
ATOM   175  C CD1 A ILE A 1 60  ? 4.080   -2.802  -5.835  0.50 13.02 ? 134 ILE A CD1 1 
ATOM   176  C CD1 B ILE A 1 60  ? 2.713   -2.607  -4.148  0.50 13.51 ? 134 ILE A CD1 1 
ATOM   177  N N   . LEU A 1 61  ? 2.513   -7.454  -7.190  1.00 11.19 ? 135 LEU A N   1 
ATOM   178  C CA  . LEU A 1 61  ? 2.023   -8.853  -7.232  1.00 10.95 ? 135 LEU A CA  1 
ATOM   179  C C   . LEU A 1 61  ? 2.812   -9.645  -6.175  1.00 10.78 ? 135 LEU A C   1 
ATOM   180  O O   . LEU A 1 61  ? 4.060   -9.490  -6.053  1.00 10.62 ? 135 LEU A O   1 
ATOM   181  C CB  . LEU A 1 61  ? 2.319   -9.559  -8.579  1.00 12.78 ? 135 LEU A CB  1 
ATOM   182  C CG  . LEU A 1 61  ? 1.534   -9.053  -9.761  1.00 17.16 ? 135 LEU A CG  1 
ATOM   183  C CD1 . LEU A 1 61  ? 2.119   -9.744  -11.027 1.00 20.98 ? 135 LEU A CD1 1 
ATOM   184  C CD2 . LEU A 1 61  ? 0.132   -9.454  -9.546  1.00 17.87 ? 135 LEU A CD2 1 
ATOM   185  N N   . GLY A 1 62  ? 2.095   -10.406 -5.376  1.00 11.30 ? 136 GLY A N   1 
ATOM   186  C CA  . GLY A 1 62  ? 2.790   -11.205 -4.353  1.00 12.67 ? 136 GLY A CA  1 
ATOM   187  C C   . GLY A 1 62  ? 1.866   -12.236 -3.792  1.00 12.62 ? 136 GLY A C   1 
ATOM   188  O O   . GLY A 1 62  ? 0.757   -12.450 -4.343  1.00 12.35 ? 136 GLY A O   1 
ATOM   189  N N   . THR A 1 63  ? 2.349   -12.960 -2.800  1.00 10.91 ? 137 THR A N   1 
ATOM   190  C CA  . THR A 1 63  ? 1.536   -13.956 -2.083  1.00 12.35 ? 137 THR A CA  1 
ATOM   191  C C   . THR A 1 63  ? 1.664   -13.731 -0.617  1.00 12.60 ? 137 THR A C   1 
ATOM   192  O O   . THR A 1 63  ? 2.747   -13.478 -0.105  1.00 13.79 ? 137 THR A O   1 
ATOM   193  C CB  . THR A 1 63  ? 2.011   -15.391 -2.437  1.00 13.93 ? 137 THR A CB  1 
ATOM   194  O OG1 . THR A 1 63  ? 1.842   -15.571 -3.859  1.00 16.97 ? 137 THR A OG1 1 
ATOM   195  C CG2 . THR A 1 63  ? 1.134   -16.442 -1.775  1.00 15.64 ? 137 THR A CG2 1 
ATOM   196  N N   . VAL A 1 64  ? 0.553   -13.765 0.092   1.00 11.26 ? 138 VAL A N   1 
ATOM   197  C CA  . VAL A 1 64  ? 0.557   -13.572 1.534   1.00 11.42 ? 138 VAL A CA  1 
ATOM   198  C C   . VAL A 1 64  ? 1.122   -14.822 2.166   1.00 13.51 ? 138 VAL A C   1 
ATOM   199  O O   . VAL A 1 64  ? 0.734   -15.919 1.779   1.00 13.46 ? 138 VAL A O   1 
ATOM   200  C CB  . VAL A 1 64  ? -0.874  -13.309 2.061   1.00 11.70 ? 138 VAL A CB  1 
ATOM   201  C CG1 . VAL A 1 64  ? -0.862  -13.082 3.542   1.00 12.23 ? 138 VAL A CG1 1 
ATOM   202  C CG2 . VAL A 1 64  ? -1.422  -12.083 1.375   1.00 11.05 ? 138 VAL A CG2 1 
ATOM   203  N N   . LYS A 1 65  ? 2.061   -14.669 3.111   1.00 13.56 ? 139 LYS A N   1 
ATOM   204  C CA  . LYS A 1 65  ? 2.587   -15.835 3.844   1.00 15.63 ? 139 LYS A CA  1 
ATOM   205  C C   . LYS A 1 65  ? 1.497   -16.509 4.646   1.00 14.95 ? 139 LYS A C   1 
ATOM   206  O O   . LYS A 1 65  ? 0.492   -15.898 5.017   1.00 14.91 ? 139 LYS A O   1 
ATOM   207  C CB  . LYS A 1 65  ? 3.712   -15.348 4.714   1.00 16.43 ? 139 LYS A CB  1 
ATOM   208  C CG  . LYS A 1 65  ? 4.956   -14.974 3.945   1.00 18.21 ? 139 LYS A CG  1 
ATOM   209  C CD  . LYS A 1 65  ? 6.051   -14.457 4.860   1.00 23.70 ? 139 LYS A CD  1 
ATOM   210  C CE  . LYS A 1 65  ? 7.308   -14.226 4.062   1.00 27.57 ? 139 LYS A CE  1 
ATOM   211  N NZ  . LYS A 1 65  ? 8.443   -13.938 4.953   1.00 35.94 ? 139 LYS A NZ  1 
ATOM   212  N N   A PRO A 1 66  ? 1.671   -17.828 4.937   0.50 15.99 ? 140 PRO A N   1 
ATOM   213  N N   B PRO A 1 66  ? 1.731   -17.803 5.007   0.50 16.52 ? 140 PRO A N   1 
ATOM   214  C CA  A PRO A 1 66  ? 0.754   -18.380 5.914   0.50 17.08 ? 140 PRO A CA  1 
ATOM   215  C CA  B PRO A 1 66  ? 0.692   -18.597 5.678   0.50 17.78 ? 140 PRO A CA  1 
ATOM   216  C C   A PRO A 1 66  ? 0.913   -17.678 7.283   0.50 16.75 ? 140 PRO A C   1 
ATOM   217  C C   B PRO A 1 66  ? 0.099   -18.016 6.981   0.50 16.26 ? 140 PRO A C   1 
ATOM   218  O O   A PRO A 1 66  ? 2.038   -17.233 7.637   0.50 17.51 ? 140 PRO A O   1 
ATOM   219  O O   B PRO A 1 66  ? -1.106  -18.108 7.232   0.50 18.28 ? 140 PRO A O   1 
ATOM   220  C CB  A PRO A 1 66  ? 1.177   -19.858 5.936   0.50 17.16 ? 140 PRO A CB  1 
ATOM   221  C CB  B PRO A 1 66  ? 1.427   -19.900 6.034   0.50 17.97 ? 140 PRO A CB  1 
ATOM   222  C CG  A PRO A 1 66  ? 1.681   -20.122 4.556   0.50 15.80 ? 140 PRO A CG  1 
ATOM   223  C CG  B PRO A 1 66  ? 2.748   -19.882 5.399   0.50 17.37 ? 140 PRO A CG  1 
ATOM   224  C CD  A PRO A 1 66  ? 2.365   -18.860 4.144   0.50 16.51 ? 140 PRO A CD  1 
ATOM   225  C CD  B PRO A 1 66  ? 2.969   -18.553 4.702   0.50 17.62 ? 140 PRO A CD  1 
ATOM   226  N N   A ASN A 1 67  ? -0.207  -17.579 8.000   0.50 17.01 ? 141 ASN A N   1 
ATOM   227  N N   B ASN A 1 67  ? 0.933   -17.456 7.836   0.50 14.84 ? 141 ASN A N   1 
ATOM   228  C CA  A ASN A 1 67  ? -0.361  -16.893 9.326   0.50 18.54 ? 141 ASN A CA  1 
ATOM   229  C CA  B ASN A 1 67  ? 0.506   -17.002 9.129   0.50 17.44 ? 141 ASN A CA  1 
ATOM   230  C C   A ASN A 1 67  ? 0.246   -15.493 9.354   0.50 17.71 ? 141 ASN A C   1 
ATOM   231  C C   B ASN A 1 67  ? 0.780   -15.541 9.190   0.50 17.26 ? 141 ASN A C   1 
ATOM   232  O O   A ASN A 1 67  ? 0.735   -15.030 10.382  0.50 15.06 ? 141 ASN A O   1 
ATOM   233  O O   B ASN A 1 67  ? 1.449   -15.049 10.068  0.50 16.70 ? 141 ASN A O   1 
ATOM   234  C CB  A ASN A 1 67  ? 0.295   -17.701 10.454  0.50 20.27 ? 141 ASN A CB  1 
ATOM   235  C CB  B ASN A 1 67  ? 1.166   -17.789 10.245  0.50 17.61 ? 141 ASN A CB  1 
ATOM   236  C CG  A ASN A 1 67  ? -0.320  -19.077 10.642  0.50 24.61 ? 141 ASN A CG  1 
ATOM   237  C CG  B ASN A 1 67  ? 0.716   -19.252 10.230  0.50 20.96 ? 141 ASN A CG  1 
ATOM   238  O OD1 A ASN A 1 67  ? 0.324   -20.099 10.341  0.50 28.85 ? 141 ASN A OD1 1 
ATOM   239  O OD1 B ASN A 1 67  ? -0.522  -19.573 10.294  0.50 23.30 ? 141 ASN A OD1 1 
ATOM   240  N ND2 A ASN A 1 67  ? -1.553  -19.123 11.130  0.50 26.00 ? 141 ASN A ND2 1 
ATOM   241  N ND2 B ASN A 1 67  ? 1.687   -20.142 10.042  0.50 24.03 ? 141 ASN A ND2 1 
ATOM   242  N N   . ALA A 1 68  ? 0.240   -14.826 8.194   1.00 17.62 ? 142 ALA A N   1 
ATOM   243  C CA  . ALA A 1 68  ? 0.588   -13.405 8.127   1.00 15.25 ? 142 ALA A CA  1 
ATOM   244  C C   . ALA A 1 68  ? -0.065  -12.606 9.233   1.00 12.86 ? 142 ALA A C   1 
ATOM   245  O O   . ALA A 1 68  ? -1.203  -12.789 9.608   1.00 15.10 ? 142 ALA A O   1 
ATOM   246  C CB  . ALA A 1 68  ? 0.121   -12.868 6.804   1.00 15.85 ? 142 ALA A CB  1 
ATOM   247  N N   . ASN A 1 69  ? 0.685   -11.586 9.628   1.00 13.26 ? 143 ASN A N   1 
ATOM   248  C CA  A ASN A 1 69  ? 0.210   -10.583 10.546  0.50 13.19 ? 143 ASN A CA  1 
ATOM   249  C CA  B ASN A 1 69  ? 0.153   -10.610 10.537  0.50 13.32 ? 143 ASN A CA  1 
ATOM   250  C C   . ASN A 1 69  ? -0.104  -9.221  9.899   1.00 12.29 ? 143 ASN A C   1 
ATOM   251  O O   . ASN A 1 69  ? -1.052  -8.564  10.247  1.00 11.94 ? 143 ASN A O   1 
ATOM   252  C CB  A ASN A 1 69  ? 1.229   -10.343 11.667  0.50 15.10 ? 143 ASN A CB  1 
ATOM   253  C CB  B ASN A 1 69  ? 1.041   -10.493 11.787  0.50 15.38 ? 143 ASN A CB  1 
ATOM   254  C CG  A ASN A 1 69  ? 1.378   -11.542 12.581  0.50 17.61 ? 143 ASN A CG  1 
ATOM   255  C CG  B ASN A 1 69  ? 0.487   -9.543  12.825  0.50 18.15 ? 143 ASN A CG  1 
ATOM   256  O OD1 A ASN A 1 69  ? 2.496   -11.949 12.870  0.50 22.69 ? 143 ASN A OD1 1 
ATOM   257  O OD1 B ASN A 1 69  ? -0.541  -9.791  13.461  0.50 21.34 ? 143 ASN A OD1 1 
ATOM   258  N ND2 A ASN A 1 69  ? 0.280   -12.097 13.012  0.50 19.20 ? 143 ASN A ND2 1 
ATOM   259  N ND2 B ASN A 1 69  ? 1.166   -8.430  12.982  0.50 20.73 ? 143 ASN A ND2 1 
ATOM   260  N N   . ARG A 1 70  ? 0.753   -8.798  8.974   1.00 12.30 ? 144 ARG A N   1 
ATOM   261  C CA  . ARG A 1 70  ? 0.617   -7.460  8.386   1.00 12.43 ? 144 ARG A CA  1 
ATOM   262  C C   . ARG A 1 70  ? 1.257   -7.364  7.036   1.00 14.14 ? 144 ARG A C   1 
ATOM   263  O O   . ARG A 1 70  ? 2.120   -8.138  6.688   1.00 15.07 ? 144 ARG A O   1 
ATOM   264  C CB  . ARG A 1 70  ? 1.174   -6.377  9.276   1.00 15.68 ? 144 ARG A CB  1 
ATOM   265  C CG  . ARG A 1 70  ? 2.672   -6.565  9.403   1.00 15.28 ? 144 ARG A CG  1 
ATOM   266  C CD  . ARG A 1 70  ? 3.301   -5.622  10.396  1.00 17.85 ? 144 ARG A CD  1 
ATOM   267  N NE  . ARG A 1 70  ? 3.185   -4.187  10.089  1.00 17.65 ? 144 ARG A NE  1 
ATOM   268  C CZ  . ARG A 1 70  ? 4.000   -3.465  9.342   1.00 17.77 ? 144 ARG A CZ  1 
ATOM   269  N NH1 . ARG A 1 70  ? 4.978   -3.992  8.648   1.00 21.60 ? 144 ARG A NH1 1 
ATOM   270  N NH2 . ARG A 1 70  ? 3.751   -2.176  9.228   1.00 18.57 ? 144 ARG A NH2 1 
ATOM   271  N N   . ILE A 1 71  ? 0.760   -6.443  6.236   1.00 11.12 ? 145 ILE A N   1 
ATOM   272  C CA  . ILE A 1 71  ? 1.394   -5.992  4.987   1.00 12.02 ? 145 ILE A CA  1 
ATOM   273  C C   . ILE A 1 71  ? 1.506   -4.466  5.113   1.00 10.92 ? 145 ILE A C   1 
ATOM   274  O O   . ILE A 1 71  ? 0.607   -3.840  5.702   1.00 9.05  ? 145 ILE A O   1 
ATOM   275  C CB  . ILE A 1 71  ? 0.485   -6.307  3.786   1.00 14.76 ? 145 ILE A CB  1 
ATOM   276  C CG1 . ILE A 1 71  ? 0.288   -7.835  3.650   1.00 17.45 ? 145 ILE A CG1 1 
ATOM   277  C CG2 . ILE A 1 71  ? 1.093   -5.754  2.498   1.00 17.12 ? 145 ILE A CG2 1 
ATOM   278  C CD1 . ILE A 1 71  ? -0.827  -8.228  2.731   1.00 18.04 ? 145 ILE A CD1 1 
ATOM   279  N N   . ALA A 1 72  ? 2.519   -3.817  4.516   1.00 10.41 ? 146 ALA A N   1 
ATOM   280  C CA  . ALA A 1 72  ? 2.523   -2.386  4.456   1.00 10.68 ? 146 ALA A CA  1 
ATOM   281  C C   . ALA A 1 72  ? 3.083   -1.863  3.143   1.00 10.97 ? 146 ALA A C   1 
ATOM   282  O O   . ALA A 1 72  ? 4.132   -2.385  2.619   1.00 12.33 ? 146 ALA A O   1 
ATOM   283  C CB  . ALA A 1 72  ? 3.324   -1.821  5.534   1.00 12.91 ? 146 ALA A CB  1 
ATOM   284  N N   . LEU A 1 73  ? 2.375   -0.861  2.620   1.00 10.08 ? 147 LEU A N   1 
ATOM   285  C CA  . LEU A 1 73  ? 2.934   -0.030  1.526   1.00 10.51 ? 147 LEU A CA  1 
ATOM   286  C C   . LEU A 1 73  ? 3.130   1.323   2.113   1.00 11.59 ? 147 LEU A C   1 
ATOM   287  O O   . LEU A 1 73  ? 2.217   1.872   2.754   1.00 12.37 ? 147 LEU A O   1 
ATOM   288  C CB  . LEU A 1 73  ? 2.029   0.082   0.284   1.00 12.40 ? 147 LEU A CB  1 
ATOM   289  C CG  . LEU A 1 73  ? 1.494   -1.171  -0.373  1.00 17.07 ? 147 LEU A CG  1 
ATOM   290  C CD1 . LEU A 1 73  ? 0.791   -0.859  -1.694  1.00 17.28 ? 147 LEU A CD1 1 
ATOM   291  C CD2 . LEU A 1 73  ? 2.528   -2.178  -0.602  1.00 20.74 ? 147 LEU A CD2 1 
ATOM   292  N N   . ASP A 1 74  ? 4.302   1.908   1.917   1.00 9.31  ? 148 ASP A N   1 
ATOM   293  C CA  . ASP A 1 74  ? 4.604   3.258   2.397   1.00 9.73  ? 148 ASP A CA  1 
ATOM   294  C C   . ASP A 1 74  ? 5.137   4.132   1.273   1.00 8.35  ? 148 ASP A C   1 
ATOM   295  O O   . ASP A 1 74  ? 6.304   4.006   0.805   1.00 8.55  ? 148 ASP A O   1 
ATOM   296  C CB  . ASP A 1 74  ? 5.644   3.143   3.480   1.00 11.80 ? 148 ASP A CB  1 
ATOM   297  C CG  . ASP A 1 74  ? 5.056   2.604   4.776   1.00 14.54 ? 148 ASP A CG  1 
ATOM   298  O OD1 . ASP A 1 74  ? 4.432   3.340   5.551   1.00 17.16 ? 148 ASP A OD1 1 
ATOM   299  O OD2 . ASP A 1 74  ? 5.325   1.399   5.066   1.00 18.64 ? 148 ASP A OD2 1 
ATOM   300  N N   . PHE A 1 75  ? 4.301   5.041   0.768   1.00 7.68  ? 149 PHE A N   1 
ATOM   301  C CA  . PHE A 1 75  ? 4.703   6.069   -0.204  1.00 8.74  ? 149 PHE A CA  1 
ATOM   302  C C   . PHE A 1 75  ? 5.415   7.154   0.581   1.00 8.43  ? 149 PHE A C   1 
ATOM   303  O O   . PHE A 1 75  ? 4.769   7.808   1.406   1.00 9.30  ? 149 PHE A O   1 
ATOM   304  C CB  . PHE A 1 75  ? 3.461   6.585   -0.958  1.00 8.32  ? 149 PHE A CB  1 
ATOM   305  C CG  . PHE A 1 75  ? 2.902   5.654   -1.972  1.00 9.58  ? 149 PHE A CG  1 
ATOM   306  C CD1 . PHE A 1 75  ? 3.371   5.660   -3.282  1.00 11.52 ? 149 PHE A CD1 1 
ATOM   307  C CD2 . PHE A 1 75  ? 1.976   4.736   -1.589  1.00 10.34 ? 149 PHE A CD2 1 
ATOM   308  C CE1 . PHE A 1 75  ? 2.882   4.802   -4.224  1.00 11.63 ? 149 PHE A CE1 1 
ATOM   309  C CE2 . PHE A 1 75  ? 1.454   3.862   -2.533  1.00 10.86 ? 149 PHE A CE2 1 
ATOM   310  C CZ  . PHE A 1 75  ? 1.945   3.903   -3.851  1.00 11.46 ? 149 PHE A CZ  1 
ATOM   311  N N   . GLN A 1 76  ? 6.698   7.382   0.342   1.00 8.15  ? 150 GLN A N   1 
ATOM   312  C CA  A GLN A 1 76  ? 7.551   8.298   1.097   0.50 9.63  ? 150 GLN A CA  1 
ATOM   313  C CA  B GLN A 1 76  ? 7.406   8.362   1.127   0.50 9.55  ? 150 GLN A CA  1 
ATOM   314  C C   . GLN A 1 76  ? 7.872   9.594   0.397   1.00 8.72  ? 150 GLN A C   1 
ATOM   315  O O   . GLN A 1 76  ? 8.233   9.596   -0.791  1.00 9.58  ? 150 GLN A O   1 
ATOM   316  C CB  A GLN A 1 76  ? 8.911   7.639   1.364   0.50 10.98 ? 150 GLN A CB  1 
ATOM   317  C CB  B GLN A 1 76  ? 8.564   7.674   1.833   0.50 11.09 ? 150 GLN A CB  1 
ATOM   318  C CG  A GLN A 1 76  ? 8.907   6.367   2.165   0.50 12.99 ? 150 GLN A CG  1 
ATOM   319  C CG  B GLN A 1 76  ? 8.083   6.479   2.638   0.50 12.36 ? 150 GLN A CG  1 
ATOM   320  C CD  A GLN A 1 76  ? 8.851   6.483   3.689   0.50 13.74 ? 150 GLN A CD  1 
ATOM   321  C CD  B GLN A 1 76  ? 9.084   5.341   2.643   0.50 14.78 ? 150 GLN A CD  1 
ATOM   322  O OE1 A GLN A 1 76  ? 9.308   7.429   4.387   0.50 16.88 ? 150 GLN A OE1 1 
ATOM   323  O OE1 B GLN A 1 76  ? 9.431   4.713   1.589   0.50 17.72 ? 150 GLN A OE1 1 
ATOM   324  N NE2 A GLN A 1 76  ? 8.354   5.402   4.224   0.50 16.91 ? 150 GLN A NE2 1 
ATOM   325  N NE2 B GLN A 1 76  ? 9.617   5.100   3.843   0.50 15.49 ? 150 GLN A NE2 1 
ATOM   326  N N   . ARG A 1 77  ? 7.879   10.670  1.196   1.00 8.40  ? 151 ARG A N   1 
ATOM   327  C CA  . ARG A 1 77  ? 8.424   11.968  0.805   1.00 9.03  ? 151 ARG A CA  1 
ATOM   328  C C   . ARG A 1 77  ? 9.556   12.253  1.821   1.00 9.05  ? 151 ARG A C   1 
ATOM   329  O O   . ARG A 1 77  ? 9.316   12.724  2.931   1.00 9.72  ? 151 ARG A O   1 
ATOM   330  C CB  . ARG A 1 77  ? 7.371   13.088  0.861   1.00 9.05  ? 151 ARG A CB  1 
ATOM   331  C CG  . ARG A 1 77  ? 7.946   14.471  0.633   1.00 11.11 ? 151 ARG A CG  1 
ATOM   332  C CD  . ARG A 1 77  ? 6.872   15.527  0.616   1.00 13.42 ? 151 ARG A CD  1 
ATOM   333  N NE  . ARG A 1 77  ? 7.519   16.834  0.486   1.00 13.55 ? 151 ARG A NE  1 
ATOM   334  C CZ  . ARG A 1 77  ? 7.619   17.697  1.515   1.00 14.91 ? 151 ARG A CZ  1 
ATOM   335  N NH1 . ARG A 1 77  ? 7.036   17.571  2.711   1.00 18.51 ? 151 ARG A NH1 1 
ATOM   336  N NH2 . ARG A 1 77  ? 8.350   18.778  1.327   1.00 17.01 ? 151 ARG A NH2 1 
ATOM   337  N N   . GLY A 1 78  ? 10.788  11.873  1.481   1.00 10.11 ? 152 GLY A N   1 
ATOM   338  C CA  . GLY A 1 78  ? 11.864  11.857  2.501   1.00 9.23  ? 152 GLY A CA  1 
ATOM   339  C C   . GLY A 1 78  ? 11.510  10.956  3.683   1.00 11.05 ? 152 GLY A C   1 
ATOM   340  O O   . GLY A 1 78  ? 11.028  9.841   3.487   1.00 11.58 ? 152 GLY A O   1 
ATOM   341  N N   . ASN A 1 79  ? 11.584  11.487  4.894   1.00 9.99  ? 153 ASN A N   1 
ATOM   342  C CA  . ASN A 1 79  ? 11.166  10.757  6.052   1.00 10.36 ? 153 ASN A CA  1 
ATOM   343  C C   . ASN A 1 79  ? 9.661   10.671  6.293   1.00 11.23 ? 153 ASN A C   1 
ATOM   344  O O   . ASN A 1 79  ? 9.177   9.926   7.183   1.00 13.24 ? 153 ASN A O   1 
ATOM   345  C CB  . ASN A 1 79  ? 11.864  11.350  7.324   1.00 11.38 ? 153 ASN A CB  1 
ATOM   346  C CG  . ASN A 1 79  ? 11.592  10.538  8.578   1.00 12.59 ? 153 ASN A CG  1 
ATOM   347  O OD1 . ASN A 1 79  ? 12.023  9.354   8.631   1.00 15.29 ? 153 ASN A OD1 1 
ATOM   348  N ND2 . ASN A 1 79  ? 11.012  11.139  9.570   1.00 12.54 ? 153 ASN A ND2 1 
ATOM   349  N N   . ASP A 1 80  ? 8.944   11.532  5.620   1.00 10.14 ? 154 ASP A N   1 
ATOM   350  C CA  . ASP A 1 80  ? 7.497   11.575  5.750   1.00 9.80  ? 154 ASP A CA  1 
ATOM   351  C C   . ASP A 1 80  ? 6.897   10.425  4.987   1.00 10.45 ? 154 ASP A C   1 
ATOM   352  O O   . ASP A 1 80  ? 7.413   9.979   3.934   1.00 10.40 ? 154 ASP A O   1 
ATOM   353  C CB  . ASP A 1 80  ? 6.913   12.888  5.302   1.00 10.31 ? 154 ASP A CB  1 
ATOM   354  C CG  . ASP A 1 80  ? 7.055   13.976  6.359   1.00 12.07 ? 154 ASP A CG  1 
ATOM   355  O OD1 . ASP A 1 80  ? 7.606   13.745  7.505   1.00 14.58 ? 154 ASP A OD1 1 
ATOM   356  O OD2 . ASP A 1 80  ? 6.595   15.128  6.047   1.00 15.54 ? 154 ASP A OD2 1 
ATOM   357  N N   . VAL A 1 81  ? 5.777   9.916   5.521   1.00 9.53  ? 155 VAL A N   1 
ATOM   358  C CA  . VAL A 1 81  ? 4.987   8.911   4.805   1.00 9.95  ? 155 VAL A CA  1 
ATOM   359  C C   . VAL A 1 81  ? 3.734   9.552   4.314   1.00 9.73  ? 155 VAL A C   1 
ATOM   360  O O   . VAL A 1 81  ? 2.824   9.819   5.072   1.00 9.33  ? 155 VAL A O   1 
ATOM   361  C CB  . VAL A 1 81  ? 4.670   7.646   5.632   1.00 10.09 ? 155 VAL A CB  1 
ATOM   362  C CG1 . VAL A 1 81  ? 3.926   6.653   4.780   1.00 11.08 ? 155 VAL A CG1 1 
ATOM   363  C CG2 . VAL A 1 81  ? 5.938   7.010   6.158   1.00 10.75 ? 155 VAL A CG2 1 
ATOM   364  N N   . ALA A 1 82  ? 3.674   9.769   3.010   1.00 8.92  ? 156 ALA A N   1 
ATOM   365  C CA  . ALA A 1 82  ? 2.504   10.389  2.395   1.00 7.95  ? 156 ALA A CA  1 
ATOM   366  C C   . ALA A 1 82  ? 1.290   9.521   2.472   1.00 8.65  ? 156 ALA A C   1 
ATOM   367  O O   . ALA A 1 82  ? 0.163   10.025  2.694   1.00 9.44  ? 156 ALA A O   1 
ATOM   368  C CB  . ALA A 1 82  ? 2.774   10.748  0.973   1.00 8.54  ? 156 ALA A CB  1 
ATOM   369  N N   . PHE A 1 83  ? 1.453   8.247   2.213   1.00 8.26  ? 157 PHE A N   1 
ATOM   370  C CA  . PHE A 1 83  ? 0.320   7.267   2.223   1.00 8.22  ? 157 PHE A CA  1 
ATOM   371  C C   . PHE A 1 83  ? 0.885   5.960   2.683   1.00 8.50  ? 157 PHE A C   1 
ATOM   372  O O   . PHE A 1 83  ? 1.710   5.333   1.997   1.00 8.08  ? 157 PHE A O   1 
ATOM   373  C CB  . PHE A 1 83  ? -0.318  7.206   0.838   1.00 8.90  ? 157 PHE A CB  1 
ATOM   374  C CG  . PHE A 1 83  ? -1.343  6.167   0.648   1.00 8.55  ? 157 PHE A CG  1 
ATOM   375  C CD1 . PHE A 1 83  ? -2.284  5.897   1.608   1.00 8.75  ? 157 PHE A CD1 1 
ATOM   376  C CD2 . PHE A 1 83  ? -1.438  5.488   -0.553  1.00 8.55  ? 157 PHE A CD2 1 
ATOM   377  C CE1 . PHE A 1 83  ? -3.221  4.896   1.383   1.00 9.19  ? 157 PHE A CE1 1 
ATOM   378  C CE2 . PHE A 1 83  ? -2.409  4.503   -0.751  1.00 8.48  ? 157 PHE A CE2 1 
ATOM   379  C CZ  . PHE A 1 83  ? -3.338  4.243   0.200   1.00 9.03  ? 157 PHE A CZ  1 
ATOM   380  N N   . HIS A 1 84  ? 0.424   5.540   3.852   1.00 7.44  ? 158 HIS A N   1 
ATOM   381  C CA  . HIS A 1 84  ? 0.652   4.253   4.450   1.00 7.83  ? 158 HIS A CA  1 
ATOM   382  C C   . HIS A 1 84  ? -0.585  3.430   4.299   1.00 8.61  ? 158 HIS A C   1 
ATOM   383  O O   . HIS A 1 84  ? -1.638  3.900   4.706   1.00 8.80  ? 158 HIS A O   1 
ATOM   384  C CB  . HIS A 1 84  ? 1.006   4.447   5.925   1.00 7.89  ? 158 HIS A CB  1 
ATOM   385  C CG  . HIS A 1 84  ? 1.129   3.269   6.816   1.00 8.86  ? 158 HIS A CG  1 
ATOM   386  N ND1 . HIS A 1 84  ? 2.257   2.510   6.903   1.00 11.84 ? 158 HIS A ND1 1 
ATOM   387  C CD2 . HIS A 1 84  ? 0.325   2.871   7.825   1.00 10.67 ? 158 HIS A CD2 1 
ATOM   388  C CE1 . HIS A 1 84  ? 2.092   1.583   7.827   1.00 12.05 ? 158 HIS A CE1 1 
ATOM   389  N NE2 . HIS A 1 84  ? 0.967   1.838   8.454   1.00 12.33 ? 158 HIS A NE2 1 
ATOM   390  N N   . PHE A 1 85  ? -0.456  2.271   3.670   1.00 7.79  ? 159 PHE A N   1 
ATOM   391  C CA  . PHE A 1 85  ? -1.556  1.306   3.466   1.00 7.73  ? 159 PHE A CA  1 
ATOM   392  C C   . PHE A 1 85  ? -1.191  0.024   4.160   1.00 8.77  ? 159 PHE A C   1 
ATOM   393  O O   . PHE A 1 85  ? -0.220  -0.636  3.815   1.00 8.58  ? 159 PHE A O   1 
ATOM   394  C CB  . PHE A 1 85  ? -1.743  1.150   1.963   1.00 7.79  ? 159 PHE A CB  1 
ATOM   395  C CG  . PHE A 1 85  ? -2.694  0.023   1.542   1.00 7.68  ? 159 PHE A CG  1 
ATOM   396  C CD1 . PHE A 1 85  ? -4.032  0.300   1.351   1.00 8.45  ? 159 PHE A CD1 1 
ATOM   397  C CD2 . PHE A 1 85  ? -2.236  -1.281  1.265   1.00 8.20  ? 159 PHE A CD2 1 
ATOM   398  C CE1 . PHE A 1 85  ? -4.885  -0.703  0.932   1.00 9.37  ? 159 PHE A CE1 1 
ATOM   399  C CE2 . PHE A 1 85  ? -3.127  -2.285  0.913   1.00 8.50  ? 159 PHE A CE2 1 
ATOM   400  C CZ  . PHE A 1 85  ? -4.426  -1.975  0.698   1.00 7.96  ? 159 PHE A CZ  1 
ATOM   401  N N   . ASN A 1 86  ? -1.945  -0.343  5.198   1.00 8.60  ? 160 ASN A N   1 
ATOM   402  C CA  . ASN A 1 86  ? -1.512  -1.360  6.172   1.00 8.98  ? 160 ASN A CA  1 
ATOM   403  C C   . ASN A 1 86  ? -2.634  -2.338  6.541   1.00 9.80  ? 160 ASN A C   1 
ATOM   404  O O   . ASN A 1 86  ? -3.301  -2.158  7.547   1.00 10.53 ? 160 ASN A O   1 
ATOM   405  C CB  . ASN A 1 86  ? -0.976  -0.646  7.394   1.00 9.67  ? 160 ASN A CB  1 
ATOM   406  C CG  . ASN A 1 86  ? -0.552  -1.550  8.527   1.00 9.58  ? 160 ASN A CG  1 
ATOM   407  O OD1 . ASN A 1 86  ? -0.077  -2.700  8.358   1.00 14.59 ? 160 ASN A OD1 1 
ATOM   408  N ND2 . ASN A 1 86  ? -0.699  -1.044  9.680   1.00 8.67  ? 160 ASN A ND2 1 
ATOM   409  N N   . PRO A 1 87  ? -2.781  -3.364  5.736   1.00 9.33  ? 161 PRO A N   1 
ATOM   410  C CA  . PRO A 1 87  ? -3.593  -4.545  6.118   1.00 9.73  ? 161 PRO A CA  1 
ATOM   411  C C   . PRO A 1 87  ? -3.043  -5.197  7.368   1.00 10.19 ? 161 PRO A C   1 
ATOM   412  O O   . PRO A 1 87  ? -1.883  -5.555  7.459   1.00 11.54 ? 161 PRO A O   1 
ATOM   413  C CB  . PRO A 1 87  ? -3.527  -5.453  4.896   1.00 10.62 ? 161 PRO A CB  1 
ATOM   414  C CG  . PRO A 1 87  ? -3.156  -4.557  3.794   1.00 9.63  ? 161 PRO A CG  1 
ATOM   415  C CD  . PRO A 1 87  ? -2.267  -3.484  4.364   1.00 9.79  ? 161 PRO A CD  1 
ATOM   416  N N   . ARG A 1 88  ? -3.934  -5.318  8.347   1.00 10.30 ? 162 ARG A N   1 
ATOM   417  C CA  . ARG A 1 88  ? -3.666  -6.010  9.611   1.00 10.89 ? 162 ARG A CA  1 
ATOM   418  C C   . ARG A 1 88  ? -4.561  -7.247  9.721   1.00 10.95 ? 162 ARG A C   1 
ATOM   419  O O   . ARG A 1 88  ? -5.804  -7.090  9.666   1.00 11.81 ? 162 ARG A O   1 
ATOM   420  C CB  . ARG A 1 88  ? -3.994  -5.057  10.774  1.00 12.08 ? 162 ARG A CB  1 
ATOM   421  C CG  . ARG A 1 88  ? -3.054  -3.861  10.778  1.00 12.58 ? 162 ARG A CG  1 
ATOM   422  C CD  . ARG A 1 88  ? -3.322  -2.907  11.923  1.00 12.87 ? 162 ARG A CD  1 
ATOM   423  N NE  . ARG A 1 88  ? -2.478  -1.697  11.784  1.00 13.07 ? 162 ARG A NE  1 
ATOM   424  C CZ  . ARG A 1 88  ? -2.475  -0.726  12.638  1.00 13.70 ? 162 ARG A CZ  1 
ATOM   425  N NH1 . ARG A 1 88  ? -3.275  -0.770  13.696  1.00 13.90 ? 162 ARG A NH1 1 
ATOM   426  N NH2 . ARG A 1 88  ? -1.720  0.306   12.398  1.00 13.43 ? 162 ARG A NH2 1 
ATOM   427  N N   . PHE A 1 89  ? -3.948  -8.411  9.874   1.00 11.72 ? 163 PHE A N   1 
ATOM   428  C CA  . PHE A 1 89  ? -4.702  -9.701  9.848   1.00 11.59 ? 163 PHE A CA  1 
ATOM   429  C C   . PHE A 1 89  ? -5.292  -10.047 11.242  1.00 13.15 ? 163 PHE A C   1 
ATOM   430  O O   . PHE A 1 89  ? -6.246  -10.868 11.283  1.00 15.77 ? 163 PHE A O   1 
ATOM   431  C CB  . PHE A 1 89  ? -3.796  -10.818 9.338   1.00 12.03 ? 163 PHE A CB  1 
ATOM   432  C CG  . PHE A 1 89  ? -3.546  -10.739 7.884   1.00 11.14 ? 163 PHE A CG  1 
ATOM   433  C CD1 . PHE A 1 89  ? -2.655  -9.820  7.377   1.00 11.86 ? 163 PHE A CD1 1 
ATOM   434  C CD2 . PHE A 1 89  ? -4.197  -11.553 6.968   1.00 12.22 ? 163 PHE A CD2 1 
ATOM   435  C CE1 . PHE A 1 89  ? -2.386  -9.693  6.007   1.00 13.81 ? 163 PHE A CE1 1 
ATOM   436  C CE2 . PHE A 1 89  ? -3.948  -11.421 5.618   1.00 13.04 ? 163 PHE A CE2 1 
ATOM   437  C CZ  . PHE A 1 89  ? -3.051  -10.536 5.150   1.00 13.73 ? 163 PHE A CZ  1 
ATOM   438  N N   . ASN A 1 90  ? -4.765  -9.500  12.314  1.00 12.95 ? 164 ASN A N   1 
ATOM   439  C CA  A ASN A 1 90  ? -5.300  -9.764  13.659  0.50 14.31 ? 164 ASN A CA  1 
ATOM   440  C CA  B ASN A 1 90  ? -5.300  -9.781  13.670  0.50 15.81 ? 164 ASN A CA  1 
ATOM   441  C C   . ASN A 1 90  ? -5.091  -8.611  14.609  1.00 15.14 ? 164 ASN A C   1 
ATOM   442  O O   . ASN A 1 90  ? -4.188  -8.605  15.420  1.00 18.31 ? 164 ASN A O   1 
ATOM   443  C CB  A ASN A 1 90  ? -4.614  -10.987 14.154  0.50 15.33 ? 164 ASN A CB  1 
ATOM   444  C CB  B ASN A 1 90  ? -4.718  -11.094 14.202  0.50 19.47 ? 164 ASN A CB  1 
ATOM   445  C CG  A ASN A 1 90  ? -5.103  -11.406 15.514  0.50 16.96 ? 164 ASN A CG  1 
ATOM   446  C CG  B ASN A 1 90  ? -3.205  -11.169 14.110  0.50 22.64 ? 164 ASN A CG  1 
ATOM   447  O OD1 A ASN A 1 90  ? -6.003  -10.801 16.104  0.50 14.59 ? 164 ASN A OD1 1 
ATOM   448  O OD1 B ASN A 1 90  ? -2.645  -11.942 13.312  0.50 32.21 ? 164 ASN A OD1 1 
ATOM   449  N ND2 A ASN A 1 90  ? -4.430  -12.403 16.046  0.50 21.40 ? 164 ASN A ND2 1 
ATOM   450  N ND2 B ASN A 1 90  ? -2.523  -10.363 14.930  0.50 28.36 ? 164 ASN A ND2 1 
ATOM   451  N N   . GLU A 1 91  ? -5.894  -7.605  14.451  1.00 14.38 ? 165 GLU A N   1 
ATOM   452  C CA  . GLU A 1 91  ? -5.971  -6.505  15.355  1.00 15.11 ? 165 GLU A CA  1 
ATOM   453  C C   . GLU A 1 91  ? -7.207  -6.775  16.231  1.00 15.55 ? 165 GLU A C   1 
ATOM   454  O O   . GLU A 1 91  ? -8.351  -6.598  15.836  1.00 15.96 ? 165 GLU A O   1 
ATOM   455  C CB  . GLU A 1 91  ? -6.043  -5.203  14.587  1.00 16.87 ? 165 GLU A CB  1 
ATOM   456  C CG  . GLU A 1 91  ? -6.001  -4.050  15.573  1.00 18.34 ? 165 GLU A CG  1 
ATOM   457  C CD  . GLU A 1 91  ? -6.432  -2.739  14.967  1.00 19.66 ? 165 GLU A CD  1 
ATOM   458  O OE1 . GLU A 1 91  ? -7.615  -2.564  14.572  1.00 22.12 ? 165 GLU A OE1 1 
ATOM   459  O OE2 . GLU A 1 91  ? -5.556  -1.813  15.007  1.00 20.12 ? 165 GLU A OE2 1 
ATOM   460  N N   . ASN A 1 92  ? -6.955  -7.209  17.483  1.00 17.69 ? 166 ASN A N   1 
ATOM   461  C CA  . ASN A 1 92  ? -8.036  -7.592  18.387  1.00 17.55 ? 166 ASN A CA  1 
ATOM   462  C C   . ASN A 1 92  ? -9.078  -8.570  17.716  1.00 14.22 ? 166 ASN A C   1 
ATOM   463  O O   . ASN A 1 92  ? -10.252 -8.444  17.872  1.00 15.73 ? 166 ASN A O   1 
ATOM   464  C CB  . ASN A 1 92  ? -8.737  -6.380  18.982  1.00 21.71 ? 166 ASN A CB  1 
ATOM   465  C CG  . ASN A 1 92  ? -7.778  -5.437  19.655  1.00 28.12 ? 166 ASN A CG  1 
ATOM   466  O OD1 . ASN A 1 92  ? -7.872  -4.232  19.473  1.00 37.98 ? 166 ASN A OD1 1 
ATOM   467  N ND2 . ASN A 1 92  ? -6.810  -5.979  20.348  1.00 30.37 ? 166 ASN A ND2 1 
ATOM   468  N N   . ASN A 1 93  ? -8.496  -9.549  17.012  1.00 15.11 ? 167 ASN A N   1 
ATOM   469  C CA  . ASN A 1 93  ? -9.185  -10.651 16.325  1.00 15.23 ? 167 ASN A CA  1 
ATOM   470  C C   . ASN A 1 93  ? -10.094 -10.167 15.215  1.00 15.17 ? 167 ASN A C   1 
ATOM   471  O O   . ASN A 1 93  ? -11.045 -10.808 14.864  1.00 15.64 ? 167 ASN A O   1 
ATOM   472  C CB  . ASN A 1 93  ? -10.006 -11.488 17.336  1.00 16.10 ? 167 ASN A CB  1 
ATOM   473  C CG  . ASN A 1 93  ? -9.145  -12.066 18.418  1.00 17.84 ? 167 ASN A CG  1 
ATOM   474  O OD1 . ASN A 1 93  ? -9.441  -11.903 19.627  1.00 22.42 ? 167 ASN A OD1 1 
ATOM   475  N ND2 . ASN A 1 93  ? -8.068  -12.651 18.040  1.00 18.61 ? 167 ASN A ND2 1 
ATOM   476  N N   . ARG A 1 94  ? -9.717  -9.032  14.606  1.00 14.72 ? 168 ARG A N   1 
ATOM   477  C CA  A ARG A 1 94  ? -10.388 -8.449  13.473  0.50 14.33 ? 168 ARG A CA  1 
ATOM   478  C CA  B ARG A 1 94  ? -10.409 -8.476  13.478  0.50 15.10 ? 168 ARG A CA  1 
ATOM   479  C C   . ARG A 1 94  ? -9.343  -8.247  12.398  1.00 13.66 ? 168 ARG A C   1 
ATOM   480  O O   . ARG A 1 94  ? -8.172  -7.995  12.686  1.00 14.10 ? 168 ARG A O   1 
ATOM   481  C CB  A ARG A 1 94  ? -11.025 -7.123  13.831  0.50 14.87 ? 168 ARG A CB  1 
ATOM   482  C CB  B ARG A 1 94  ? -11.161 -7.195  13.850  0.50 16.54 ? 168 ARG A CB  1 
ATOM   483  C CG  A ARG A 1 94  ? -12.015 -7.259  14.942  0.50 15.52 ? 168 ARG A CG  1 
ATOM   484  C CG  B ARG A 1 94  ? -12.003 -7.281  15.129  0.50 18.74 ? 168 ARG A CG  1 
ATOM   485  C CD  A ARG A 1 94  ? -13.064 -8.237  14.551  0.50 16.32 ? 168 ARG A CD  1 
ATOM   486  C CD  B ARG A 1 94  ? -13.476 -7.457  14.861  0.50 21.70 ? 168 ARG A CD  1 
ATOM   487  N NE  A ARG A 1 94  ? -13.996 -8.281  15.653  0.50 18.17 ? 168 ARG A NE  1 
ATOM   488  N NE  B ARG A 1 94  ? -14.322 -7.528  16.076  0.50 22.49 ? 168 ARG A NE  1 
ATOM   489  C CZ  A ARG A 1 94  ? -14.029 -9.272  16.514  0.50 20.28 ? 168 ARG A CZ  1 
ATOM   490  C CZ  B ARG A 1 94  ? -15.231 -6.624  16.461  0.50 23.45 ? 168 ARG A CZ  1 
ATOM   491  N NH1 A ARG A 1 94  ? -13.193 -10.262 16.356  0.50 22.53 ? 168 ARG A NH1 1 
ATOM   492  N NH1 B ARG A 1 94  ? -15.436 -5.499  15.782  0.50 21.77 ? 168 ARG A NH1 1 
ATOM   493  N NH2 A ARG A 1 94  ? -14.839 -9.245  17.534  0.50 19.42 ? 168 ARG A NH2 1 
ATOM   494  N NH2 B ARG A 1 94  ? -15.923 -6.840  17.569  0.50 23.57 ? 168 ARG A NH2 1 
ATOM   495  N N   . ARG A 1 95  ? -9.807  -8.308  11.153  1.00 13.45 ? 169 ARG A N   1 
ATOM   496  C CA  A ARG A 1 95  ? -8.949  -7.943  10.045  0.50 12.45 ? 169 ARG A CA  1 
ATOM   497  C CA  B ARG A 1 95  ? -8.990  -7.983  9.981   0.50 12.46 ? 169 ARG A CA  1 
ATOM   498  C C   . ARG A 1 95  ? -9.382  -6.577  9.557   1.00 13.05 ? 169 ARG A C   1 
ATOM   499  O O   . ARG A 1 95  ? -10.581 -6.272  9.379   1.00 13.19 ? 169 ARG A O   1 
ATOM   500  C CB  A ARG A 1 95  ? -9.005  -8.992  8.953   0.50 13.62 ? 169 ARG A CB  1 
ATOM   501  C CB  B ARG A 1 95  ? -9.258  -8.976  8.830   0.50 13.58 ? 169 ARG A CB  1 
ATOM   502  C CG  A ARG A 1 95  ? -8.914  -10.416 9.544   0.50 15.30 ? 169 ARG A CG  1 
ATOM   503  C CG  B ARG A 1 95  ? -9.022  -10.445 9.244   0.50 15.69 ? 169 ARG A CG  1 
ATOM   504  C CD  A ARG A 1 95  ? -9.082  -11.410 8.440   0.50 17.24 ? 169 ARG A CD  1 
ATOM   505  C CD  B ARG A 1 95  ? -8.722  -11.347 8.069   0.50 19.17 ? 169 ARG A CD  1 
ATOM   506  N NE  A ARG A 1 95  ? -9.160  -12.807 8.855   0.50 18.53 ? 169 ARG A NE  1 
ATOM   507  N NE  B ARG A 1 95  ? -9.934  -11.589 7.302   0.50 18.02 ? 169 ARG A NE  1 
ATOM   508  C CZ  A ARG A 1 95  ? -8.202  -13.493 9.449   0.50 16.31 ? 169 ARG A CZ  1 
ATOM   509  C CZ  B ARG A 1 95  ? -9.977  -12.204 6.123   0.50 22.20 ? 169 ARG A CZ  1 
ATOM   510  N NH1 A ARG A 1 95  ? -7.027  -12.945 9.737   0.50 16.84 ? 169 ARG A NH1 1 
ATOM   511  N NH1 B ARG A 1 95  ? -8.862  -12.652 5.506   0.50 21.63 ? 169 ARG A NH1 1 
ATOM   512  N NH2 A ARG A 1 95  ? -8.397  -14.779 9.760   0.50 16.12 ? 169 ARG A NH2 1 
ATOM   513  N NH2 B ARG A 1 95  ? -11.148 -12.366 5.567   0.50 25.71 ? 169 ARG A NH2 1 
ATOM   514  N N   . VAL A 1 96  ? -8.421  -5.657  9.354   1.00 11.21 ? 170 VAL A N   1 
ATOM   515  C CA  . VAL A 1 96  ? -8.748  -4.278  9.068   1.00 13.13 ? 170 VAL A CA  1 
ATOM   516  C C   . VAL A 1 96  ? -7.613  -3.728  8.183   1.00 11.65 ? 170 VAL A C   1 
ATOM   517  O O   . VAL A 1 96  ? -6.487  -4.151  8.287   1.00 13.82 ? 170 VAL A O   1 
ATOM   518  C CB  . VAL A 1 96  ? -8.901  -3.403  10.316  1.00 14.19 ? 170 VAL A CB  1 
ATOM   519  C CG1 . VAL A 1 96  ? -7.674  -3.423  11.136  1.00 15.78 ? 170 VAL A CG1 1 
ATOM   520  C CG2 . VAL A 1 96  ? -9.285  -2.004  10.017  1.00 18.43 ? 170 VAL A CG2 1 
ATOM   521  N N   . ILE A 1 97  ? -7.925  -2.784  7.295   1.00 11.29 ? 171 ILE A N   1 
ATOM   522  C CA  . ILE A 1 97  ? -6.860  -2.041  6.641   1.00 11.52 ? 171 ILE A CA  1 
ATOM   523  C C   . ILE A 1 97  ? -6.782  -0.650  7.238   1.00 11.13 ? 171 ILE A C   1 
ATOM   524  O O   . ILE A 1 97  ? -7.789  0.049   7.357   1.00 11.90 ? 171 ILE A O   1 
ATOM   525  C CB  . ILE A 1 97  ? -7.180  -1.970  5.152   1.00 12.85 ? 171 ILE A CB  1 
ATOM   526  C CG1 . ILE A 1 97  ? -7.154  -3.433  4.599   1.00 15.84 ? 171 ILE A CG1 1 
ATOM   527  C CG2 . ILE A 1 97  ? -6.109  -1.187  4.391   1.00 13.51 ? 171 ILE A CG2 1 
ATOM   528  C CD1 . ILE A 1 97  ? -7.369  -3.602  3.154   1.00 20.35 ? 171 ILE A CD1 1 
ATOM   529  N N   . VAL A 1 98  ? -5.596  -0.268  7.681   1.00 10.81 ? 172 VAL A N   1 
ATOM   530  C CA  . VAL A 1 98  ? -5.394  1.043   8.298   1.00 10.32 ? 172 VAL A CA  1 
ATOM   531  C C   . VAL A 1 98  ? -4.608  1.880   7.307   1.00 10.02 ? 172 VAL A C   1 
ATOM   532  O O   . VAL A 1 98  ? -3.533  1.424   6.827   1.00 10.56 ? 172 VAL A O   1 
ATOM   533  C CB  . VAL A 1 98  ? -4.611  0.923   9.604   1.00 11.05 ? 172 VAL A CB  1 
ATOM   534  C CG1 . VAL A 1 98  ? -4.340  2.290   10.168  1.00 12.15 ? 172 VAL A CG1 1 
ATOM   535  C CG2 . VAL A 1 98  ? -5.449  0.055   10.565  1.00 12.43 ? 172 VAL A CG2 1 
ATOM   536  N N   . CYS A 1 99  ? -5.088  3.065   6.993   1.00 9.15  ? 173 CYS A N   1 
ATOM   537  C CA  . CYS A 1 99  ? -4.349  3.997   6.145   1.00 9.13  ? 173 CYS A CA  1 
ATOM   538  C C   . CYS A 1 99  ? -4.056  5.270   6.900   1.00 10.01 ? 173 CYS A C   1 
ATOM   539  O O   . CYS A 1 99  ? -4.906  5.731   7.722   1.00 10.63 ? 173 CYS A O   1 
ATOM   540  C CB  . CYS A 1 99  ? -5.095  4.335   4.929   1.00 9.49  ? 173 CYS A CB  1 
ATOM   541  S SG  . CYS A 1 99  ? -5.367  2.935   3.803   1.00 12.39 ? 173 CYS A SG  1 
ATOM   542  N N   . ASN A 1 100 ? -2.906  5.917   6.672   1.00 8.76  ? 174 ASN A N   1 
ATOM   543  C CA  . ASN A 1 100 ? -2.531  7.135   7.402   1.00 8.80  ? 174 ASN A CA  1 
ATOM   544  C C   . ASN A 1 100 ? -1.363  7.808   6.724   1.00 10.01 ? 174 ASN A C   1 
ATOM   545  O O   . ASN A 1 100 ? -0.835  7.301   5.714   1.00 9.19  ? 174 ASN A O   1 
ATOM   546  C CB  . ASN A 1 100 ? -2.213  6.763   8.831   1.00 10.13 ? 174 ASN A CB  1 
ATOM   547  C CG  . ASN A 1 100 ? -2.425  7.872   9.826   1.00 10.08 ? 174 ASN A CG  1 
ATOM   548  O OD1 . ASN A 1 100 ? -2.621  9.016   9.464   1.00 10.19 ? 174 ASN A OD1 1 
ATOM   549  N ND2 . ASN A 1 100 ? -2.371  7.463   11.124  1.00 10.75 ? 174 ASN A ND2 1 
ATOM   550  N N   . THR A 1 101 ? -0.965  8.930   7.315   1.00 8.34  ? 175 THR A N   1 
ATOM   551  C CA  . THR A 1 101 ? 0.141   9.787   6.834   1.00 8.51  ? 175 THR A CA  1 
ATOM   552  C C   . THR A 1 101 ? 1.018   10.038  8.018   1.00 8.26  ? 175 THR A C   1 
ATOM   553  O O   . THR A 1 101 ? 0.483   10.280  9.133   1.00 8.95  ? 175 THR A O   1 
ATOM   554  C CB  . THR A 1 101 ? -0.399  11.072  6.230   1.00 9.13  ? 175 THR A CB  1 
ATOM   555  O OG1 . THR A 1 101 ? -1.064  10.782  5.004   1.00 8.93  ? 175 THR A OG1 1 
ATOM   556  C CG2 . THR A 1 101 ? 0.658   12.116  5.918   1.00 9.90  ? 175 THR A CG2 1 
ATOM   557  N N   . LYS A 1 102 ? 2.339   10.059  7.870   1.00 8.52  ? 176 LYS A N   1 
ATOM   558  C CA  . LYS A 1 102 ? 3.297   10.332  9.012   1.00 8.96  ? 176 LYS A CA  1 
ATOM   559  C C   . LYS A 1 102 ? 4.050   11.616  8.585   1.00 10.06 ? 176 LYS A C   1 
ATOM   560  O O   . LYS A 1 102 ? 4.692   11.654  7.531   1.00 10.54 ? 176 LYS A O   1 
ATOM   561  C CB  . LYS A 1 102 ? 4.243   9.137   9.211   1.00 10.84 ? 176 LYS A CB  1 
ATOM   562  C CG  . LYS A 1 102 ? 4.996   9.291   10.556  1.00 14.88 ? 176 LYS A CG  1 
ATOM   563  C CD  . LYS A 1 102 ? 6.086   8.220   10.528  1.00 19.90 ? 176 LYS A CD  1 
ATOM   564  C CE  . LYS A 1 102 ? 6.450   7.586   11.805  1.00 30.12 ? 176 LYS A CE  1 
ATOM   565  N NZ  . LYS A 1 102 ? 7.721   6.867   11.373  1.00 36.72 ? 176 LYS A NZ  1 
ATOM   566  N N   . LEU A 1 103 ? 3.939   12.685  9.414   1.00 10.85 ? 177 LEU A N   1 
ATOM   567  C CA  . LEU A 1 103 ? 4.589   13.953  9.190   1.00 12.29 ? 177 LEU A CA  1 
ATOM   568  C C   . LEU A 1 103 ? 5.434   14.285  10.396  1.00 13.03 ? 177 LEU A C   1 
ATOM   569  O O   . LEU A 1 103 ? 4.923   14.239  11.516  1.00 12.92 ? 177 LEU A O   1 
ATOM   570  C CB  . LEU A 1 103 ? 3.548   15.032  8.968   1.00 12.23 ? 177 LEU A CB  1 
ATOM   571  C CG  . LEU A 1 103 ? 2.503   14.889  7.858   1.00 13.31 ? 177 LEU A CG  1 
ATOM   572  C CD1 . LEU A 1 103 ? 1.462   15.955  7.915   1.00 15.42 ? 177 LEU A CD1 1 
ATOM   573  C CD2 . LEU A 1 103 ? 3.216   14.814  6.581   1.00 13.53 ? 177 LEU A CD2 1 
ATOM   574  N N   . ASP A 1 104 ? 6.687   14.589  10.153  1.00 13.71 ? 178 ASP A N   1 
ATOM   575  C CA  . ASP A 1 104 ? 7.596   14.912  11.232  1.00 16.30 ? 178 ASP A CA  1 
ATOM   576  C C   . ASP A 1 104 ? 7.588   13.836  12.326  1.00 15.78 ? 178 ASP A C   1 
ATOM   577  O O   . ASP A 1 104 ? 7.619   14.145  13.546  1.00 15.51 ? 178 ASP A O   1 
ATOM   578  C CB  . ASP A 1 104 ? 7.322   16.330  11.766  1.00 19.11 ? 178 ASP A CB  1 
ATOM   579  C CG  . ASP A 1 104 ? 7.658   17.414  10.782  1.00 22.13 ? 178 ASP A CG  1 
ATOM   580  O OD1 . ASP A 1 104 ? 8.495   17.196  9.841   1.00 22.90 ? 178 ASP A OD1 1 
ATOM   581  O OD2 . ASP A 1 104 ? 7.059   18.513  10.940  1.00 31.65 ? 178 ASP A OD2 1 
ATOM   582  N N   . ASN A 1 105 ? 7.527   12.543  11.921  1.00 14.19 ? 179 ASN A N   1 
ATOM   583  C CA  . ASN A 1 105 ? 7.505   11.436  12.848  1.00 15.42 ? 179 ASN A CA  1 
ATOM   584  C C   . ASN A 1 105 ? 6.222   11.238  13.650  1.00 19.01 ? 179 ASN A C   1 
ATOM   585  O O   . ASN A 1 105 ? 6.161   10.374  14.505  1.00 25.89 ? 179 ASN A O   1 
ATOM   586  C CB  . ASN A 1 105 ? 8.766   11.488  13.753  1.00 19.34 ? 179 ASN A CB  1 
ATOM   587  C CG  . ASN A 1 105 ? 9.771   10.389  13.445  1.00 22.56 ? 179 ASN A CG  1 
ATOM   588  O OD1 . ASN A 1 105 ? 9.924   9.838   12.297  1.00 25.67 ? 179 ASN A OD1 1 
ATOM   589  N ND2 . ASN A 1 105 ? 10.504  10.031  14.499  1.00 24.57 ? 179 ASN A ND2 1 
ATOM   590  N N   . ASN A 1 106 ? 5.189   11.939  13.280  1.00 14.37 ? 180 ASN A N   1 
ATOM   591  C CA  . ASN A 1 106 ? 3.892   11.811  13.915  1.00 16.75 ? 180 ASN A CA  1 
ATOM   592  C C   . ASN A 1 106 ? 2.819   11.247  12.953  1.00 13.34 ? 180 ASN A C   1 
ATOM   593  O O   . ASN A 1 106 ? 2.553   11.853  11.936  1.00 14.59 ? 180 ASN A O   1 
ATOM   594  C CB  . ASN A 1 106 ? 3.401   13.102  14.421  1.00 19.44 ? 180 ASN A CB  1 
ATOM   595  C CG  . ASN A 1 106 ? 4.334   13.733  15.404  1.00 24.49 ? 180 ASN A CG  1 
ATOM   596  O OD1 . ASN A 1 106 ? 4.652   14.928  15.268  1.00 33.93 ? 180 ASN A OD1 1 
ATOM   597  N ND2 . ASN A 1 106 ? 4.827   12.954  16.345  1.00 28.73 ? 180 ASN A ND2 1 
ATOM   598  N N   . TRP A 1 107 ? 2.168   10.175  13.384  1.00 13.61 ? 181 TRP A N   1 
ATOM   599  C CA  . TRP A 1 107 ? 1.040   9.656   12.630  1.00 12.58 ? 181 TRP A CA  1 
ATOM   600  C C   . TRP A 1 107 ? -0.207  10.544  12.799  1.00 15.31 ? 181 TRP A C   1 
ATOM   601  O O   . TRP A 1 107 ? -0.443  11.172  13.896  1.00 17.05 ? 181 TRP A O   1 
ATOM   602  C CB  . TRP A 1 107 ? 0.732   8.223   13.047  1.00 13.52 ? 181 TRP A CB  1 
ATOM   603  C CG  . TRP A 1 107 ? 1.731   7.295   12.627  1.00 12.82 ? 181 TRP A CG  1 
ATOM   604  C CD1 . TRP A 1 107 ? 2.624   6.632   13.374  1.00 13.45 ? 181 TRP A CD1 1 
ATOM   605  C CD2 . TRP A 1 107 ? 1.904   6.790   11.309  1.00 11.50 ? 181 TRP A CD2 1 
ATOM   606  N NE1 . TRP A 1 107 ? 3.369   5.782   12.644  1.00 14.22 ? 181 TRP A NE1 1 
ATOM   607  C CE2 . TRP A 1 107 ? 2.983   5.936   11.324  1.00 13.09 ? 181 TRP A CE2 1 
ATOM   608  C CE3 . TRP A 1 107 ? 1.280   7.098   10.083  1.00 11.95 ? 181 TRP A CE3 1 
ATOM   609  C CZ2 . TRP A 1 107 ? 3.442   5.292   10.204  1.00 13.56 ? 181 TRP A CZ2 1 
ATOM   610  C CZ3 . TRP A 1 107 ? 1.782   6.454   8.902   1.00 12.58 ? 181 TRP A CZ3 1 
ATOM   611  C CH2 . TRP A 1 107 ? 2.793   5.544   8.992   1.00 12.51 ? 181 TRP A CH2 1 
ATOM   612  N N   . GLY A 1 108 ? -0.982  10.702  11.771  1.00 11.69 ? 182 GLY A N   1 
ATOM   613  C CA  . GLY A 1 108 ? -2.161  11.452  11.745  1.00 12.72 ? 182 GLY A CA  1 
ATOM   614  C C   . GLY A 1 108 ? -3.423  10.660  12.067  1.00 11.33 ? 182 GLY A C   1 
ATOM   615  O O   . GLY A 1 108 ? -3.367  9.642   12.759  1.00 12.94 ? 182 GLY A O   1 
ATOM   616  N N   . ARG A 1 109 ? -4.512  11.202  11.563  1.00 12.39 ? 183 ARG A N   1 
ATOM   617  C CA  . ARG A 1 109 ? -5.858  10.527  11.710  1.00 14.33 ? 183 ARG A CA  1 
ATOM   618  C C   . ARG A 1 109 ? -5.910  9.252   10.858  1.00 14.33 ? 183 ARG A C   1 
ATOM   619  O O   . ARG A 1 109 ? -5.712  9.325   9.684   1.00 12.77 ? 183 ARG A O   1 
ATOM   620  C CB  . ARG A 1 109 ? -7.000  11.442  11.353  1.00 18.99 ? 183 ARG A CB  1 
ATOM   621  C CG  . ARG A 1 109 ? -8.400  10.840  11.482  1.00 25.74 ? 183 ARG A CG  1 
ATOM   622  C CD  . ARG A 1 109 ? -9.548  11.762  10.958  1.00 33.76 ? 183 ARG A CD  1 
ATOM   623  N NE  . ARG A 1 109 ? -9.719  11.547  9.508   1.00 47.46 ? 183 ARG A NE  1 
ATOM   624  C CZ  . ARG A 1 109 ? -9.058  12.171  8.519   1.00 51.07 ? 183 ARG A CZ  1 
ATOM   625  N NH1 . ARG A 1 109 ? -8.211  13.158  8.777   1.00 54.20 ? 183 ARG A NH1 1 
ATOM   626  N NH2 . ARG A 1 109 ? -9.277  11.821  7.248   1.00 47.77 ? 183 ARG A NH2 1 
ATOM   627  N N   . GLU A 1 110 ? -6.113  8.108   11.455  1.00 12.28 ? 184 GLU A N   1 
ATOM   628  C CA  . GLU A 1 110 ? -6.298  6.846   10.704  1.00 12.77 ? 184 GLU A CA  1 
ATOM   629  C C   . GLU A 1 110 ? -7.580  6.819   9.934   1.00 12.12 ? 184 GLU A C   1 
ATOM   630  O O   . GLU A 1 110 ? -8.665  7.241   10.461  1.00 13.59 ? 184 GLU A O   1 
ATOM   631  C CB  . GLU A 1 110 ? -6.225  5.647   11.612  1.00 12.04 ? 184 GLU A CB  1 
ATOM   632  C CG  . GLU A 1 110 ? -4.915  5.434   12.315  1.00 14.07 ? 184 GLU A CG  1 
ATOM   633  C CD  . GLU A 1 110 ? -4.759  4.216   13.304  1.00 13.61 ? 184 GLU A CD  1 
ATOM   634  O OE1 . GLU A 1 110 ? -5.803  3.647   13.651  1.00 16.17 ? 184 GLU A OE1 1 
ATOM   635  O OE2 . GLU A 1 110 ? -3.604  3.817   13.556  1.00 15.49 ? 184 GLU A OE2 1 
ATOM   636  N N   . GLU A 1 111 ? -7.505  6.272   8.720   1.00 11.11 ? 185 GLU A N   1 
ATOM   637  C CA  . GLU A 1 111 ? -8.657  5.925   7.942   1.00 11.61 ? 185 GLU A CA  1 
ATOM   638  C C   . GLU A 1 111 ? -8.755  4.441   7.876   1.00 13.11 ? 185 GLU A C   1 
ATOM   639  O O   . GLU A 1 111 ? -7.837  3.742   7.407   1.00 13.70 ? 185 GLU A O   1 
ATOM   640  C CB  . GLU A 1 111 ? -8.578  6.510   6.552   1.00 12.79 ? 185 GLU A CB  1 
ATOM   641  C CG  . GLU A 1 111 ? -8.607  8.046   6.566   1.00 14.38 ? 185 GLU A CG  1 
ATOM   642  C CD  . GLU A 1 111 ? -8.505  8.727   5.203   1.00 15.59 ? 185 GLU A CD  1 
ATOM   643  O OE1 . GLU A 1 111 ? -9.013  8.206   4.160   1.00 18.68 ? 185 GLU A OE1 1 
ATOM   644  O OE2 . GLU A 1 111 ? -8.011  9.873   5.195   1.00 15.88 ? 185 GLU A OE2 1 
ATOM   645  N N   . ARG A 1 112 ? -9.856  3.851   8.371   1.00 12.72 ? 186 ARG A N   1 
ATOM   646  C CA  . ARG A 1 112 ? -9.982  2.408   8.483   1.00 13.45 ? 186 ARG A CA  1 
ATOM   647  C C   . ARG A 1 112 ? -11.034 1.831   7.577   1.00 14.94 ? 186 ARG A C   1 
ATOM   648  O O   . ARG A 1 112 ? -12.074 2.445   7.404   1.00 17.15 ? 186 ARG A O   1 
ATOM   649  C CB  . ARG A 1 112 ? -10.234 2.003   9.972   1.00 13.02 ? 186 ARG A CB  1 
ATOM   650  C CG  . ARG A 1 112 ? -9.029  2.215   10.844  1.00 12.73 ? 186 ARG A CG  1 
ATOM   651  C CD  . ARG A 1 112 ? -9.340  2.203   12.345  1.00 15.85 ? 186 ARG A CD  1 
ATOM   652  N NE  . ARG A 1 112 ? -8.093  2.007   13.038  1.00 15.51 ? 186 ARG A NE  1 
ATOM   653  C CZ  . ARG A 1 112 ? -7.633  0.884   13.583  1.00 15.74 ? 186 ARG A CZ  1 
ATOM   654  N NH1 . ARG A 1 112 ? -8.337  -0.219  13.451  1.00 18.98 ? 186 ARG A NH1 1 
ATOM   655  N NH2 . ARG A 1 112 ? -6.454  0.824   14.156  1.00 15.97 ? 186 ARG A NH2 1 
ATOM   656  N N   . GLN A 1 113 ? -10.696 0.713   6.933   1.00 16.26 ? 187 GLN A N   1 
ATOM   657  C CA  . GLN A 1 113 ? -11.543 -0.003  6.011   1.00 15.67 ? 187 GLN A CA  1 
ATOM   658  C C   . GLN A 1 113 ? -11.647 -1.441  6.566   1.00 16.87 ? 187 GLN A C   1 
ATOM   659  O O   . GLN A 1 113 ? -10.637 -2.194  6.633   1.00 16.22 ? 187 GLN A O   1 
ATOM   660  C CB  . GLN A 1 113 ? -10.933 0.040   4.567   1.00 17.34 ? 187 GLN A CB  1 
ATOM   661  C CG  . GLN A 1 113 ? -11.499 -0.893  3.529   1.00 17.25 ? 187 GLN A CG  1 
ATOM   662  C CD  . GLN A 1 113 ? -12.947 -0.638  3.247   1.00 19.19 ? 187 GLN A CD  1 
ATOM   663  O OE1 . GLN A 1 113 ? -13.813 -0.846  4.081   1.00 22.61 ? 187 GLN A OE1 1 
ATOM   664  N NE2 . GLN A 1 113 ? -13.231 -0.142  2.058   1.00 27.12 ? 187 GLN A NE2 1 
ATOM   665  N N   . SER A 1 114 ? -12.894 -1.907  6.771   1.00 16.77 ? 188 SER A N   1 
ATOM   666  C CA  A SER A 1 114 ? -13.200 -3.275  7.196   0.50 16.29 ? 188 SER A CA  1 
ATOM   667  C CA  B SER A 1 114 ? -13.105 -3.285  7.199   0.50 16.59 ? 188 SER A CA  1 
ATOM   668  C C   . SER A 1 114 ? -13.311 -4.256  6.011   1.00 15.69 ? 188 SER A C   1 
ATOM   669  O O   . SER A 1 114 ? -13.203 -5.430  6.189   1.00 17.67 ? 188 SER A O   1 
ATOM   670  C CB  A SER A 1 114 ? -14.525 -3.276  7.968   0.50 17.07 ? 188 SER A CB  1 
ATOM   671  C CB  B SER A 1 114 ? -14.249 -3.367  8.209   0.50 18.35 ? 188 SER A CB  1 
ATOM   672  O OG  A SER A 1 114 ? -15.591 -2.963  7.117   0.50 17.93 ? 188 SER A OG  1 
ATOM   673  O OG  B SER A 1 114 ? -13.840 -2.915  9.516   0.50 18.86 ? 188 SER A OG  1 
ATOM   674  N N   . VAL A 1 115 ? -13.472 -3.785  4.787   1.00 13.63 ? 189 VAL A N   1 
ATOM   675  C CA  . VAL A 1 115 ? -13.427 -4.687  3.636   1.00 14.05 ? 189 VAL A CA  1 
ATOM   676  C C   . VAL A 1 115 ? -11.986 -5.131  3.512   1.00 13.42 ? 189 VAL A C   1 
ATOM   677  O O   . VAL A 1 115 ? -11.060 -4.308  3.439   1.00 14.96 ? 189 VAL A O   1 
ATOM   678  C CB  . VAL A 1 115 ? -13.898 -4.040  2.324   1.00 16.73 ? 189 VAL A CB  1 
ATOM   679  C CG1 . VAL A 1 115 ? -13.708 -4.927  1.104   1.00 17.66 ? 189 VAL A CG1 1 
ATOM   680  C CG2 . VAL A 1 115 ? -15.351 -3.581  2.494   1.00 19.47 ? 189 VAL A CG2 1 
ATOM   681  N N   . PHE A 1 116 ? -11.801 -6.458  3.481   1.00 11.80 ? 190 PHE A N   1 
ATOM   682  C CA  . PHE A 1 116 ? -10.459 -7.066  3.649   1.00 11.76 ? 190 PHE A CA  1 
ATOM   683  C C   . PHE A 1 116 ? -10.266 -8.148  2.624   1.00 13.67 ? 190 PHE A C   1 
ATOM   684  O O   . PHE A 1 116 ? -10.628 -9.329  2.859   1.00 16.26 ? 190 PHE A O   1 
ATOM   685  C CB  . PHE A 1 116 ? -10.305 -7.616  5.018   1.00 10.95 ? 190 PHE A CB  1 
ATOM   686  C CG  . PHE A 1 116 ? -8.876  -7.884  5.403   1.00 10.04 ? 190 PHE A CG  1 
ATOM   687  C CD1 . PHE A 1 116 ? -8.095  -6.878  5.964   1.00 10.07 ? 190 PHE A CD1 1 
ATOM   688  C CD2 . PHE A 1 116 ? -8.287  -9.092  5.158   1.00 11.41 ? 190 PHE A CD2 1 
ATOM   689  C CE1 . PHE A 1 116 ? -6.786  -7.116  6.330   1.00 10.11 ? 190 PHE A CE1 1 
ATOM   690  C CE2 . PHE A 1 116 ? -6.978  -9.352  5.522   1.00 11.13 ? 190 PHE A CE2 1 
ATOM   691  C CZ  . PHE A 1 116 ? -6.222  -8.330  6.110   1.00 12.03 ? 190 PHE A CZ  1 
ATOM   692  N N   . PRO A 1 117 ? -9.675  -7.822  1.468   1.00 12.93 ? 191 PRO A N   1 
ATOM   693  C CA  . PRO A 1 117 ? -9.608  -8.793  0.348   1.00 13.94 ? 191 PRO A CA  1 
ATOM   694  C C   . PRO A 1 117 ? -8.405  -9.710  0.353   1.00 16.00 ? 191 PRO A C   1 
ATOM   695  O O   . PRO A 1 117 ? -8.322  -10.585 -0.507  1.00 20.96 ? 191 PRO A O   1 
ATOM   696  C CB  . PRO A 1 117 ? -9.491  -7.872  -0.851  1.00 16.49 ? 191 PRO A CB  1 
ATOM   697  C CG  . PRO A 1 117 ? -8.828  -6.664  -0.350  1.00 17.70 ? 191 PRO A CG  1 
ATOM   698  C CD  . PRO A 1 117 ? -9.363  -6.450  1.025   1.00 16.29 ? 191 PRO A CD  1 
ATOM   699  N N   . PHE A 1 118 ? -7.501  -9.607  1.317   1.00 12.62 ? 192 PHE A N   1 
ATOM   700  C CA  . PHE A 1 118 ? -6.316  -10.444 1.393   1.00 12.10 ? 192 PHE A CA  1 
ATOM   701  C C   . PHE A 1 118 ? -6.607  -11.676 2.208   1.00 13.81 ? 192 PHE A C   1 
ATOM   702  O O   . PHE A 1 118 ? -7.491  -11.685 3.111   1.00 14.44 ? 192 PHE A O   1 
ATOM   703  C CB  . PHE A 1 118 ? -5.207  -9.687  2.132   1.00 11.36 ? 192 PHE A CB  1 
ATOM   704  C CG  . PHE A 1 118 ? -4.786  -8.453  1.393   1.00 12.03 ? 192 PHE A CG  1 
ATOM   705  C CD1 . PHE A 1 118 ? -3.932  -8.503  0.301   1.00 11.58 ? 192 PHE A CD1 1 
ATOM   706  C CD2 . PHE A 1 118 ? -5.273  -7.200  1.769   1.00 11.49 ? 192 PHE A CD2 1 
ATOM   707  C CE1 . PHE A 1 118 ? -3.575  -7.348  -0.370  1.00 11.61 ? 192 PHE A CE1 1 
ATOM   708  C CE2 . PHE A 1 118 ? -4.975  -6.115  1.066   1.00 11.96 ? 192 PHE A CE2 1 
ATOM   709  C CZ  . PHE A 1 118 ? -4.105  -6.126  -0.005  1.00 10.52 ? 192 PHE A CZ  1 
ATOM   710  N N   . GLU A 1 119 ? -5.938  -12.753 1.836   1.00 14.15 ? 193 GLU A N   1 
ATOM   711  C CA  . GLU A 1 119 ? -6.062  -14.003 2.592   1.00 15.58 ? 193 GLU A CA  1 
ATOM   712  C C   . GLU A 1 119 ? -4.735  -14.650 2.775   1.00 13.43 ? 193 GLU A C   1 
ATOM   713  O O   . GLU A 1 119 ? -3.946  -14.797 1.847   1.00 12.43 ? 193 GLU A O   1 
ATOM   714  C CB  . GLU A 1 119 ? -7.064  -15.019 1.979   1.00 20.15 ? 193 GLU A CB  1 
ATOM   715  C CG  . GLU A 1 119 ? -8.561  -14.527 1.918   1.00 28.27 ? 193 GLU A CG  1 
ATOM   716  C CD  . GLU A 1 119 ? -9.506  -14.854 3.156   1.00 40.88 ? 193 GLU A CD  1 
ATOM   717  O OE1 . GLU A 1 119 ? -9.042  -15.390 4.214   1.00 46.39 ? 193 GLU A OE1 1 
ATOM   718  O OE2 . GLU A 1 119 ? -10.751 -14.550 3.101   1.00 50.62 ? 193 GLU A OE2 1 
ATOM   719  N N   . SER A 1 120 ? -4.473  -15.153 3.982   1.00 14.28 ? 194 SER A N   1 
ATOM   720  C CA  A SER A 1 120 ? -3.207  -15.783 4.274   0.50 13.80 ? 194 SER A CA  1 
ATOM   721  C CA  B SER A 1 120 ? -3.206  -15.780 4.255   0.50 14.38 ? 194 SER A CA  1 
ATOM   722  C C   . SER A 1 120 ? -2.996  -16.957 3.314   1.00 14.29 ? 194 SER A C   1 
ATOM   723  O O   . SER A 1 120 ? -3.924  -17.679 3.015   1.00 14.99 ? 194 SER A O   1 
ATOM   724  C CB  A SER A 1 120 ? -3.149  -16.274 5.749   0.50 16.77 ? 194 SER A CB  1 
ATOM   725  C CB  B SER A 1 120 ? -3.173  -16.285 5.694   0.50 18.28 ? 194 SER A CB  1 
ATOM   726  O OG  A SER A 1 120 ? -3.100  -15.204 6.698   0.50 18.19 ? 194 SER A OG  1 
ATOM   727  O OG  B SER A 1 120 ? -4.302  -17.095 5.911   0.50 22.04 ? 194 SER A OG  1 
ATOM   728  N N   . GLY A 1 121 ? -1.787  -17.079 2.820   1.00 11.90 ? 195 GLY A N   1 
ATOM   729  C CA  . GLY A 1 121 ? -1.419  -18.091 1.885   1.00 12.14 ? 195 GLY A CA  1 
ATOM   730  C C   . GLY A 1 121 ? -1.780  -17.868 0.453   1.00 12.50 ? 195 GLY A C   1 
ATOM   731  O O   . GLY A 1 121 ? -1.344  -18.705 -0.402  1.00 13.90 ? 195 GLY A O   1 
ATOM   732  N N   . LYS A 1 122 ? -2.458  -16.775 0.144   1.00 10.80 ? 196 LYS A N   1 
ATOM   733  C CA  . LYS A 1 122 ? -3.016  -16.656 -1.230  1.00 10.27 ? 196 LYS A CA  1 
ATOM   734  C C   . LYS A 1 122 ? -2.388  -15.507 -2.049  1.00 9.19  ? 196 LYS A C   1 
ATOM   735  O O   . LYS A 1 122 ? -1.966  -14.480 -1.522  1.00 8.85  ? 196 LYS A O   1 
ATOM   736  C CB  . LYS A 1 122 ? -4.483  -16.462 -1.260  1.00 12.83 ? 196 LYS A CB  1 
ATOM   737  C CG  . LYS A 1 122 ? -5.294  -17.590 -0.652  1.00 13.34 ? 196 LYS A CG  1 
ATOM   738  C CD  . LYS A 1 122 ? -6.754  -17.541 -1.047  1.00 15.54 ? 196 LYS A CD  1 
ATOM   739  C CE  . LYS A 1 122 ? -7.676  -18.300 -0.128  1.00 17.07 ? 196 LYS A CE  1 
ATOM   740  N NZ  . LYS A 1 122 ? -9.055  -18.293 -0.712  1.00 19.91 ? 196 LYS A NZ  1 
ATOM   741  N N   . PRO A 1 123 ? -2.283  -15.686 -3.366  1.00 9.51  ? 197 PRO A N   1 
ATOM   742  C CA  . PRO A 1 123 ? -1.673  -14.657 -4.253  1.00 10.31 ? 197 PRO A CA  1 
ATOM   743  C C   . PRO A 1 123 ? -2.657  -13.460 -4.344  1.00 10.09 ? 197 PRO A C   1 
ATOM   744  O O   . PRO A 1 123 ? -3.880  -13.599 -4.406  1.00 10.91 ? 197 PRO A O   1 
ATOM   745  C CB  . PRO A 1 123 ? -1.544  -15.353 -5.591  1.00 12.29 ? 197 PRO A CB  1 
ATOM   746  C CG  . PRO A 1 123 ? -2.440  -16.460 -5.492  1.00 11.74 ? 197 PRO A CG  1 
ATOM   747  C CD  . PRO A 1 123 ? -2.602  -16.935 -4.102  1.00 10.84 ? 197 PRO A CD  1 
ATOM   748  N N   . PHE A 1 124 ? -2.093  -12.279 -4.478  1.00 8.82  ? 198 PHE A N   1 
ATOM   749  C CA  . PHE A 1 124 ? -2.850  -11.092 -4.589  1.00 9.49  ? 198 PHE A CA  1 
ATOM   750  C C   . PHE A 1 124 ? -2.201  -10.160 -5.639  1.00 9.49  ? 198 PHE A C   1 
ATOM   751  O O   . PHE A 1 124 ? -0.984  -10.270 -6.057  1.00 9.43  ? 198 PHE A O   1 
ATOM   752  C CB  . PHE A 1 124 ? -2.886  -10.266 -3.285  1.00 10.24 ? 198 PHE A CB  1 
ATOM   753  C CG  . PHE A 1 124 ? -1.538  -9.837  -2.804  1.00 11.12 ? 198 PHE A CG  1 
ATOM   754  C CD1 . PHE A 1 124 ? -0.771  -10.593 -1.927  1.00 11.92 ? 198 PHE A CD1 1 
ATOM   755  C CD2 . PHE A 1 124 ? -0.995  -8.632  -3.170  1.00 10.78 ? 198 PHE A CD2 1 
ATOM   756  C CE1 . PHE A 1 124 ? 0.465   -10.183 -1.475  1.00 13.94 ? 198 PHE A CE1 1 
ATOM   757  C CE2 . PHE A 1 124 ? 0.291   -8.218  -2.786  1.00 12.73 ? 198 PHE A CE2 1 
ATOM   758  C CZ  . PHE A 1 124 ? 1.029   -8.991  -1.883  1.00 13.21 ? 198 PHE A CZ  1 
ATOM   759  N N   . LYS A 1 125 ? -3.008  -9.165  -6.031  1.00 9.20  ? 199 LYS A N   1 
ATOM   760  C CA  . LYS A 1 125 ? -2.531  -8.058  -6.900  1.00 9.84  ? 199 LYS A CA  1 
ATOM   761  C C   . LYS A 1 125 ? -3.048  -6.793  -6.266  1.00 10.13 ? 199 LYS A C   1 
ATOM   762  O O   . LYS A 1 125 ? -4.248  -6.679  -6.029  1.00 11.49 ? 199 LYS A O   1 
ATOM   763  C CB  . LYS A 1 125 ? -3.070  -8.197  -8.300  1.00 10.72 ? 199 LYS A CB  1 
ATOM   764  C CG  . LYS A 1 125 ? -2.676  -7.040  -9.182  1.00 11.57 ? 199 LYS A CG  1 
ATOM   765  C CD  . LYS A 1 125 ? -3.085  -7.299  -10.646 1.00 14.20 ? 199 LYS A CD  1 
ATOM   766  C CE  . LYS A 1 125 ? -4.565  -7.247  -10.855 1.00 15.47 ? 199 LYS A CE  1 
ATOM   767  N NZ  . LYS A 1 125 ? -4.896  -7.522  -12.304 1.00 19.75 ? 199 LYS A NZ  1 
ATOM   768  N N   . ILE A 1 126 ? -2.149  -5.823  -6.014  1.00 8.27  ? 200 ILE A N   1 
ATOM   769  C CA  . ILE A 1 126 ? -2.590  -4.522  -5.531  1.00 9.14  ? 200 ILE A CA  1 
ATOM   770  C C   . ILE A 1 126 ? -2.289  -3.553  -6.648  1.00 9.97  ? 200 ILE A C   1 
ATOM   771  O O   . ILE A 1 126 ? -1.159  -3.570  -7.196  1.00 10.57 ? 200 ILE A O   1 
ATOM   772  C CB  . ILE A 1 126 ? -1.810  -4.052  -4.302  1.00 9.76  ? 200 ILE A CB  1 
ATOM   773  C CG1 . ILE A 1 126 ? -1.969  -5.006  -3.165  1.00 10.64 ? 200 ILE A CG1 1 
ATOM   774  C CG2 . ILE A 1 126 ? -2.189  -2.653  -3.836  1.00 10.92 ? 200 ILE A CG2 1 
ATOM   775  C CD1 . ILE A 1 126 ? -1.067  -4.777  -1.994  1.00 12.59 ? 200 ILE A CD1 1 
ATOM   776  N N   . GLN A 1 127 ? -3.229  -2.706  -7.008  1.00 9.84  ? 201 GLN A N   1 
ATOM   777  C CA  . GLN A 1 127 ? -3.017  -1.660  -7.981  1.00 9.98  ? 201 GLN A CA  1 
ATOM   778  C C   . GLN A 1 127 ? -3.326  -0.362  -7.259  1.00 9.63  ? 201 GLN A C   1 
ATOM   779  O O   . GLN A 1 127 ? -4.374  -0.180  -6.652  1.00 10.80 ? 201 GLN A O   1 
ATOM   780  C CB  . GLN A 1 127 ? -3.926  -1.809  -9.206  1.00 11.32 ? 201 GLN A CB  1 
ATOM   781  C CG  . GLN A 1 127 ? -3.598  -3.037  -10.070 1.00 13.68 ? 201 GLN A CG  1 
ATOM   782  C CD  . GLN A 1 127 ? -4.736  -3.423  -11.010 1.00 15.05 ? 201 GLN A CD  1 
ATOM   783  O OE1 . GLN A 1 127 ? -5.962  -3.493  -10.638 1.00 19.37 ? 201 GLN A OE1 1 
ATOM   784  N NE2 . GLN A 1 127 ? -4.369  -3.383  -12.295 1.00 19.65 ? 201 GLN A NE2 1 
ATOM   785  N N   . VAL A 1 128 ? -2.388  0.589   -7.358  1.00 8.18  ? 202 VAL A N   1 
ATOM   786  C CA  . VAL A 1 128 ? -2.608  1.912   -6.812  1.00 8.56  ? 202 VAL A CA  1 
ATOM   787  C C   . VAL A 1 128 ? -2.549  2.912   -7.964  1.00 8.89  ? 202 VAL A C   1 
ATOM   788  O O   . VAL A 1 128 ? -1.489  3.019   -8.644  1.00 10.01 ? 202 VAL A O   1 
ATOM   789  C CB  . VAL A 1 128 ? -1.505  2.261   -5.790  1.00 8.81  ? 202 VAL A CB  1 
ATOM   790  C CG1 . VAL A 1 128 ? -1.744  3.637   -5.267  1.00 9.62  ? 202 VAL A CG1 1 
ATOM   791  C CG2 . VAL A 1 128 ? -1.352  1.263   -4.642  1.00 8.91  ? 202 VAL A CG2 1 
ATOM   792  N N   . LEU A 1 129 ? -3.659  3.568   -8.236  1.00 8.10  ? 203 LEU A N   1 
ATOM   793  C CA  . LEU A 1 129 ? -3.750  4.526   -9.324  1.00 9.82  ? 203 LEU A CA  1 
ATOM   794  C C   . LEU A 1 129 ? -3.717  5.916   -8.684  1.00 9.37  ? 203 LEU A C   1 
ATOM   795  O O   . LEU A 1 129 ? -4.500  6.223   -7.780  1.00 10.51 ? 203 LEU A O   1 
ATOM   796  C CB  . LEU A 1 129 ? -5.013  4.310   -10.136 1.00 11.89 ? 203 LEU A CB  1 
ATOM   797  C CG  . LEU A 1 129 ? -5.180  5.361   -11.222 1.00 12.73 ? 203 LEU A CG  1 
ATOM   798  C CD1 . LEU A 1 129 ? -4.140  5.320   -12.274 1.00 14.02 ? 203 LEU A CD1 1 
ATOM   799  C CD2 . LEU A 1 129 ? -6.561  5.255   -11.849 1.00 14.58 ? 203 LEU A CD2 1 
ATOM   800  N N   . VAL A 1 130 ? -2.747  6.766   -9.113  1.00 8.65  ? 204 VAL A N   1 
ATOM   801  C CA  . VAL A 1 130 ? -2.714  8.142   -8.620  1.00 10.16 ? 204 VAL A CA  1 
ATOM   802  C C   . VAL A 1 130 ? -3.700  8.968   -9.402  1.00 9.73  ? 204 VAL A C   1 
ATOM   803  O O   . VAL A 1 130 ? -3.667  9.019   -10.628 1.00 10.68 ? 204 VAL A O   1 
ATOM   804  C CB  . VAL A 1 130 ? -1.323  8.678   -8.732  1.00 10.41 ? 204 VAL A CB  1 
ATOM   805  C CG1 . VAL A 1 130 ? -1.261  10.055  -8.073  1.00 11.34 ? 204 VAL A CG1 1 
ATOM   806  C CG2 . VAL A 1 130 ? -0.330  7.738   -8.071  1.00 10.66 ? 204 VAL A CG2 1 
ATOM   807  N N   . GLU A 1 131 ? -4.658  9.533   -8.692  1.00 10.31 ? 205 GLU A N   1 
ATOM   808  C CA  . GLU A 1 131 ? -5.603  10.475  -9.284  1.00 13.02 ? 205 GLU A CA  1 
ATOM   809  C C   . GLU A 1 131 ? -5.294  11.890  -8.753  1.00 13.14 ? 205 GLU A C   1 
ATOM   810  O O   . GLU A 1 131 ? -4.480  12.085  -7.887  1.00 13.34 ? 205 GLU A O   1 
ATOM   811  C CB  . GLU A 1 131 ? -7.026  10.035  -9.023  1.00 14.61 ? 205 GLU A CB  1 
ATOM   812  C CG  . GLU A 1 131 ? -7.328  8.665   -9.661  1.00 17.92 ? 205 GLU A CG  1 
ATOM   813  C CD  . GLU A 1 131 ? -8.784  8.244   -9.791  1.00 25.12 ? 205 GLU A CD  1 
ATOM   814  O OE1 . GLU A 1 131 ? -9.580  8.409   -8.802  1.00 29.34 ? 205 GLU A OE1 1 
ATOM   815  O OE2 . GLU A 1 131 ? -9.122  7.626   -10.899 1.00 20.72 ? 205 GLU A OE2 1 
ATOM   816  N N   . PRO A 1 132 ? -5.945  12.915  -9.354  1.00 13.97 ? 206 PRO A N   1 
ATOM   817  C CA  . PRO A 1 132 ? -5.620  14.285  -8.957  1.00 13.92 ? 206 PRO A CA  1 
ATOM   818  C C   . PRO A 1 132 ? -5.827  14.531  -7.484  1.00 12.79 ? 206 PRO A C   1 
ATOM   819  O O   . PRO A 1 132 ? -4.970  15.246  -6.888  1.00 14.05 ? 206 PRO A O   1 
ATOM   820  C CB  . PRO A 1 132 ? -6.538  15.129  -9.816  1.00 13.69 ? 206 PRO A CB  1 
ATOM   821  C CG  . PRO A 1 132 ? -6.600  14.320  -11.147 1.00 15.41 ? 206 PRO A CG  1 
ATOM   822  C CD  . PRO A 1 132 ? -6.737  12.870  -10.623 1.00 14.37 ? 206 PRO A CD  1 
ATOM   823  N N   . ASP A 1 133 ? -6.879  13.941  -6.890  1.00 13.09 ? 207 ASP A N   1 
ATOM   824  C CA  . ASP A 1 133 ? -7.170  14.186  -5.477  1.00 13.52 ? 207 ASP A CA  1 
ATOM   825  C C   . ASP A 1 133 ? -6.984  13.101  -4.511  1.00 10.97 ? 207 ASP A C   1 
ATOM   826  O O   . ASP A 1 133 ? -7.113  13.323  -3.305  1.00 10.05 ? 207 ASP A O   1 
ATOM   827  C CB  . ASP A 1 133 ? -8.510  14.866  -5.324  1.00 15.34 ? 207 ASP A CB  1 
ATOM   828  C CG  . ASP A 1 133 ? -8.500  16.254  -5.987  1.00 19.66 ? 207 ASP A CG  1 
ATOM   829  O OD1 . ASP A 1 133 ? -7.502  16.998  -5.917  1.00 18.27 ? 207 ASP A OD1 1 
ATOM   830  O OD2 . ASP A 1 133 ? -9.479  16.450  -6.710  1.00 27.86 ? 207 ASP A OD2 1 
ATOM   831  N N   . HIS A 1 134 ? -6.656  11.907  -4.996  1.00 10.36 ? 208 HIS A N   1 
ATOM   832  C CA  A HIS A 1 134 ? -6.506  10.767  -4.083  0.50 9.63  ? 208 HIS A CA  1 
ATOM   833  C CA  B HIS A 1 134 ? -6.624  10.693  -4.135  0.50 11.00 ? 208 HIS A CA  1 
ATOM   834  C C   . HIS A 1 134 ? -5.706  9.656   -4.764  1.00 9.50  ? 208 HIS A C   1 
ATOM   835  O O   . HIS A 1 134 ? -5.501  9.605   -5.991  1.00 10.76 ? 208 HIS A O   1 
ATOM   836  C CB  A HIS A 1 134 ? -7.837  10.185  -3.613  0.50 9.51  ? 208 HIS A CB  1 
ATOM   837  C CB  B HIS A 1 134 ? -7.962  9.944   -4.006  0.50 13.08 ? 208 HIS A CB  1 
ATOM   838  C CG  A HIS A 1 134 ? -8.849  10.058  -4.709  0.50 10.18 ? 208 HIS A CG  1 
ATOM   839  C CG  B HIS A 1 134 ? -9.131  10.814  -3.698  0.50 16.31 ? 208 HIS A CG  1 
ATOM   840  N ND1 A HIS A 1 134 ? -8.855  9.042   -5.638  0.50 12.24 ? 208 HIS A ND1 1 
ATOM   841  N ND1 B HIS A 1 134 ? -9.656  10.945  -2.428  0.50 19.40 ? 208 HIS A ND1 1 
ATOM   842  C CD2 A HIS A 1 134 ? -9.862  10.892  -5.039  0.50 10.39 ? 208 HIS A CD2 1 
ATOM   843  C CD2 B HIS A 1 134 ? -9.878  11.601  -4.500  0.50 16.87 ? 208 HIS A CD2 1 
ATOM   844  C CE1 A HIS A 1 134 ? -9.820  9.272   -6.515  0.50 11.83 ? 208 HIS A CE1 1 
ATOM   845  C CE1 B HIS A 1 134 ? -10.641 11.821  -2.440  0.50 19.36 ? 208 HIS A CE1 1 
ATOM   846  N NE2 A HIS A 1 134 ? -10.430 10.387  -6.183  0.50 12.33 ? 208 HIS A NE2 1 
ATOM   847  N NE2 B HIS A 1 134 ? -10.827 12.210  -3.687  0.50 20.30 ? 208 HIS A NE2 1 
ATOM   848  N N   . PHE A 1 135 ? -5.160  8.770   -3.911  1.00 8.58  ? 209 PHE A N   1 
ATOM   849  C CA  . PHE A 1 135 ? -4.743  7.453   -4.368  1.00 8.96  ? 209 PHE A CA  1 
ATOM   850  C C   . PHE A 1 135 ? -5.978  6.561   -4.438  1.00 8.80  ? 209 PHE A C   1 
ATOM   851  O O   . PHE A 1 135 ? -6.797  6.578   -3.513  1.00 9.41  ? 209 PHE A O   1 
ATOM   852  C CB  . PHE A 1 135 ? -3.772  6.844   -3.386  1.00 9.68  ? 209 PHE A CB  1 
ATOM   853  C CG  . PHE A 1 135 ? -2.489  7.564   -3.271  1.00 9.76  ? 209 PHE A CG  1 
ATOM   854  C CD1 . PHE A 1 135 ? -1.405  7.291   -4.138  1.00 9.98  ? 209 PHE A CD1 1 
ATOM   855  C CD2 . PHE A 1 135 ? -2.294  8.516   -2.230  1.00 10.32 ? 209 PHE A CD2 1 
ATOM   856  C CE1 . PHE A 1 135 ? -0.181  7.983   -3.999  1.00 12.20 ? 209 PHE A CE1 1 
ATOM   857  C CE2 . PHE A 1 135 ? -1.074  9.174   -2.149  1.00 10.60 ? 209 PHE A CE2 1 
ATOM   858  C CZ  . PHE A 1 135 ? -0.054  8.913   -2.971  1.00 10.27 ? 209 PHE A CZ  1 
ATOM   859  N N   . LYS A 1 136 ? -6.123  5.809   -5.508  1.00 8.61  ? 210 LYS A N   1 
ATOM   860  C CA  . LYS A 1 136 ? -7.225  4.867   -5.642  1.00 10.08 ? 210 LYS A CA  1 
ATOM   861  C C   . LYS A 1 136 ? -6.651  3.455   -5.611  1.00 10.27 ? 210 LYS A C   1 
ATOM   862  O O   . LYS A 1 136 ? -5.784  3.132   -6.405  1.00 12.62 ? 210 LYS A O   1 
ATOM   863  C CB  . LYS A 1 136 ? -7.922  5.139   -7.008  1.00 12.53 ? 210 LYS A CB  1 
ATOM   864  C CG  . LYS A 1 136 ? -9.300  4.435   -7.170  1.00 16.70 ? 210 LYS A CG  1 
ATOM   865  C CD  . LYS A 1 136 ? -10.060 4.821   -8.468  1.00 18.83 ? 210 LYS A CD  1 
ATOM   866  C CE  . LYS A 1 136 ? -9.348  4.292   -9.699  1.00 19.79 ? 210 LYS A CE  1 
ATOM   867  N NZ  . LYS A 1 136 ? -10.060 4.917   -10.942 1.00 20.40 ? 210 LYS A NZ  1 
ATOM   868  N N   . VAL A 1 137 ? -7.097  2.587   -4.739  1.00 8.19  ? 211 VAL A N   1 
ATOM   869  C CA  . VAL A 1 137 ? -6.510  1.267   -4.541  1.00 8.78  ? 211 VAL A CA  1 
ATOM   870  C C   . VAL A 1 137 ? -7.537  0.203   -4.946  1.00 8.20  ? 211 VAL A C   1 
ATOM   871  O O   . VAL A 1 137 ? -8.668  0.223   -4.471  1.00 9.70  ? 211 VAL A O   1 
ATOM   872  C CB  . VAL A 1 137 ? -6.078  1.012   -3.108  1.00 9.62  ? 211 VAL A CB  1 
ATOM   873  C CG1 . VAL A 1 137 ? -5.472  -0.341  -2.957  1.00 10.39 ? 211 VAL A CG1 1 
ATOM   874  C CG2 . VAL A 1 137 ? -5.076  2.088   -2.639  1.00 10.94 ? 211 VAL A CG2 1 
ATOM   875  N N   . ALA A 1 138 ? -7.085  -0.708  -5.773  1.00 8.05  ? 212 ALA A N   1 
ATOM   876  C CA  . ALA A 1 138 ? -7.829  -1.943  -6.134  1.00 8.78  ? 212 ALA A CA  1 
ATOM   877  C C   . ALA A 1 138 ? -7.061  -3.158  -5.743  1.00 9.35  ? 212 ALA A C   1 
ATOM   878  O O   . ALA A 1 138 ? -5.853  -3.187  -5.880  1.00 9.50  ? 212 ALA A O   1 
ATOM   879  C CB  . ALA A 1 138 ? -8.196  -1.940  -7.572  1.00 10.03 ? 212 ALA A CB  1 
ATOM   880  N N   . VAL A 1 139 ? -7.723  -4.224  -5.276  1.00 9.19  ? 213 VAL A N   1 
ATOM   881  C CA  . VAL A 1 139 ? -7.094  -5.467  -4.965  1.00 8.82  ? 213 VAL A CA  1 
ATOM   882  C C   . VAL A 1 139 ? -7.770  -6.584  -5.782  1.00 9.92  ? 213 VAL A C   1 
ATOM   883  O O   . VAL A 1 139 ? -9.029  -6.673  -5.757  1.00 10.55 ? 213 VAL A O   1 
ATOM   884  C CB  . VAL A 1 139 ? -7.056  -5.788  -3.466  1.00 9.41  ? 213 VAL A CB  1 
ATOM   885  C CG1 . VAL A 1 139 ? -6.417  -7.195  -3.221  1.00 10.42 ? 213 VAL A CG1 1 
ATOM   886  C CG2 . VAL A 1 139 ? -6.270  -4.663  -2.726  1.00 10.08 ? 213 VAL A CG2 1 
ATOM   887  N N   . ASN A 1 140 ? -6.979  -7.359  -6.477  1.00 9.07  ? 214 ASN A N   1 
ATOM   888  C CA  . ASN A 1 140 ? -7.524  -8.465  -7.323  1.00 10.31 ? 214 ASN A CA  1 
ATOM   889  C C   . ASN A 1 140 ? -8.591  -7.965  -8.211  1.00 13.71 ? 214 ASN A C   1 
ATOM   890  O O   . ASN A 1 140 ? -9.676  -8.582  -8.331  1.00 14.04 ? 214 ASN A O   1 
ATOM   891  C CB  . ASN A 1 140 ? -8.040  -9.605  -6.393  1.00 10.95 ? 214 ASN A CB  1 
ATOM   892  C CG  . ASN A 1 140 ? -6.932  -10.167 -5.475  1.00 10.12 ? 214 ASN A CG  1 
ATOM   893  O OD1 . ASN A 1 140 ? -5.734  -9.973  -5.721  1.00 10.53 ? 214 ASN A OD1 1 
ATOM   894  N ND2 . ASN A 1 140 ? -7.339  -10.917 -4.419  1.00 12.55 ? 214 ASN A ND2 1 
ATOM   895  N N   . ASP A 1 141 ? -8.306  -6.816  -8.794  1.00 11.68 ? 215 ASP A N   1 
ATOM   896  C CA  . ASP A 1 141 ? -9.265  -6.133  -9.772  1.00 14.37 ? 215 ASP A CA  1 
ATOM   897  C C   . ASP A 1 141 ? -10.456 -5.503  -9.236  1.00 15.43 ? 215 ASP A C   1 
ATOM   898  O O   . ASP A 1 141 ? -11.232 -4.943  -10.039 1.00 17.20 ? 215 ASP A O   1 
ATOM   899  C CB  . ASP A 1 141 ? -9.582  -7.063  -10.986 1.00 17.92 ? 215 ASP A CB  1 
ATOM   900  C CG  . ASP A 1 141 ? -8.372  -7.442  -11.749 1.00 23.10 ? 215 ASP A CG  1 
ATOM   901  O OD1 . ASP A 1 141 ? -7.573  -6.577  -12.102 1.00 28.67 ? 215 ASP A OD1 1 
ATOM   902  O OD2 . ASP A 1 141 ? -8.228  -8.649  -12.051 1.00 32.21 ? 215 ASP A OD2 1 
ATOM   903  N N   . ALA A 1 142 ? -10.701 -5.510  -7.925  1.00 12.52 ? 216 ALA A N   1 
ATOM   904  C CA  . ALA A 1 142 ? -11.851 -4.918  -7.296  1.00 12.62 ? 216 ALA A CA  1 
ATOM   905  C C   . ALA A 1 142 ? -11.476 -3.649  -6.495  1.00 12.12 ? 216 ALA A C   1 
ATOM   906  O O   . ALA A 1 142 ? -10.591 -3.678  -5.668  1.00 11.76 ? 216 ALA A O   1 
ATOM   907  C CB  . ALA A 1 142 ? -12.555 -5.881  -6.364  1.00 14.40 ? 216 ALA A CB  1 
ATOM   908  N N   . HIS A 1 143 ? -12.140 -2.532  -6.762  1.00 12.92 ? 217 HIS A N   1 
ATOM   909  C CA  . HIS A 1 143 ? -11.930 -1.284  -6.012  1.00 12.52 ? 217 HIS A CA  1 
ATOM   910  C C   . HIS A 1 143 ? -12.026 -1.559  -4.567  1.00 12.02 ? 217 HIS A C   1 
ATOM   911  O O   . HIS A 1 143 ? -12.986 -2.205  -4.068  1.00 14.62 ? 217 HIS A O   1 
ATOM   912  C CB  . HIS A 1 143 ? -12.961 -0.233  -6.416  1.00 13.16 ? 217 HIS A CB  1 
ATOM   913  C CG  . HIS A 1 143 ? -12.815 1.015   -5.644  1.00 13.54 ? 217 HIS A CG  1 
ATOM   914  N ND1 . HIS A 1 143 ? -11.707 1.819   -5.810  1.00 16.02 ? 217 HIS A ND1 1 
ATOM   915  C CD2 . HIS A 1 143 ? -13.499 1.503   -4.587  1.00 16.94 ? 217 HIS A CD2 1 
ATOM   916  C CE1 . HIS A 1 143 ? -11.794 2.830   -4.952  1.00 16.33 ? 217 HIS A CE1 1 
ATOM   917  N NE2 . HIS A 1 143 ? -12.860 2.651   -4.197  1.00 16.62 ? 217 HIS A NE2 1 
ATOM   918  N N   . LEU A 1 144 ? -11.077 -1.046  -3.803  1.00 9.69  ? 218 LEU A N   1 
ATOM   919  C CA  . LEU A 1 144 ? -11.017 -1.181  -2.347  1.00 10.11 ? 218 LEU A CA  1 
ATOM   920  C C   . LEU A 1 144 ? -11.234 0.112   -1.606  1.00 10.39 ? 218 LEU A C   1 
ATOM   921  O O   . LEU A 1 144 ? -12.155 0.208   -0.779  1.00 12.76 ? 218 LEU A O   1 
ATOM   922  C CB  . LEU A 1 144 ? -9.657  -1.782  -1.923  1.00 10.01 ? 218 LEU A CB  1 
ATOM   923  C CG  . LEU A 1 144 ? -9.532  -2.045  -0.428  1.00 11.54 ? 218 LEU A CG  1 
ATOM   924  C CD1 . LEU A 1 144 ? -10.633 -2.905  0.169   1.00 12.16 ? 218 LEU A CD1 1 
ATOM   925  C CD2 . LEU A 1 144 ? -8.172  -2.566  -0.112  1.00 13.57 ? 218 LEU A CD2 1 
ATOM   926  N N   . LEU A 1 145 ? -10.458 1.147   -1.914  1.00 9.17  ? 219 LEU A N   1 
ATOM   927  C CA  . LEU A 1 145 ? -10.538 2.391   -1.155  1.00 9.47  ? 219 LEU A CA  1 
ATOM   928  C C   . LEU A 1 145 ? -9.881  3.515   -1.875  1.00 9.13  ? 219 LEU A C   1 
ATOM   929  O O   . LEU A 1 145 ? -9.136  3.266   -2.860  1.00 9.21  ? 219 LEU A O   1 
ATOM   930  C CB  . LEU A 1 145 ? -9.951  2.254   0.220   1.00 10.09 ? 219 LEU A CB  1 
ATOM   931  C CG  . LEU A 1 145 ? -8.448  1.917   0.363   1.00 10.69 ? 219 LEU A CG  1 
ATOM   932  C CD1 . LEU A 1 145 ? -7.495  3.105   0.225   1.00 10.99 ? 219 LEU A CD1 1 
ATOM   933  C CD2 . LEU A 1 145 ? -8.174  1.251   1.708   1.00 11.43 ? 219 LEU A CD2 1 
ATOM   934  N N   . GLN A 1 146 ? -10.190 4.736   -1.426  1.00 10.88 ? 220 GLN A N   1 
ATOM   935  C CA  . GLN A 1 146 ? -9.487  5.908   -1.952  1.00 11.23 ? 220 GLN A CA  1 
ATOM   936  C C   . GLN A 1 146 ? -8.899  6.608   -0.743  1.00 10.56 ? 220 GLN A C   1 
ATOM   937  O O   . GLN A 1 146 ? -9.492  6.559   0.356   1.00 13.61 ? 220 GLN A O   1 
ATOM   938  C CB  . GLN A 1 146 ? -10.418 6.889   -2.652  1.00 15.28 ? 220 GLN A CB  1 
ATOM   939  C CG  . GLN A 1 146 ? -10.925 6.367   -3.921  1.00 21.35 ? 220 GLN A CG  1 
ATOM   940  C CD  . GLN A 1 146 ? -11.956 7.228   -4.566  1.00 25.48 ? 220 GLN A CD  1 
ATOM   941  O OE1 . GLN A 1 146 ? -12.411 8.261   -4.002  1.00 28.33 ? 220 GLN A OE1 1 
ATOM   942  N NE2 . GLN A 1 146 ? -12.263 6.861   -5.782  1.00 30.96 ? 220 GLN A NE2 1 
ATOM   943  N N   . TYR A 1 147 ? -7.814  7.311   -0.931  1.00 9.74  ? 221 TYR A N   1 
ATOM   944  C CA  . TYR A 1 147 ? -7.130  8.057   0.145   1.00 9.15  ? 221 TYR A CA  1 
ATOM   945  C C   . TYR A 1 147 ? -6.785  9.439   -0.403  1.00 9.09  ? 221 TYR A C   1 
ATOM   946  O O   . TYR A 1 147 ? -5.948  9.591   -1.279  1.00 9.65  ? 221 TYR A O   1 
ATOM   947  C CB  . TYR A 1 147 ? -5.857  7.326   0.591   1.00 8.39  ? 221 TYR A CB  1 
ATOM   948  C CG  . TYR A 1 147 ? -5.176  7.866   1.842   1.00 8.98  ? 221 TYR A CG  1 
ATOM   949  C CD1 . TYR A 1 147 ? -5.619  7.496   3.103   1.00 8.27  ? 221 TYR A CD1 1 
ATOM   950  C CD2 . TYR A 1 147 ? -4.140  8.755   1.711   1.00 9.02  ? 221 TYR A CD2 1 
ATOM   951  C CE1 . TYR A 1 147 ? -4.996  7.970   4.251   1.00 10.11 ? 221 TYR A CE1 1 
ATOM   952  C CE2 . TYR A 1 147 ? -3.532  9.282   2.859   1.00 8.99  ? 221 TYR A CE2 1 
ATOM   953  C CZ  . TYR A 1 147 ? -3.962  8.839   4.123   1.00 10.03 ? 221 TYR A CZ  1 
ATOM   954  O OH  . TYR A 1 147 ? -3.344  9.320   5.296   1.00 10.05 ? 221 TYR A OH  1 
ATOM   955  N N   . ASN A 1 148 ? -7.445  10.441  0.175   1.00 9.30  ? 222 ASN A N   1 
ATOM   956  C CA  . ASN A 1 148 ? -7.271  11.818  -0.246  1.00 10.43 ? 222 ASN A CA  1 
ATOM   957  C C   . ASN A 1 148 ? -5.881  12.263  -0.001  1.00 9.59  ? 222 ASN A C   1 
ATOM   958  O O   . ASN A 1 148 ? -5.307  11.972  1.082   1.00 11.02 ? 222 ASN A O   1 
ATOM   959  C CB  . ASN A 1 148 ? -8.300  12.750  0.480   1.00 10.97 ? 222 ASN A CB  1 
ATOM   960  C CG  . ASN A 1 148 ? -8.367  14.164  -0.139  1.00 17.37 ? 222 ASN A CG  1 
ATOM   961  O OD1 . ASN A 1 148 ? -8.977  14.321  -1.249  1.00 19.84 ? 222 ASN A OD1 1 
ATOM   962  N ND2 . ASN A 1 148 ? -7.810  15.193  0.552   1.00 18.84 ? 222 ASN A ND2 1 
ATOM   963  N N   . HIS A 1 149 ? -5.293  13.021  -0.940  1.00 8.66  ? 223 HIS A N   1 
ATOM   964  C CA  . HIS A 1 149 ? -3.926  13.522  -0.763  1.00 9.15  ? 223 HIS A CA  1 
ATOM   965  C C   . HIS A 1 149 ? -3.838  14.449  0.424   1.00 10.62 ? 223 HIS A C   1 
ATOM   966  O O   . HIS A 1 149 ? -4.439  15.573  0.386   1.00 13.98 ? 223 HIS A O   1 
ATOM   967  C CB  . HIS A 1 149 ? -3.363  14.173  -1.981  1.00 9.12  ? 223 HIS A CB  1 
ATOM   968  C CG  . HIS A 1 149 ? -3.250  13.290  -3.177  1.00 9.89  ? 223 HIS A CG  1 
ATOM   969  N ND1 . HIS A 1 149 ? -2.556  12.101  -3.137  1.00 9.61  ? 223 HIS A ND1 1 
ATOM   970  C CD2 . HIS A 1 149 ? -3.790  13.363  -4.409  1.00 9.69  ? 223 HIS A CD2 1 
ATOM   971  C CE1 . HIS A 1 149 ? -2.603  11.517  -4.307  1.00 10.56 ? 223 HIS A CE1 1 
ATOM   972  N NE2 . HIS A 1 149 ? -3.316  12.288  -5.129  1.00 11.41 ? 223 HIS A NE2 1 
ATOM   973  N N   . ARG A 1 150 ? -3.017  14.109  1.400   1.00 9.51  ? 224 ARG A N   1 
ATOM   974  C CA  . ARG A 1 150 ? -2.678  15.003  2.472   1.00 10.05 ? 224 ARG A CA  1 
ATOM   975  C C   . ARG A 1 150 ? -1.346  15.668  2.258   1.00 10.26 ? 224 ARG A C   1 
ATOM   976  O O   . ARG A 1 150 ? -1.165  16.881  2.585   1.00 11.96 ? 224 ARG A O   1 
ATOM   977  C CB  . ARG A 1 150 ? -2.657  14.228  3.809   1.00 10.96 ? 224 ARG A CB  1 
ATOM   978  C CG  . ARG A 1 150 ? -3.902  13.548  4.239   1.00 10.10 ? 224 ARG A CG  1 
ATOM   979  C CD  . ARG A 1 150 ? -3.743  12.937  5.612   1.00 11.07 ? 224 ARG A CD  1 
ATOM   980  N NE  . ARG A 1 150 ? -4.852  12.011  5.875   1.00 11.34 ? 224 ARG A NE  1 
ATOM   981  C CZ  . ARG A 1 150 ? -4.931  11.256  6.970   1.00 11.66 ? 224 ARG A CZ  1 
ATOM   982  N NH1 . ARG A 1 150 ? -4.017  11.266  7.886   1.00 10.92 ? 224 ARG A NH1 1 
ATOM   983  N NH2 . ARG A 1 150 ? -5.916  10.352  7.120   1.00 12.94 ? 224 ARG A NH2 1 
ATOM   984  N N   . VAL A 1 151 ? -0.382  14.937  1.718   1.00 9.63  ? 225 VAL A N   1 
ATOM   985  C CA  . VAL A 1 151 ? 0.907   15.432  1.204   1.00 9.85  ? 225 VAL A CA  1 
ATOM   986  C C   . VAL A 1 151 ? 0.623   15.881  -0.185  1.00 11.39 ? 225 VAL A C   1 
ATOM   987  O O   . VAL A 1 151 ? 0.278   15.033  -1.046  1.00 12.59 ? 225 VAL A O   1 
ATOM   988  C CB  . VAL A 1 151 ? 2.037   14.378  1.298   1.00 10.78 ? 225 VAL A CB  1 
ATOM   989  C CG1 . VAL A 1 151 ? 3.283   14.841  0.580   1.00 11.68 ? 225 VAL A CG1 1 
ATOM   990  C CG2 . VAL A 1 151 ? 2.345   13.995  2.730   1.00 11.44 ? 225 VAL A CG2 1 
ATOM   991  N N   . LYS A 1 152 ? 0.758   17.197  -0.453  1.00 11.09 ? 226 LYS A N   1 
ATOM   992  C CA  . LYS A 1 152 ? 0.279   17.697  -1.733  1.00 11.53 ? 226 LYS A CA  1 
ATOM   993  C C   . LYS A 1 152 ? 1.348   17.979  -2.742  1.00 10.92 ? 226 LYS A C   1 
ATOM   994  O O   . LYS A 1 152 ? 1.021   18.140  -3.901  1.00 12.58 ? 226 LYS A O   1 
ATOM   995  C CB  . LYS A 1 152 ? -0.540  18.934  -1.531  1.00 12.98 ? 226 LYS A CB  1 
ATOM   996  C CG  . LYS A 1 152 ? -1.704  18.637  -0.574  1.00 14.54 ? 226 LYS A CG  1 
ATOM   997  C CD  . LYS A 1 152 ? -2.553  19.793  -0.350  1.00 15.95 ? 226 LYS A CD  1 
ATOM   998  C CE  . LYS A 1 152 ? -3.587  19.457  0.652   1.00 13.84 ? 226 LYS A CE  1 
ATOM   999  N NZ  . LYS A 1 152 ? -4.750  18.632  0.173   1.00 14.00 ? 226 LYS A NZ  1 
ATOM   1000 N N   . LYS A 1 153 ? 2.641   17.816  -2.379  1.00 10.09 ? 227 LYS A N   1 
ATOM   1001 C CA  . LYS A 1 153 ? 3.728   17.892  -3.279  1.00 10.14 ? 227 LYS A CA  1 
ATOM   1002 C C   . LYS A 1 153 ? 4.005   16.525  -3.887  1.00 10.19 ? 227 LYS A C   1 
ATOM   1003 O O   . LYS A 1 153 ? 4.902   15.769  -3.488  1.00 9.31  ? 227 LYS A O   1 
ATOM   1004 C CB  . LYS A 1 153 ? 4.960   18.415  -2.523  1.00 12.18 ? 227 LYS A CB  1 
ATOM   1005 C CG  . LYS A 1 153 ? 4.822   19.909  -2.114  1.00 14.39 ? 227 LYS A CG  1 
ATOM   1006 C CD  . LYS A 1 153 ? 5.947   20.334  -1.234  1.00 17.70 ? 227 LYS A CD  1 
ATOM   1007 C CE  . LYS A 1 153 ? 5.799   21.776  -0.752  1.00 22.07 ? 227 LYS A CE  1 
ATOM   1008 N NZ  . LYS A 1 153 ? 6.763   22.070  0.369   1.00 24.85 ? 227 LYS A NZ  1 
ATOM   1009 N N   . LEU A 1 154 ? 3.152   16.139  -4.784  1.00 10.70 ? 228 LEU A N   1 
ATOM   1010 C CA  . LEU A 1 154 ? 3.156   14.762  -5.404  1.00 11.45 ? 228 LEU A CA  1 
ATOM   1011 C C   . LEU A 1 154 ? 4.516   14.446  -6.030  1.00 11.06 ? 228 LEU A C   1 
ATOM   1012 O O   . LEU A 1 154 ? 4.992   13.280  -5.892  1.00 12.15 ? 228 LEU A O   1 
ATOM   1013 C CB  . LEU A 1 154 ? 2.048   14.605  -6.411  1.00 16.27 ? 228 LEU A CB  1 
ATOM   1014 C CG  . LEU A 1 154 ? 0.545   14.736  -5.964  1.00 13.49 ? 228 LEU A CG  1 
ATOM   1015 C CD1 . LEU A 1 154 ? -0.436  14.484  -7.108  1.00 14.08 ? 228 LEU A CD1 1 
ATOM   1016 C CD2 . LEU A 1 154 ? 0.292   14.064  -4.697  1.00 12.48 ? 228 LEU A CD2 1 
ATOM   1017 N N   . ASN A 1 155 ? 5.165   15.422  -6.657  1.00 11.13 ? 229 ASN A N   1 
ATOM   1018 C CA  . ASN A 1 155 ? 6.417   15.189  -7.254  1.00 13.42 ? 229 ASN A CA  1 
ATOM   1019 C C   . ASN A 1 155 ? 7.538   14.882  -6.275  1.00 11.62 ? 229 ASN A C   1 
ATOM   1020 O O   . ASN A 1 155 ? 8.651   14.545  -6.722  1.00 12.92 ? 229 ASN A O   1 
ATOM   1021 C CB  . ASN A 1 155 ? 6.852   16.465  -8.089  1.00 17.62 ? 229 ASN A CB  1 
ATOM   1022 C CG  . ASN A 1 155 ? 7.037   17.672  -7.158  1.00 18.09 ? 229 ASN A CG  1 
ATOM   1023 O OD1 . ASN A 1 155 ? 6.122   18.104  -6.396  1.00 25.84 ? 229 ASN A OD1 1 
ATOM   1024 N ND2 . ASN A 1 155 ? 8.235   18.162  -7.102  1.00 29.13 ? 229 ASN A ND2 1 
ATOM   1025 N N   . GLU A 1 156 ? 7.284   15.092  -4.971  1.00 9.76  ? 230 GLU A N   1 
ATOM   1026 C CA  . GLU A 1 156 ? 8.266   14.793  -3.949  1.00 10.09 ? 230 GLU A CA  1 
ATOM   1027 C C   . GLU A 1 156 ? 8.104   13.424  -3.310  1.00 9.24  ? 230 GLU A C   1 
ATOM   1028 O O   . GLU A 1 156 ? 8.899   13.011  -2.463  1.00 9.30  ? 230 GLU A O   1 
ATOM   1029 C CB  . GLU A 1 156 ? 8.327   15.916  -2.894  1.00 10.91 ? 230 GLU A CB  1 
ATOM   1030 C CG  . GLU A 1 156 ? 8.790   17.217  -3.553  1.00 12.59 ? 230 GLU A CG  1 
ATOM   1031 C CD  . GLU A 1 156 ? 9.043   18.276  -2.572  1.00 16.48 ? 230 GLU A CD  1 
ATOM   1032 O OE1 . GLU A 1 156 ? 8.952   18.119  -1.364  1.00 18.07 ? 230 GLU A OE1 1 
ATOM   1033 O OE2 . GLU A 1 156 ? 9.423   19.405  -3.084  1.00 21.80 ? 230 GLU A OE2 1 
ATOM   1034 N N   . ILE A 1 157 ? 7.058   12.703  -3.721  1.00 9.31  ? 231 ILE A N   1 
ATOM   1035 C CA  . ILE A 1 157 ? 6.777   11.362  -3.233  1.00 9.58  ? 231 ILE A CA  1 
ATOM   1036 C C   . ILE A 1 157 ? 7.538   10.417  -4.126  1.00 10.44 ? 231 ILE A C   1 
ATOM   1037 O O   . ILE A 1 157 ? 6.984   9.938   -5.079  1.00 13.50 ? 231 ILE A O   1 
ATOM   1038 C CB  . ILE A 1 157 ? 5.282   11.115  -3.129  1.00 9.81  ? 231 ILE A CB  1 
ATOM   1039 C CG1 . ILE A 1 157 ? 4.535   12.134  -2.291  1.00 9.62  ? 231 ILE A CG1 1 
ATOM   1040 C CG2 . ILE A 1 157 ? 5.019   9.686   -2.611  1.00 10.71 ? 231 ILE A CG2 1 
ATOM   1041 C CD1 . ILE A 1 157 ? 3.009   12.093  -2.407  1.00 10.76 ? 231 ILE A CD1 1 
ATOM   1042 N N   . SER A 1 158 ? 8.733   10.126  -3.721  1.00 9.65  ? 232 SER A N   1 
ATOM   1043 C CA  . SER A 1 158 ? 9.695   9.577   -4.650  1.00 11.04 ? 232 SER A CA  1 
ATOM   1044 C C   . SER A 1 158 ? 10.123  8.181   -4.402  1.00 9.98  ? 232 SER A C   1 
ATOM   1045 O O   . SER A 1 158 ? 10.959  7.641   -5.150  1.00 10.37 ? 232 SER A O   1 
ATOM   1046 C CB  A SER A 1 158 ? 10.915  10.534  -4.703  0.50 13.70 ? 232 SER A CB  1 
ATOM   1047 C CB  B SER A 1 158 ? 10.821  10.537  -4.966  0.50 13.46 ? 232 SER A CB  1 
ATOM   1048 O OG  A SER A 1 158 ? 10.514  11.738  -5.379  0.50 17.51 ? 232 SER A OG  1 
ATOM   1049 O OG  B SER A 1 158 ? 11.530  10.770  -3.818  0.50 14.69 ? 232 SER A OG  1 
ATOM   1050 N N   . LYS A 1 159 ? 9.534   7.492   -3.438  1.00 9.02  ? 233 LYS A N   1 
ATOM   1051 C CA  . LYS A 1 159 ? 9.804   6.088   -3.262  1.00 10.77 ? 233 LYS A CA  1 
ATOM   1052 C C   . LYS A 1 159 ? 8.589   5.370   -2.639  1.00 8.78  ? 233 LYS A C   1 
ATOM   1053 O O   . LYS A 1 159 ? 7.771   6.006   -1.953  1.00 9.29  ? 233 LYS A O   1 
ATOM   1054 C CB  . LYS A 1 159 ? 10.983  5.862   -2.412  1.00 15.93 ? 233 LYS A CB  1 
ATOM   1055 C CG  . LYS A 1 159 ? 10.974  6.363   -1.076  1.00 20.51 ? 233 LYS A CG  1 
ATOM   1056 C CD  . LYS A 1 159 ? 12.452  6.310   -0.452  1.00 25.54 ? 233 LYS A CD  1 
ATOM   1057 C CE  . LYS A 1 159 ? 12.393  6.680   1.035   1.00 33.61 ? 233 LYS A CE  1 
ATOM   1058 N NZ  . LYS A 1 159 ? 12.298  8.170   1.364   1.00 33.28 ? 233 LYS A NZ  1 
ATOM   1059 N N   . LEU A 1 160 ? 8.464   4.088   -2.954  1.00 8.92  ? 234 LEU A N   1 
ATOM   1060 C CA  . LEU A 1 160 ? 7.461   3.193   -2.326  1.00 9.25  ? 234 LEU A CA  1 
ATOM   1061 C C   . LEU A 1 160 ? 8.143   2.077   -1.634  1.00 9.65  ? 234 LEU A C   1 
ATOM   1062 O O   . LEU A 1 160 ? 8.889   1.303   -2.288  1.00 10.83 ? 234 LEU A O   1 
ATOM   1063 C CB  . LEU A 1 160 ? 6.531   2.673   -3.354  1.00 10.17 ? 234 LEU A CB  1 
ATOM   1064 C CG  . LEU A 1 160 ? 5.595   1.557   -2.924  1.00 9.88  ? 234 LEU A CG  1 
ATOM   1065 C CD1 . LEU A 1 160 ? 4.632   2.104   -1.864  1.00 11.59 ? 234 LEU A CD1 1 
ATOM   1066 C CD2 . LEU A 1 160 ? 4.798   0.993   -4.122  1.00 12.61 ? 234 LEU A CD2 1 
ATOM   1067 N N   . GLY A 1 161 ? 7.898   1.925   -0.334  1.00 8.14  ? 235 GLY A N   1 
ATOM   1068 C CA  . GLY A 1 161 ? 8.388   0.813   0.422   1.00 9.07  ? 235 GLY A CA  1 
ATOM   1069 C C   . GLY A 1 161 ? 7.367   -0.228  0.520   1.00 9.49  ? 235 GLY A C   1 
ATOM   1070 O O   . GLY A 1 161 ? 6.169   0.043   0.806   1.00 10.60 ? 235 GLY A O   1 
ATOM   1071 N N   . ILE A 1 162 ? 7.753   -1.475  0.302   1.00 8.93  ? 236 ILE A N   1 
ATOM   1072 C CA  . ILE A 1 162 ? 6.832   -2.619  0.368   1.00 10.05 ? 236 ILE A CA  1 
ATOM   1073 C C   . ILE A 1 162 ? 7.325   -3.561  1.412   1.00 11.15 ? 236 ILE A C   1 
ATOM   1074 O O   . ILE A 1 162 ? 8.487   -4.046  1.266   1.00 12.24 ? 236 ILE A O   1 
ATOM   1075 C CB  . ILE A 1 162 ? 6.689   -3.311  -1.013  1.00 9.87  ? 236 ILE A CB  1 
ATOM   1076 C CG1 . ILE A 1 162 ? 6.305   -2.322  -2.090  1.00 11.72 ? 236 ILE A CG1 1 
ATOM   1077 C CG2 . ILE A 1 162 ? 5.680   -4.439  -0.881  1.00 11.13 ? 236 ILE A CG2 1 
ATOM   1078 C CD1 . ILE A 1 162 ? 6.487   -2.821  -3.539  1.00 15.44 ? 236 ILE A CD1 1 
ATOM   1079 N N   . SER A 1 163 ? 6.559   -3.817  2.455   1.00 10.74 ? 237 SER A N   1 
ATOM   1080 C CA  . SER A 1 163 ? 7.074   -4.621  3.584   1.00 10.95 ? 237 SER A CA  1 
ATOM   1081 C C   . SER A 1 163 ? 5.987   -5.546  4.111   1.00 12.09 ? 237 SER A C   1 
ATOM   1082 O O   . SER A 1 163 ? 4.814   -5.460  3.687   1.00 11.43 ? 237 SER A O   1 
ATOM   1083 C CB  . SER A 1 163 ? 7.643   -3.737  4.628   1.00 14.17 ? 237 SER A CB  1 
ATOM   1084 O OG  . SER A 1 163 ? 6.657   -2.883  5.169   1.00 17.06 ? 237 SER A OG  1 
ATOM   1085 N N   . GLY A 1 164 ? 6.363   -6.422  4.994   1.00 11.60 ? 238 GLY A N   1 
ATOM   1086 C CA  . GLY A 1 164 ? 5.353   -7.225  5.647   1.00 14.77 ? 238 GLY A CA  1 
ATOM   1087 C C   . GLY A 1 164 ? 5.433   -8.673  5.208   1.00 12.85 ? 238 GLY A C   1 
ATOM   1088 O O   . GLY A 1 164 ? 6.469   -9.189  4.702   1.00 14.27 ? 238 GLY A O   1 
ATOM   1089 N N   . ASP A 1 165 ? 4.367   -9.345  5.607   1.00 13.53 ? 239 ASP A N   1 
ATOM   1090 C CA  . ASP A 1 165 ? 4.360   -10.826 5.569   1.00 13.41 ? 239 ASP A CA  1 
ATOM   1091 C C   . ASP A 1 165 ? 3.984   -11.404 4.236   1.00 13.57 ? 239 ASP A C   1 
ATOM   1092 O O   . ASP A 1 165 ? 2.990   -12.056 4.082   1.00 14.46 ? 239 ASP A O   1 
ATOM   1093 C CB  . ASP A 1 165 ? 3.553   -11.386 6.715   1.00 14.75 ? 239 ASP A CB  1 
ATOM   1094 C CG  . ASP A 1 165 ? 4.050   -10.917 8.122   1.00 18.04 ? 239 ASP A CG  1 
ATOM   1095 O OD1 . ASP A 1 165 ? 5.258   -10.855 8.302   1.00 22.40 ? 239 ASP A OD1 1 
ATOM   1096 O OD2 . ASP A 1 165 ? 3.226   -10.631 8.964   1.00 16.60 ? 239 ASP A OD2 1 
ATOM   1097 N N   . ILE A 1 166 ? 4.831   -11.141 3.266   1.00 12.52 ? 240 ILE A N   1 
ATOM   1098 C CA  . ILE A 1 166 ? 4.563   -11.494 1.886   1.00 12.69 ? 240 ILE A CA  1 
ATOM   1099 C C   . ILE A 1 166 ? 5.784   -12.052 1.203   1.00 13.35 ? 240 ILE A C   1 
ATOM   1100 O O   . ILE A 1 166 ? 6.932   -11.739 1.539   1.00 15.25 ? 240 ILE A O   1 
ATOM   1101 C CB  . ILE A 1 166 ? 4.055   -10.306 1.039   1.00 13.68 ? 240 ILE A CB  1 
ATOM   1102 C CG1 . ILE A 1 166 ? 5.059   -9.222  0.897   1.00 16.29 ? 240 ILE A CG1 1 
ATOM   1103 C CG2 . ILE A 1 166 ? 2.726   -9.790  1.610   1.00 14.46 ? 240 ILE A CG2 1 
ATOM   1104 C CD1 . ILE A 1 166 ? 4.645   -8.149  -0.117  1.00 17.97 ? 240 ILE A CD1 1 
ATOM   1105 N N   . ASP A 1 167 ? 5.497   -12.798 0.157   1.00 13.06 ? 241 ASP A N   1 
ATOM   1106 C CA  . ASP A 1 167 ? 6.523   -13.115 -0.878  1.00 15.27 ? 241 ASP A CA  1 
ATOM   1107 C C   . ASP A 1 167 ? 6.182   -12.181 -2.029  1.00 14.96 ? 241 ASP A C   1 
ATOM   1108 O O   . ASP A 1 167 ? 5.052   -12.138 -2.481  1.00 16.42 ? 241 ASP A O   1 
ATOM   1109 C CB  . ASP A 1 167 ? 6.381   -14.565 -1.354  1.00 18.78 ? 241 ASP A CB  1 
ATOM   1110 C CG  . ASP A 1 167 ? 6.743   -15.567 -0.272  1.00 27.24 ? 241 ASP A CG  1 
ATOM   1111 O OD1 . ASP A 1 167 ? 7.646   -15.230 0.541   1.00 32.82 ? 241 ASP A OD1 1 
ATOM   1112 O OD2 . ASP A 1 167 ? 6.073   -16.634 -0.218  1.00 34.57 ? 241 ASP A OD2 1 
ATOM   1113 N N   . LEU A 1 168 ? 7.120   -11.382 -2.473  1.00 12.02 ? 242 LEU A N   1 
ATOM   1114 C CA  . LEU A 1 168 ? 6.914   -10.375 -3.475  1.00 11.69 ? 242 LEU A CA  1 
ATOM   1115 C C   . LEU A 1 168 ? 7.372   -10.846 -4.807  1.00 12.88 ? 242 LEU A C   1 
ATOM   1116 O O   . LEU A 1 168 ? 8.539   -11.181 -4.959  1.00 15.58 ? 242 LEU A O   1 
ATOM   1117 C CB  . LEU A 1 168 ? 7.660   -9.093  -3.007  1.00 12.16 ? 242 LEU A CB  1 
ATOM   1118 C CG  . LEU A 1 168 ? 7.531   -7.867  -3.888  1.00 13.04 ? 242 LEU A CG  1 
ATOM   1119 C CD1 . LEU A 1 168 ? 6.140   -7.394  -4.079  1.00 14.18 ? 242 LEU A CD1 1 
ATOM   1120 C CD2 . LEU A 1 168 ? 8.375   -6.676  -3.388  1.00 13.54 ? 242 LEU A CD2 1 
ATOM   1121 N N   . THR A 1 169 ? 6.486   -10.869 -5.781  1.00 12.26 ? 243 THR A N   1 
ATOM   1122 C CA  . THR A 1 169 ? 6.714   -11.344 -7.081  1.00 13.70 ? 243 THR A CA  1 
ATOM   1123 C C   . THR A 1 169 ? 7.137   -10.281 -8.054  1.00 14.61 ? 243 THR A C   1 
ATOM   1124 O O   . THR A 1 169 ? 8.054   -10.438 -8.849  1.00 16.81 ? 243 THR A O   1 
ATOM   1125 C CB  . THR A 1 169 ? 5.442   -12.101 -7.610  1.00 17.73 ? 243 THR A CB  1 
ATOM   1126 O OG1 . THR A 1 169 ? 5.215   -13.184 -6.659  1.00 20.94 ? 243 THR A OG1 1 
ATOM   1127 C CG2 . THR A 1 169 ? 5.628   -12.540 -8.990  1.00 20.48 ? 243 THR A CG2 1 
ATOM   1128 N N   . SER A 1 170 ? 6.465   -9.133  -7.989  1.00 12.73 ? 244 SER A N   1 
ATOM   1129 C CA  A SER A 1 170 ? 6.680   -8.060  -8.970  0.50 12.75 ? 244 SER A CA  1 
ATOM   1130 C CA  B SER A 1 170 ? 6.871   -8.019  -8.811  0.50 12.17 ? 244 SER A CA  1 
ATOM   1131 C C   . SER A 1 170 ? 6.275   -6.720  -8.313  1.00 11.86 ? 244 SER A C   1 
ATOM   1132 O O   . SER A 1 170 ? 5.286   -6.688  -7.558  1.00 11.31 ? 244 SER A O   1 
ATOM   1133 C CB  A SER A 1 170 ? 5.781   -8.318  -10.189 0.50 14.06 ? 244 SER A CB  1 
ATOM   1134 C CB  B SER A 1 170 ? 6.511   -8.211  -10.258 0.50 12.40 ? 244 SER A CB  1 
ATOM   1135 O OG  A SER A 1 170 ? 5.973   -7.413  -11.260 0.50 16.64 ? 244 SER A OG  1 
ATOM   1136 O OG  B SER A 1 170 ? 5.118   -8.354  -10.464 0.50 13.13 ? 244 SER A OG  1 
ATOM   1137 N N   . ALA A 1 171 ? 6.945   -5.623  -8.650  1.00 11.16 ? 245 ALA A N   1 
ATOM   1138 C CA  . ALA A 1 171 ? 6.531   -4.292  -8.270  1.00 11.22 ? 245 ALA A CA  1 
ATOM   1139 C C   . ALA A 1 171 ? 6.943   -3.358  -9.389  1.00 12.90 ? 245 ALA A C   1 
ATOM   1140 O O   . ALA A 1 171 ? 8.164   -3.272  -9.727  1.00 15.56 ? 245 ALA A O   1 
ATOM   1141 C CB  . ALA A 1 171 ? 7.148   -3.848  -6.915  1.00 12.19 ? 245 ALA A CB  1 
ATOM   1142 N N   . SER A 1 172 ? 6.008   -2.726  -10.029 1.00 12.15 ? 246 SER A N   1 
ATOM   1143 C CA  . SER A 1 172 ? 6.271   -1.898  -11.200 1.00 12.82 ? 246 SER A CA  1 
ATOM   1144 C C   . SER A 1 172 ? 5.301   -0.770  -11.332 1.00 12.94 ? 246 SER A C   1 
ATOM   1145 O O   . SER A 1 172 ? 4.281   -0.706  -10.601 1.00 12.73 ? 246 SER A O   1 
ATOM   1146 C CB  . SER A 1 172 ? 6.226   -2.726  -12.465 1.00 16.50 ? 246 SER A CB  1 
ATOM   1147 O OG  . SER A 1 172 ? 4.999   -3.233  -12.689 1.00 20.07 ? 246 SER A OG  1 
ATOM   1148 N N   . TYR A 1 173 ? 5.540   0.120   -12.303 1.00 12.08 ? 247 TYR A N   1 
ATOM   1149 C CA  . TYR A 1 173 ? 4.649   1.224   -12.543 1.00 12.89 ? 247 TYR A CA  1 
ATOM   1150 C C   . TYR A 1 173 ? 4.564   1.463   -14.050 1.00 12.68 ? 247 TYR A C   1 
ATOM   1151 O O   . TYR A 1 173 ? 5.451   1.032   -14.831 1.00 13.03 ? 247 TYR A O   1 
ATOM   1152 C CB  . TYR A 1 173 ? 5.044   2.530   -11.795 1.00 12.76 ? 247 TYR A CB  1 
ATOM   1153 C CG  . TYR A 1 173 ? 6.471   2.886   -11.920 1.00 12.67 ? 247 TYR A CG  1 
ATOM   1154 C CD1 . TYR A 1 173 ? 6.957   3.445   -13.138 1.00 14.31 ? 247 TYR A CD1 1 
ATOM   1155 C CD2 . TYR A 1 173 ? 7.426   2.692   -10.923 1.00 13.50 ? 247 TYR A CD2 1 
ATOM   1156 C CE1 . TYR A 1 173 ? 8.282   3.762   -13.272 1.00 14.15 ? 247 TYR A CE1 1 
ATOM   1157 C CE2 . TYR A 1 173 ? 8.781   2.959   -11.103 1.00 16.51 ? 247 TYR A CE2 1 
ATOM   1158 C CZ  . TYR A 1 173 ? 9.190   3.518   -12.283 1.00 14.25 ? 247 TYR A CZ  1 
ATOM   1159 O OH  . TYR A 1 173 ? 10.513  3.799   -12.372 1.00 18.07 ? 247 TYR A OH  1 
ATOM   1160 N N   . THR A 1 174 ? 3.469   2.073   -14.436 1.00 12.31 ? 248 THR A N   1 
ATOM   1161 C CA  . THR A 1 174 ? 3.265   2.518   -15.788 1.00 15.15 ? 248 THR A CA  1 
ATOM   1162 C C   . THR A 1 174 ? 2.326   3.711   -15.783 1.00 15.63 ? 248 THR A C   1 
ATOM   1163 O O   . THR A 1 174 ? 1.764   4.090   -14.754 1.00 16.14 ? 248 THR A O   1 
ATOM   1164 C CB  . THR A 1 174 ? 2.683   1.403   -16.630 1.00 19.18 ? 248 THR A CB  1 
ATOM   1165 O OG1 . THR A 1 174 ? 2.861   1.753   -18.046 1.00 22.36 ? 248 THR A OG1 1 
ATOM   1166 C CG2 . THR A 1 174 ? 1.267   1.171   -16.335 1.00 18.26 ? 248 THR A CG2 1 
ATOM   1167 N N   . MET A 1 175 ? 2.251   4.429   -16.922 1.00 15.09 ? 249 MET A N   1 
ATOM   1168 C CA  A MET A 1 175 ? 1.291   5.513   -17.109 0.50 16.88 ? 249 MET A CA  1 
ATOM   1169 C CA  B MET A 1 175 ? 1.382   5.533   -17.065 0.50 17.28 ? 249 MET A CA  1 
ATOM   1170 C C   . MET A 1 175 ? 0.135   5.064   -17.860 1.00 20.38 ? 249 MET A C   1 
ATOM   1171 O O   . MET A 1 175 ? 0.232   4.347   -18.902 1.00 24.11 ? 249 MET A O   1 
ATOM   1172 C CB  A MET A 1 175 ? 1.776   6.657   -17.957 0.50 18.40 ? 249 MET A CB  1 
ATOM   1173 C CB  B MET A 1 175 ? 2.203   6.728   -17.659 0.50 18.03 ? 249 MET A CB  1 
ATOM   1174 C CG  A MET A 1 175 ? 2.808   7.518   -17.335 0.50 16.24 ? 249 MET A CG  1 
ATOM   1175 C CG  B MET A 1 175 ? 3.429   7.239   -16.871 0.50 19.85 ? 249 MET A CG  1 
ATOM   1176 S SD  A MET A 1 175 ? 2.331   8.116   -15.698 0.50 18.00 ? 249 MET A SD  1 
ATOM   1177 S SD  B MET A 1 175 ? 3.017   8.110   -15.303 0.50 20.29 ? 249 MET A SD  1 
ATOM   1178 C CE  A MET A 1 175 ? 4.028   8.424   -15.092 0.50 17.80 ? 249 MET A CE  1 
ATOM   1179 C CE  B MET A 1 175 ? 1.609   9.126   -15.846 0.50 20.25 ? 249 MET A CE  1 
ATOM   1180 N N   . ILE A 1 176 ? -1.009  5.428   -17.410 1.00 18.08 ? 250 ILE A N   1 
ATOM   1181 C CA  . ILE A 1 176 ? -2.215  5.073   -18.130 1.00 21.89 ? 250 ILE A CA  1 
ATOM   1182 C C   . ILE A 1 176 ? -2.835  6.262   -18.811 1.00 28.35 ? 250 ILE A C   1 
ATOM   1183 O O   . ILE A 1 176 ? -3.840  6.051   -19.521 1.00 32.82 ? 250 ILE A O   1 
ATOM   1184 C CB  . ILE A 1 176 ? -3.203  4.284   -17.310 1.00 23.29 ? 250 ILE A CB  1 
ATOM   1185 C CG1 . ILE A 1 176 ? -3.872  5.095   -16.246 1.00 24.06 ? 250 ILE A CG1 1 
ATOM   1186 C CG2 . ILE A 1 176 ? -2.573  3.006   -16.782 1.00 23.85 ? 250 ILE A CG2 1 
ATOM   1187 C CD1 . ILE A 1 176 ? -4.872  4.219   -15.533 1.00 28.39 ? 250 ILE A CD1 1 
ATOM   1188 O OXT . ILE A 1 176 ? -2.315  7.387   -18.694 1.00 27.86 ? 250 ILE A OXT 1 
HETATM 1189 O O7  . TVD B 2 .   ? -6.253  3.482   17.098  1.00 30.47 ? 1   TVD B O7  1 
HETATM 1190 C C7  . TVD B 2 .   ? -5.964  2.295   17.262  1.00 24.10 ? 1   TVD B C7  1 
HETATM 1191 C C8  . TVD B 2 .   ? -6.993  1.223   17.604  1.00 26.53 ? 1   TVD B C8  1 
HETATM 1192 N N2  . TVD B 2 .   ? -4.710  1.784   17.188  1.00 21.09 ? 1   TVD B N2  1 
HETATM 1193 C C2  . TVD B 2 .   ? -3.594  2.752   17.025  1.00 18.44 ? 1   TVD B C2  1 
HETATM 1194 C C1  . TVD B 2 .   ? -2.977  3.109   18.412  1.00 23.67 ? 1   TVD B C1  1 
HETATM 1195 N N1  . TVD B 2 .   ? -3.841  4.070   19.094  1.00 25.44 ? 1   TVD B N1  1 
HETATM 1196 C C9  . TVD B 2 .   ? -3.938  3.940   20.485  1.00 35.46 ? 1   TVD B C9  1 
HETATM 1197 C C10 . TVD B 2 .   ? -5.103  4.596   21.177  1.00 35.02 ? 1   TVD B C10 1 
HETATM 1198 O O9  . TVD B 2 .   ? -3.071  3.333   21.121  1.00 38.87 ? 1   TVD B O9  1 
HETATM 1199 C C3  . TVD B 2 .   ? -2.573  2.001   16.181  1.00 16.39 ? 1   TVD B C3  1 
HETATM 1200 O O3  . TVD B 2 .   ? -3.222  1.789   14.888  1.00 15.66 ? 1   TVD B O3  1 
HETATM 1201 C C4  . TVD B 2 .   ? -1.339  2.826   16.053  1.00 15.76 ? 1   TVD B C4  1 
HETATM 1202 C C5  . TVD B 2 .   ? -0.803  3.159   17.467  1.00 20.64 ? 1   TVD B C5  1 
HETATM 1203 C C6  . TVD B 2 .   ? 0.412   4.090   17.412  1.00 21.94 ? 1   TVD B C6  1 
HETATM 1204 O O6  . TVD B 2 .   ? 0.367   5.252   16.531  1.00 26.42 ? 1   TVD B O6  1 
HETATM 1205 O O5  . TVD B 2 .   ? -1.829  3.832   18.129  1.00 22.50 ? 1   TVD B O5  1 
HETATM 1206 O O4  . TVD B 2 .   ? -0.420  2.005   15.391  1.00 16.07 ? 1   TVD B O4  1 
HETATM 1207 C C1  . GAL B 2 .   ? 0.427   2.538   14.384  1.00 15.40 ? 2   GAL B C1  1 
HETATM 1208 C C2  . GAL B 2 .   ? 1.480   1.614   13.905  1.00 15.71 ? 2   GAL B C2  1 
HETATM 1209 C C3  . GAL B 2 .   ? 2.249   2.127   12.756  1.00 14.67 ? 2   GAL B C3  1 
HETATM 1210 C C4  . GAL B 2 .   ? 1.258   2.586   11.739  1.00 13.63 ? 2   GAL B C4  1 
HETATM 1211 C C5  . GAL B 2 .   ? 0.231   3.535   12.314  1.00 12.50 ? 2   GAL B C5  1 
HETATM 1212 C C6  . GAL B 2 .   ? -0.792  3.995   11.289  1.00 13.47 ? 2   GAL B C6  1 
HETATM 1213 O O2  . GAL B 2 .   ? 2.395   1.322   15.055  1.00 21.35 ? 2   GAL B O2  1 
HETATM 1214 O O3  . GAL B 2 .   ? 3.155   1.197   12.200  1.00 18.84 ? 2   GAL B O3  1 
HETATM 1215 O O4  . GAL B 2 .   ? 0.634   1.413   11.123  1.00 12.56 ? 2   GAL B O4  1 
HETATM 1216 O O5  . GAL B 2 .   ? -0.510  2.847   13.333  1.00 13.29 ? 2   GAL B O5  1 
HETATM 1217 O O6  . GAL B 2 .   ? -1.768  4.848   11.836  1.00 15.30 ? 2   GAL B O6  1 
HETATM 1218 O O   . HOH C 3 .   ? -13.390 -11.975 16.241  1.00 32.82 ? 401 HOH A O   1 
HETATM 1219 O O   . HOH C 3 .   ? -2.592  -19.340 7.019   1.00 40.07 ? 402 HOH A O   1 
HETATM 1220 O O   . HOH C 3 .   ? 9.345   3.061   2.769   1.00 34.52 ? 403 HOH A O   1 
HETATM 1221 O O   . HOH C 3 .   ? 4.136   -17.493 7.735   1.00 38.49 ? 404 HOH A O   1 
HETATM 1222 O O   . HOH C 3 .   ? -6.438  14.367  8.625   1.00 39.89 ? 405 HOH A O   1 
HETATM 1223 O O   . HOH C 3 .   ? 10.485  8.154   10.880  1.00 32.18 ? 406 HOH A O   1 
HETATM 1224 O O   . HOH C 3 .   ? -2.870  -14.924 9.002   1.00 28.83 ? 407 HOH A O   1 
HETATM 1225 O O   . HOH C 3 .   ? -12.802 -0.784  10.218  1.00 22.42 ? 408 HOH A O   1 
HETATM 1226 O O   . HOH C 3 .   ? 7.433   20.521  9.446   1.00 36.62 ? 409 HOH A O   1 
HETATM 1227 O O   . HOH C 3 .   ? 6.950   -2.089  7.560   1.00 28.85 ? 410 HOH A O   1 
HETATM 1228 O O   . HOH C 3 .   ? 6.961   17.309  7.343   1.00 22.67 ? 411 HOH A O   1 
HETATM 1229 O O   . HOH C 3 .   ? -11.338 16.812  -4.975  1.00 39.26 ? 412 HOH A O   1 
HETATM 1230 O O   . HOH C 3 .   ? -9.492  -4.185  15.254  1.00 19.72 ? 413 HOH A O   1 
HETATM 1231 O O   . HOH C 3 .   ? 9.836   -12.009 -1.571  1.00 20.47 ? 414 HOH A O   1 
HETATM 1232 O O   . HOH C 3 .   ? 4.049   -5.683  -11.059 1.00 18.10 ? 415 HOH A O   1 
HETATM 1233 O O   . HOH C 3 .   ? 3.506   -2.058  -14.466 1.00 24.27 ? 416 HOH A O   1 
HETATM 1234 O O   . HOH C 3 .   ? 15.429  -5.392  2.307   1.00 26.33 ? 417 HOH A O   1 
HETATM 1235 O O   . HOH C 3 .   ? -8.104  -2.938  -12.046 1.00 28.31 ? 418 HOH A O   1 
HETATM 1236 O O   . HOH C 3 .   ? 5.287   15.664  3.836   1.00 19.14 ? 419 HOH A O   1 
HETATM 1237 O O   . HOH C 3 .   ? -12.355 -4.576  10.904  1.00 27.41 ? 420 HOH A O   1 
HETATM 1238 O O   . HOH C 3 .   ? -4.259  -1.075  17.175  1.00 28.31 ? 421 HOH A O   1 
HETATM 1239 O O   . HOH C 3 .   ? -10.634 -12.027 2.357   1.00 38.82 ? 422 HOH A O   1 
HETATM 1240 O O   . HOH C 3 .   ? 10.823  -3.495  -9.367  1.00 30.11 ? 423 HOH A O   1 
HETATM 1241 O O   . HOH C 3 .   ? 6.513   -0.543  3.737   1.00 13.76 ? 424 HOH A O   1 
HETATM 1242 O O   . HOH C 3 .   ? 8.571   -10.760 4.966   1.00 38.36 ? 425 HOH A O   1 
HETATM 1243 O O   . HOH C 3 .   ? 9.503   -12.376 1.489   1.00 30.68 ? 426 HOH A O   1 
HETATM 1244 O O   . HOH C 3 .   ? 10.808  18.425  9.437   1.00 21.23 ? 427 HOH A O   1 
HETATM 1245 O O   . HOH C 3 .   ? -9.460  9.992   2.248   1.00 15.72 ? 428 HOH A O   1 
HETATM 1246 O O   . HOH C 3 .   ? 9.455   7.288   7.316   1.00 24.80 ? 429 HOH A O   1 
HETATM 1247 O O   . HOH C 3 .   ? -9.419  7.276   13.008  1.00 18.85 ? 430 HOH A O   1 
HETATM 1248 O O   . HOH C 3 .   ? -6.069  -4.992  -8.447  1.00 10.68 ? 431 HOH A O   1 
HETATM 1249 O O   . HOH C 3 .   ? -12.793 -7.350  7.987   1.00 20.20 ? 432 HOH A O   1 
HETATM 1250 O O   . HOH C 3 .   ? -8.937  5.801   3.012   1.00 19.55 ? 433 HOH A O   1 
HETATM 1251 O O   . HOH C 3 .   ? -1.943  -3.579  -13.388 1.00 24.65 ? 434 HOH A O   1 
HETATM 1252 O O   . HOH C 3 .   ? 11.443  2.515   0.896   1.00 26.46 ? 435 HOH A O   1 
HETATM 1253 O O   . HOH C 3 .   ? -0.151  13.021  -15.807 1.00 28.87 ? 436 HOH A O   1 
HETATM 1254 O O   . HOH C 3 .   ? 7.415   -11.943 7.154   1.00 32.10 ? 437 HOH A O   1 
HETATM 1255 O O   . HOH C 3 .   ? -12.618 4.175   -11.192 1.00 23.79 ? 438 HOH A O   1 
HETATM 1256 O O   . HOH C 3 .   ? 8.069   15.873  15.548  1.00 30.38 ? 439 HOH A O   1 
HETATM 1257 O O   . HOH C 3 .   ? 14.966  -11.845 -8.658  1.00 25.33 ? 440 HOH A O   1 
HETATM 1258 O O   . HOH C 3 .   ? -8.310  2.332   5.162   1.00 19.96 ? 441 HOH A O   1 
HETATM 1259 O O   . HOH C 3 .   ? -7.936  8.067   -13.285 1.00 25.28 ? 442 HOH A O   1 
HETATM 1260 O O   . HOH C 3 .   ? 1.967   -1.161  10.994  1.00 18.54 ? 443 HOH A O   1 
HETATM 1261 O O   . HOH C 3 .   ? 9.897   13.561  8.955   1.00 15.33 ? 444 HOH A O   1 
HETATM 1262 O O   . HOH C 3 .   ? 12.189  7.349   3.963   1.00 33.23 ? 445 HOH A O   1 
HETATM 1263 O O   . HOH C 3 .   ? 3.842   -8.369  12.447  1.00 33.89 ? 446 HOH A O   1 
HETATM 1264 O O   . HOH C 3 .   ? -15.319 -3.016  -5.244  1.00 29.24 ? 447 HOH A O   1 
HETATM 1265 O O   . HOH C 3 .   ? 1.431   -0.799  -13.221 1.00 17.09 ? 448 HOH A O   1 
HETATM 1266 O O   . HOH C 3 .   ? -3.125  18.034  4.113   1.00 27.19 ? 449 HOH A O   1 
HETATM 1267 O O   . HOH C 3 .   ? -1.056  12.048  1.306   1.00 11.52 ? 450 HOH A O   1 
HETATM 1268 O O   . HOH C 3 .   ? -9.724  -15.682 -0.204  1.00 29.39 ? 451 HOH A O   1 
HETATM 1269 O O   . HOH C 3 .   ? 11.939  7.149   6.994   1.00 26.82 ? 452 HOH A O   1 
HETATM 1270 O O   . HOH C 3 .   ? -6.581  11.505  3.502   1.00 12.55 ? 453 HOH A O   1 
HETATM 1271 O O   . HOH C 3 .   ? -11.090 8.536   10.247  1.00 33.59 ? 454 HOH A O   1 
HETATM 1272 O O   . HOH C 3 .   ? 4.090   3.388   15.745  1.00 33.83 ? 455 HOH A O   1 
HETATM 1273 O O   . HOH C 3 .   ? -2.928  3.278   23.880  1.00 31.09 ? 456 HOH A O   1 
HETATM 1274 O O   . HOH C 3 .   ? 12.119  2.550   -10.189 1.00 23.67 ? 457 HOH A O   1 
HETATM 1275 O O   . HOH C 3 .   ? -4.158  17.458  -8.352  1.00 16.94 ? 458 HOH A O   1 
HETATM 1276 O O   . HOH C 3 .   ? 3.278   16.166  12.651  1.00 35.55 ? 459 HOH A O   1 
HETATM 1277 O O   . HOH C 3 .   ? 5.321   0.260   7.599   1.00 21.16 ? 460 HOH A O   1 
HETATM 1278 O O   . HOH C 3 .   ? 7.509   11.494  9.334   1.00 13.92 ? 461 HOH A O   1 
HETATM 1279 O O   . HOH C 3 .   ? -2.390  -7.820  12.739  1.00 19.15 ? 462 HOH A O   1 
HETATM 1280 O O   . HOH C 3 .   ? 0.691   17.397  4.617   1.00 29.34 ? 463 HOH A O   1 
HETATM 1281 O O   . HOH C 3 .   ? -13.996 4.221   -2.164  1.00 24.75 ? 464 HOH A O   1 
HETATM 1282 O O   . HOH C 3 .   ? -0.378  12.313  -1.293  1.00 10.51 ? 465 HOH A O   1 
HETATM 1283 O O   . HOH C 3 .   ? -14.132 -4.654  13.439  1.00 41.93 ? 466 HOH A O   1 
HETATM 1284 O O   . HOH C 3 .   ? -5.777  17.416  2.493   1.00 27.22 ? 467 HOH A O   1 
HETATM 1285 O O   . HOH C 3 .   ? 15.748  -12.089 -5.056  1.00 33.58 ? 468 HOH A O   1 
HETATM 1286 O O   . HOH C 3 .   ? -9.968  1.151   -7.932  1.00 20.16 ? 469 HOH A O   1 
HETATM 1287 O O   . HOH C 3 .   ? 13.127  8.555   -6.749  1.00 19.10 ? 470 HOH A O   1 
HETATM 1288 O O   . HOH C 3 .   ? 5.925   3.823   7.925   1.00 28.66 ? 471 HOH A O   1 
HETATM 1289 O O   . HOH C 3 .   ? -12.017 -16.255 5.004   1.00 26.22 ? 472 HOH A O   1 
HETATM 1290 O O   . HOH C 3 .   ? -13.739 -12.373 18.206  1.00 27.99 ? 473 HOH A O   1 
HETATM 1291 O O   . HOH C 3 .   ? -16.869 -5.107  5.719   1.00 39.65 ? 474 HOH A O   1 
HETATM 1292 O O   . HOH C 3 .   ? -11.835 7.939   4.566   1.00 39.27 ? 475 HOH A O   1 
HETATM 1293 O O   . HOH C 3 .   ? -12.507 -7.061  18.975  1.00 33.48 ? 476 HOH A O   1 
HETATM 1294 O O   . HOH C 3 .   ? -4.397  13.731  10.217  1.00 19.66 ? 477 HOH A O   1 
HETATM 1295 O O   . HOH C 3 .   ? -5.851  -12.376 -2.449  1.00 21.85 ? 478 HOH A O   1 
HETATM 1296 O O   . HOH C 3 .   ? 16.246  1.179   -4.074  1.00 30.90 ? 479 HOH A O   1 
HETATM 1297 O O   . HOH C 3 .   ? 5.115   1.875   10.209  1.00 18.64 ? 480 HOH A O   1 
HETATM 1298 O O   . HOH C 3 .   ? 11.267  10.155  -1.020  1.00 20.17 ? 481 HOH A O   1 
HETATM 1299 O O   . HOH C 3 .   ? -10.040 -10.831 -3.422  1.00 38.65 ? 482 HOH A O   1 
HETATM 1300 O O   . HOH C 3 .   ? 5.724   4.274   13.344  1.00 32.88 ? 483 HOH A O   1 
HETATM 1301 O O   . HOH C 3 .   ? -4.182  -12.526 -0.449  1.00 13.61 ? 484 HOH A O   1 
HETATM 1302 O O   . HOH C 3 .   ? -7.763  -13.602 15.320  1.00 26.76 ? 485 HOH A O   1 
HETATM 1303 O O   . HOH C 3 .   ? 15.086  -5.410  -1.406  1.00 18.01 ? 486 HOH A O   1 
HETATM 1304 O O   . HOH C 3 .   ? 5.084   21.127  2.539   1.00 29.51 ? 487 HOH A O   1 
HETATM 1305 O O   . HOH C 3 .   ? -14.083 -2.461  -8.924  1.00 23.40 ? 488 HOH A O   1 
HETATM 1306 O O   . HOH C 3 .   ? 0.589   -3.765  11.334  1.00 19.55 ? 489 HOH A O   1 
HETATM 1307 O O   . HOH C 3 .   ? -12.658 -8.887  11.054  1.00 20.75 ? 490 HOH A O   1 
HETATM 1308 O O   . HOH C 3 .   ? -4.249  -7.530  18.517  1.00 35.11 ? 491 HOH A O   1 
HETATM 1309 O O   . HOH C 3 .   ? 7.991   20.863  3.335   1.00 38.61 ? 492 HOH A O   1 
HETATM 1310 O O   . HOH C 3 .   ? -12.535 4.933   0.305   1.00 18.94 ? 493 HOH A O   1 
HETATM 1311 O O   . HOH C 3 .   ? 2.618   9.190   16.103  1.00 23.44 ? 494 HOH A O   1 
HETATM 1312 O O   . HOH C 3 .   ? -6.870  7.932   14.278  1.00 21.24 ? 495 HOH A O   1 
HETATM 1313 O O   . HOH C 3 .   ? 2.173   -18.399 1.118   1.00 37.23 ? 496 HOH A O   1 
HETATM 1314 O O   . HOH C 3 .   ? -13.985 -8.407  3.171   1.00 25.61 ? 497 HOH A O   1 
HETATM 1315 O O   . HOH C 3 .   ? -1.337  -21.467 0.621   1.00 24.16 ? 498 HOH A O   1 
HETATM 1316 O O   . HOH C 3 .   ? 15.029  -2.688  -1.956  1.00 19.38 ? 499 HOH A O   1 
HETATM 1317 O O   . HOH C 3 .   ? 13.294  3.635   -13.377 1.00 22.99 ? 500 HOH A O   1 
HETATM 1318 O O   . HOH C 3 .   ? 12.222  -11.493 1.160   1.00 28.26 ? 501 HOH A O   1 
HETATM 1319 O O   . HOH C 3 .   ? -13.384 -10.506 4.959   1.00 33.46 ? 502 HOH A O   1 
HETATM 1320 O O   . HOH C 3 .   ? -12.423 -9.958  7.286   1.00 26.83 ? 503 HOH A O   1 
HETATM 1321 O O   . HOH C 3 .   ? -12.363 -4.723  -2.576  1.00 30.19 ? 504 HOH A O   1 
HETATM 1322 O O   . HOH C 3 .   ? 0.359   -12.626 -7.331  1.00 20.60 ? 505 HOH A O   1 
HETATM 1323 O O   . HOH C 3 .   ? -14.736 0.362   7.435   1.00 33.06 ? 506 HOH A O   1 
HETATM 1324 O O   . HOH C 3 .   ? -11.230 -0.775  12.892  1.00 22.46 ? 507 HOH A O   1 
HETATM 1325 O O   . HOH C 3 .   ? 0.344   13.150  10.003  1.00 17.35 ? 508 HOH A O   1 
HETATM 1326 O O   . HOH C 3 .   ? 0.843   -18.184 -4.952  1.00 35.23 ? 509 HOH A O   1 
HETATM 1327 O O   . HOH C 3 .   ? -11.879 -9.365  -6.446  1.00 30.08 ? 510 HOH A O   1 
HETATM 1328 O O   . HOH C 3 .   ? 6.358   -6.627  9.087   1.00 30.82 ? 511 HOH A O   1 
HETATM 1329 O O   . HOH C 3 .   ? 5.354   -1.483  -16.486 1.00 31.02 ? 512 HOH A O   1 
HETATM 1330 O O   . HOH C 3 .   ? -5.605  8.966   -12.934 1.00 21.46 ? 513 HOH A O   1 
HETATM 1331 O O   . HOH C 3 .   ? 9.388   -6.110  -10.352 1.00 23.61 ? 514 HOH A O   1 
HETATM 1332 O O   . HOH C 3 .   ? 15.339  -8.106  -4.861  1.00 16.97 ? 515 HOH A O   1 
HETATM 1333 O O   . HOH C 3 .   ? -11.883 5.058   5.802   1.00 35.06 ? 516 HOH A O   1 
HETATM 1334 O O   . HOH C 3 .   ? -10.774 -5.510  -3.197  1.00 26.54 ? 517 HOH A O   1 
HETATM 1335 O O   . HOH C 3 .   ? 14.555  5.543   -3.960  1.00 28.65 ? 518 HOH A O   1 
HETATM 1336 O O   . HOH C 3 .   ? -6.392  -14.458 6.293   1.00 22.98 ? 519 HOH A O   1 
HETATM 1337 O O   . HOH C 3 .   ? 9.315   -6.717  5.861   1.00 20.45 ? 520 HOH A O   1 
HETATM 1338 O O   . HOH C 3 .   ? -11.062 -8.374  -4.111  1.00 27.78 ? 521 HOH A O   1 
HETATM 1339 O O   . HOH C 3 .   ? 15.585  -8.108  3.880   1.00 41.16 ? 522 HOH A O   1 
HETATM 1340 O O   . HOH C 3 .   ? 12.582  7.769   15.141  1.00 23.85 ? 523 HOH A O   1 
HETATM 1341 O O   . HOH C 3 .   ? -7.078  1.408   -8.702  1.00 14.82 ? 524 HOH A O   1 
HETATM 1342 O O   . HOH C 3 .   ? -1.949  13.557  8.534   1.00 12.34 ? 525 HOH A O   1 
HETATM 1343 O O   . HOH C 3 .   ? 8.457   0.014   -13.543 1.00 25.30 ? 526 HOH A O   1 
HETATM 1344 O O   . HOH C 3 .   ? 4.304   -14.499 8.539   1.00 28.55 ? 527 HOH A O   1 
HETATM 1345 O O   . HOH C 3 .   ? 3.275   18.710  1.090   1.00 18.49 ? 528 HOH A O   1 
HETATM 1346 O O   . HOH C 3 .   ? -11.559 9.148   0.723   1.00 38.36 ? 529 HOH A O   1 
HETATM 1347 O O   . HOH C 3 .   ? 9.840   12.106  17.025  1.00 35.53 ? 530 HOH A O   1 
HETATM 1348 O O   . HOH C 3 .   ? 11.508  -0.356  1.819   1.00 27.20 ? 531 HOH A O   1 
HETATM 1349 O O   . HOH C 3 .   ? -3.479  -15.665 15.988  1.00 38.74 ? 532 HOH A O   1 
HETATM 1350 O O   . HOH C 3 .   ? -8.105  -8.810  21.799  1.00 39.44 ? 533 HOH A O   1 
HETATM 1351 O O   . HOH C 3 .   ? -7.531  14.022  3.794   1.00 29.96 ? 534 HOH A O   1 
HETATM 1352 O O   . HOH C 3 .   ? 0.845   14.880  11.952  1.00 37.98 ? 535 HOH A O   1 
HETATM 1353 O O   . HOH C 3 .   ? 13.914  -1.316  1.571   1.00 39.18 ? 536 HOH A O   1 
HETATM 1354 O O   . HOH C 3 .   ? -6.663  15.189  6.234   1.00 33.25 ? 537 HOH A O   1 
HETATM 1355 O O   . HOH C 3 .   ? -0.361  -5.125  13.000  1.00 37.15 ? 538 HOH A O   1 
HETATM 1356 O O   . HOH C 3 .   ? -9.784  3.596   4.326   1.00 27.53 ? 539 HOH A O   1 
HETATM 1357 O O   . HOH C 3 .   ? 5.783   5.168   -16.156 1.00 25.57 ? 540 HOH A O   1 
HETATM 1358 O O   . HOH C 3 .   ? -12.946 -8.285  -0.184  1.00 32.79 ? 541 HOH A O   1 
HETATM 1359 O O   . HOH C 3 .   ? -2.327  -5.516  14.534  1.00 29.10 ? 542 HOH A O   1 
HETATM 1360 O O   . HOH C 3 .   ? -8.218  -14.288 -1.355  1.00 31.18 ? 543 HOH A O   1 
HETATM 1361 O O   . HOH C 3 .   ? 13.406  3.653   1.878   1.00 34.55 ? 544 HOH A O   1 
HETATM 1362 O O   . HOH C 3 .   ? -10.390 12.307  3.449   1.00 33.69 ? 545 HOH A O   1 
HETATM 1363 O O   . HOH C 3 .   ? -5.936  11.588  -13.710 1.00 31.84 ? 546 HOH A O   1 
HETATM 1364 O O   . HOH C 3 .   ? 10.275  -1.733  6.223   1.00 34.08 ? 547 HOH A O   1 
HETATM 1365 O O   . HOH C 3 .   ? 3.248   17.591  3.900   1.00 23.93 ? 548 HOH A O   1 
HETATM 1366 O O   . HOH C 3 .   ? 9.514   -0.494  3.762   1.00 26.93 ? 549 HOH A O   1 
HETATM 1367 O O   . HOH C 3 .   ? -13.417 -12.740 0.681   1.00 40.46 ? 550 HOH A O   1 
HETATM 1368 O O   . HOH C 3 .   ? -12.518 -11.003 -0.923  1.00 39.81 ? 551 HOH A O   1 
HETATM 1369 O O   . HOH C 3 .   ? -11.661 -3.520  13.638  1.00 29.06 ? 552 HOH A O   1 
HETATM 1370 O O   . HOH C 3 .   ? 16.343  -5.761  -3.815  1.00 28.60 ? 553 HOH A O   1 
HETATM 1371 O O   . HOH C 3 .   ? -5.709  13.823  -17.725 1.00 37.81 ? 554 HOH A O   1 
HETATM 1372 O O   . HOH C 3 .   ? -4.619  14.046  -14.825 1.00 29.65 ? 555 HOH A O   1 
HETATM 1373 O O   . HOH C 3 .   ? -4.663  16.920  5.976   1.00 41.20 ? 556 HOH A O   1 
HETATM 1374 O O   . HOH C 3 .   ? -2.248  16.111  7.591   1.00 26.24 ? 557 HOH A O   1 
HETATM 1375 O O   . HOH C 3 .   ? -17.171 -6.854  0.901   1.00 38.68 ? 558 HOH A O   1 
# 
